data_1YP3
#
_entry.id   1YP3
#
_cell.length_a   79.581
_cell.length_b   142.955
_cell.length_c   90.438
_cell.angle_alpha   90.00
_cell.angle_beta   113.13
_cell.angle_gamma   90.00
#
_symmetry.space_group_name_H-M   'P 1 21 1'
#
loop_
_entity.id
_entity.type
_entity.pdbx_description
1 polymer 'Glucose-1-phosphate adenylyltransferase small subunit'
2 non-polymer 'SULFATE ION'
3 non-polymer "ADENOSINE-5'-TRIPHOSPHATE"
4 water water
#
_entity_poly.entity_id   1
_entity_poly.type   'polypeptide(L)'
_entity_poly.pdbx_seq_one_letter_code
;MAVSDSQNSQTCLDPDASRSVLGIILGGGAGTRLYPLTKKRAKPAVPLGANYRLIDIPVSNCLNSNISKIYVLTQFNSAS
LNRHLSRAYASNMGGYKNEGFVEVLAAQQSPENPDWFQGTADAVRQYLWLFEEHTVLEYLILAGDHLYRMDYEKFIQAHR
ETDADITVAALPMDEKRATAFGLMKIDEEGRIIEFAEKPQGEQLQAMKVDTTILGLDDKRAKEMPFIASMGIYVISKDVM
LNLLRDKFPGANDFGSEVIPGATSLGMRVQAYLYDGYWEDIGTIEAFYNANLGITKKPVPDFSFYDRSAPIYTQPRYLPP
SKMLDADVTDSVIGEGCVIKNCKIHHSVVGLRSCISEGAIIEDSLLMGADYYETDADRKLLAAKGSVPIGIGKNCHIKRA
IIDKNARIGDNVKIINKDNVQEAARETDGYFIKSGIVTVIKDALIPSGIII
;
_entity_poly.pdbx_strand_id   A,B,C,D
#
loop_
_chem_comp.id
_chem_comp.type
_chem_comp.name
_chem_comp.formula
ATP non-polymer ADENOSINE-5'-TRIPHOSPHATE 'C10 H16 N5 O13 P3'
SO4 non-polymer 'SULFATE ION' 'O4 S -2'
#
# COMPACT_ATOMS: atom_id res chain seq x y z
N GLN A 10 -4.17 3.66 29.22
CA GLN A 10 -3.43 4.80 29.84
C GLN A 10 -1.94 4.47 29.92
N THR A 11 -1.62 3.18 29.93
CA THR A 11 -0.24 2.71 29.96
C THR A 11 0.01 2.08 28.59
N CYS A 12 1.22 2.27 28.07
CA CYS A 12 1.56 1.80 26.74
C CYS A 12 2.88 1.08 26.74
N LEU A 13 3.14 0.32 25.68
CA LEU A 13 4.39 -0.41 25.58
C LEU A 13 5.46 0.52 25.03
N ASP A 14 6.49 0.74 25.84
CA ASP A 14 7.61 1.58 25.41
C ASP A 14 8.87 0.76 25.63
N PRO A 15 9.52 0.34 24.54
CA PRO A 15 9.16 0.56 23.13
C PRO A 15 7.85 -0.10 22.70
N ASP A 16 7.27 0.43 21.62
CA ASP A 16 6.01 -0.06 21.07
C ASP A 16 6.08 -1.51 20.61
N ALA A 17 4.94 -2.21 20.71
CA ALA A 17 4.84 -3.60 20.30
C ALA A 17 5.33 -3.81 18.88
N SER A 18 4.94 -2.92 17.98
CA SER A 18 5.32 -3.06 16.58
C SER A 18 6.79 -3.31 16.32
N ARG A 19 7.67 -2.55 16.98
CA ARG A 19 9.11 -2.72 16.74
C ARG A 19 9.91 -3.51 17.79
N SER A 20 9.26 -3.96 18.85
CA SER A 20 9.99 -4.70 19.87
C SER A 20 9.44 -6.10 20.16
N VAL A 21 8.41 -6.50 19.43
CA VAL A 21 7.84 -7.82 19.63
C VAL A 21 7.72 -8.56 18.31
N LEU A 22 7.97 -9.87 18.35
CA LEU A 22 7.91 -10.71 17.17
C LEU A 22 6.87 -11.79 17.40
N GLY A 23 5.91 -11.88 16.48
CA GLY A 23 4.89 -12.89 16.63
C GLY A 23 5.33 -14.19 15.98
N ILE A 24 5.21 -15.29 16.70
CA ILE A 24 5.58 -16.60 16.20
C ILE A 24 4.33 -17.46 16.33
N ILE A 25 3.62 -17.67 15.22
CA ILE A 25 2.42 -18.48 15.28
C ILE A 25 2.73 -19.94 14.96
N LEU A 26 2.21 -20.83 15.80
CA LEU A 26 2.39 -22.26 15.64
C LEU A 26 1.24 -22.74 14.78
N GLY A 27 1.32 -22.39 13.50
CA GLY A 27 0.29 -22.74 12.52
C GLY A 27 -0.29 -24.12 12.67
N GLY A 28 0.58 -25.11 12.77
CA GLY A 28 0.14 -26.48 12.91
C GLY A 28 1.23 -27.38 12.35
N GLY A 29 1.02 -28.68 12.47
CA GLY A 29 1.99 -29.62 11.94
C GLY A 29 1.35 -30.93 11.56
N ALA A 30 1.29 -31.22 10.28
CA ALA A 30 0.70 -32.46 9.78
C ALA A 30 -0.83 -32.46 9.80
N GLY A 31 -1.40 -31.90 10.87
CA GLY A 31 -2.84 -31.81 10.99
C GLY A 31 -3.57 -33.12 11.30
N THR A 32 -2.87 -34.02 11.98
CA THR A 32 -3.45 -35.32 12.33
C THR A 32 -4.84 -35.20 12.97
N ARG A 33 -4.94 -34.34 13.98
CA ARG A 33 -6.18 -34.15 14.72
C ARG A 33 -7.38 -33.63 13.93
N LEU A 34 -7.18 -32.60 13.13
CA LEU A 34 -8.26 -32.00 12.36
C LEU A 34 -8.47 -32.63 10.96
N TYR A 35 -8.01 -33.86 10.80
CA TYR A 35 -8.16 -34.57 9.53
C TYR A 35 -9.63 -34.96 9.45
N PRO A 36 -10.23 -35.01 8.24
CA PRO A 36 -9.78 -34.79 6.86
C PRO A 36 -9.63 -33.36 6.41
N LEU A 37 -9.97 -32.41 7.26
CA LEU A 37 -9.86 -31.03 6.87
C LEU A 37 -8.43 -30.68 6.48
N THR A 38 -7.46 -31.29 7.16
CA THR A 38 -6.06 -31.02 6.86
C THR A 38 -5.50 -31.73 5.65
N LYS A 39 -6.26 -32.68 5.10
CA LYS A 39 -5.82 -33.43 3.94
C LYS A 39 -5.25 -32.60 2.81
N LYS A 40 -3.92 -32.58 2.74
CA LYS A 40 -3.18 -31.84 1.72
C LYS A 40 -3.39 -30.34 1.84
N ARG A 41 -3.81 -29.92 3.02
CA ARG A 41 -4.03 -28.50 3.29
C ARG A 41 -3.40 -28.18 4.63
N ALA A 42 -2.44 -27.26 4.63
CA ALA A 42 -1.80 -26.88 5.88
C ALA A 42 -2.87 -26.38 6.82
N LYS A 43 -2.84 -26.84 8.07
CA LYS A 43 -3.81 -26.46 9.10
C LYS A 43 -4.17 -24.97 9.15
N PRO A 44 -3.15 -24.10 9.25
CA PRO A 44 -3.42 -22.65 9.30
C PRO A 44 -4.41 -22.17 8.26
N ALA A 45 -4.55 -22.92 7.18
CA ALA A 45 -5.45 -22.53 6.10
C ALA A 45 -6.85 -23.12 6.12
N VAL A 46 -7.16 -23.93 7.12
CA VAL A 46 -8.48 -24.52 7.19
C VAL A 46 -9.58 -23.46 7.30
N PRO A 47 -10.56 -23.49 6.36
CA PRO A 47 -11.69 -22.57 6.30
C PRO A 47 -12.40 -22.44 7.64
N LEU A 48 -12.75 -21.20 7.98
CA LEU A 48 -13.38 -20.91 9.26
C LEU A 48 -14.57 -19.95 9.17
N GLY A 49 -15.64 -20.30 9.85
CA GLY A 49 -16.83 -19.47 9.89
C GLY A 49 -17.27 -18.84 8.58
N ALA A 50 -17.37 -19.64 7.53
CA ALA A 50 -17.84 -19.17 6.24
C ALA A 50 -16.93 -18.25 5.38
N ASN A 51 -16.33 -17.23 5.98
CA ASN A 51 -15.49 -16.29 5.23
C ASN A 51 -14.04 -16.19 5.68
N TYR A 52 -13.64 -17.01 6.64
CA TYR A 52 -12.26 -16.92 7.11
C TYR A 52 -11.49 -18.23 7.16
N ARG A 53 -10.28 -18.15 7.70
CA ARG A 53 -9.41 -19.30 7.83
C ARG A 53 -8.76 -19.18 9.20
N LEU A 54 -8.54 -20.32 9.85
CA LEU A 54 -7.93 -20.32 11.18
C LEU A 54 -6.86 -19.25 11.34
N ILE A 55 -5.89 -19.27 10.44
CA ILE A 55 -4.78 -18.35 10.49
C ILE A 55 -5.18 -16.89 10.70
N ASP A 56 -6.43 -16.56 10.40
CA ASP A 56 -6.91 -15.17 10.54
C ASP A 56 -6.99 -14.73 12.00
N ILE A 57 -7.49 -15.61 12.86
CA ILE A 57 -7.60 -15.29 14.28
C ILE A 57 -6.25 -14.82 14.87
N PRO A 58 -5.26 -15.71 14.95
CA PRO A 58 -3.98 -15.27 15.51
C PRO A 58 -3.41 -14.02 14.87
N VAL A 59 -3.36 -14.00 13.54
CA VAL A 59 -2.80 -12.84 12.84
C VAL A 59 -3.57 -11.58 13.20
N SER A 60 -4.88 -11.60 12.99
CA SER A 60 -5.71 -10.47 13.30
C SER A 60 -5.42 -10.02 14.73
N ASN A 61 -5.43 -10.97 15.67
CA ASN A 61 -5.16 -10.64 17.06
C ASN A 61 -3.84 -9.89 17.22
N CYS A 62 -2.84 -10.26 16.41
CA CYS A 62 -1.55 -9.61 16.48
C CYS A 62 -1.62 -8.22 15.89
N LEU A 63 -2.23 -8.10 14.71
CA LEU A 63 -2.33 -6.79 14.07
C LEU A 63 -3.04 -5.82 14.99
N ASN A 64 -4.24 -6.20 15.42
CA ASN A 64 -5.00 -5.36 16.33
C ASN A 64 -4.21 -5.11 17.61
N SER A 65 -3.40 -6.08 18.03
CA SER A 65 -2.57 -5.95 19.23
C SER A 65 -1.35 -5.09 18.94
N ASN A 66 -1.26 -4.63 17.70
CA ASN A 66 -0.18 -3.77 17.24
C ASN A 66 1.13 -4.48 16.95
N ILE A 67 1.05 -5.78 16.72
CA ILE A 67 2.22 -6.57 16.40
C ILE A 67 2.18 -6.82 14.89
N SER A 68 3.12 -6.19 14.17
CA SER A 68 3.19 -6.29 12.73
C SER A 68 4.21 -7.27 12.16
N LYS A 69 5.13 -7.76 13.00
CA LYS A 69 6.15 -8.71 12.56
C LYS A 69 5.75 -10.10 13.03
N ILE A 70 5.19 -10.89 12.11
CA ILE A 70 4.73 -12.21 12.49
C ILE A 70 5.10 -13.33 11.52
N TYR A 71 5.51 -14.47 12.10
CA TYR A 71 5.90 -15.69 11.37
C TYR A 71 4.88 -16.77 11.67
N VAL A 72 4.71 -17.69 10.73
CA VAL A 72 3.78 -18.80 10.90
C VAL A 72 4.50 -20.10 10.60
N LEU A 73 4.79 -20.87 11.64
CA LEU A 73 5.46 -22.15 11.48
C LEU A 73 4.39 -23.20 11.21
N THR A 74 4.63 -24.07 10.24
CA THR A 74 3.70 -25.14 9.91
C THR A 74 4.55 -26.25 9.32
N GLN A 75 4.38 -27.49 9.81
CA GLN A 75 5.18 -28.59 9.31
C GLN A 75 5.26 -28.63 7.79
N PHE A 76 4.13 -28.51 7.13
CA PHE A 76 4.16 -28.48 5.67
C PHE A 76 3.54 -27.19 5.20
N ASN A 77 3.71 -26.88 3.92
CA ASN A 77 3.19 -25.64 3.37
C ASN A 77 1.93 -25.90 2.54
N SER A 78 1.39 -24.83 1.96
CA SER A 78 0.18 -24.92 1.15
C SER A 78 0.07 -23.72 0.23
N ALA A 79 -0.40 -23.97 -0.99
CA ALA A 79 -0.54 -22.92 -1.98
C ALA A 79 -1.51 -21.84 -1.55
N SER A 80 -2.64 -22.26 -1.00
CA SER A 80 -3.67 -21.32 -0.57
C SER A 80 -3.26 -20.50 0.65
N LEU A 81 -2.56 -21.12 1.58
CA LEU A 81 -2.10 -20.43 2.78
C LEU A 81 -1.23 -19.25 2.32
N ASN A 82 -0.42 -19.52 1.31
CA ASN A 82 0.48 -18.50 0.76
C ASN A 82 -0.28 -17.46 -0.03
N ARG A 83 -1.40 -17.85 -0.60
CA ARG A 83 -2.19 -16.90 -1.37
C ARG A 83 -3.02 -16.05 -0.41
N HIS A 84 -3.53 -16.69 0.64
CA HIS A 84 -4.33 -15.98 1.59
C HIS A 84 -3.50 -14.90 2.22
N LEU A 85 -2.46 -15.31 2.94
CA LEU A 85 -1.58 -14.34 3.59
C LEU A 85 -1.06 -13.31 2.62
N SER A 86 -0.65 -13.78 1.44
CA SER A 86 -0.12 -12.87 0.42
C SER A 86 -1.13 -11.77 0.15
N ARG A 87 -2.31 -12.15 -0.34
CA ARG A 87 -3.36 -11.20 -0.64
C ARG A 87 -3.92 -10.48 0.61
N ALA A 88 -4.28 -11.23 1.64
CA ALA A 88 -4.84 -10.61 2.86
C ALA A 88 -3.88 -9.67 3.58
N TYR A 89 -2.60 -10.03 3.62
CA TYR A 89 -1.60 -9.21 4.29
C TYR A 89 -0.34 -9.04 3.43
N GLU A 99 6.69 -1.51 7.91
CA GLU A 99 7.61 -2.07 8.88
C GLU A 99 7.11 -3.40 9.44
N GLY A 100 6.30 -4.12 8.64
CA GLY A 100 5.75 -5.39 9.07
C GLY A 100 5.80 -6.45 7.99
N PHE A 101 5.31 -7.65 8.32
CA PHE A 101 5.31 -8.77 7.37
C PHE A 101 4.67 -10.01 7.99
N VAL A 102 4.23 -10.91 7.12
CA VAL A 102 3.63 -12.18 7.54
C VAL A 102 4.25 -13.23 6.64
N GLU A 103 5.18 -14.01 7.20
CA GLU A 103 5.86 -15.04 6.42
C GLU A 103 5.61 -16.45 6.95
N VAL A 104 5.57 -17.39 6.03
CA VAL A 104 5.38 -18.79 6.37
C VAL A 104 6.73 -19.47 6.46
N LEU A 105 6.94 -20.20 7.55
CA LEU A 105 8.19 -20.89 7.75
C LEU A 105 7.87 -22.36 7.81
N ALA A 106 7.93 -23.02 6.65
CA ALA A 106 7.64 -24.44 6.56
C ALA A 106 8.86 -25.29 6.91
N ALA A 107 8.60 -26.48 7.44
CA ALA A 107 9.67 -27.41 7.80
C ALA A 107 9.85 -28.40 6.65
N GLN A 108 8.89 -28.36 5.73
CA GLN A 108 8.87 -29.25 4.57
C GLN A 108 8.12 -28.51 3.47
N GLN A 109 8.84 -28.12 2.41
CA GLN A 109 8.20 -27.39 1.31
C GLN A 109 7.43 -28.31 0.36
N SER A 110 6.39 -28.95 0.89
CA SER A 110 5.55 -29.86 0.12
C SER A 110 4.12 -29.83 0.69
N PRO A 111 3.09 -29.78 -0.18
CA PRO A 111 1.70 -29.76 0.26
C PRO A 111 1.29 -31.09 0.88
N GLU A 112 2.19 -32.06 0.82
CA GLU A 112 1.95 -33.40 1.34
C GLU A 112 1.95 -33.47 2.87
N ASN A 113 0.98 -34.19 3.42
CA ASN A 113 0.90 -34.35 4.84
C ASN A 113 2.10 -35.15 5.31
N PRO A 114 2.96 -34.54 6.15
CA PRO A 114 4.15 -35.20 6.68
C PRO A 114 3.82 -36.40 7.57
N ASP A 115 4.57 -37.49 7.37
CA ASP A 115 4.34 -38.70 8.15
C ASP A 115 5.34 -38.84 9.27
N TRP A 116 6.13 -37.79 9.46
CA TRP A 116 7.10 -37.78 10.53
C TRP A 116 6.62 -36.72 11.53
N PHE A 117 7.02 -36.89 12.79
CA PHE A 117 6.63 -35.99 13.87
C PHE A 117 7.52 -34.79 14.08
N GLN A 118 6.91 -33.68 14.49
CA GLN A 118 7.63 -32.48 14.83
C GLN A 118 6.84 -31.82 15.94
N GLY A 119 7.50 -31.62 17.09
CA GLY A 119 6.85 -30.99 18.22
C GLY A 119 6.98 -29.48 18.08
N THR A 120 6.41 -28.73 19.01
CA THR A 120 6.47 -27.27 18.95
C THR A 120 7.87 -26.67 19.24
N ALA A 121 8.55 -27.18 20.25
CA ALA A 121 9.89 -26.67 20.56
C ALA A 121 10.81 -27.03 19.39
N ASP A 122 10.48 -28.12 18.68
CA ASP A 122 11.25 -28.56 17.53
C ASP A 122 11.11 -27.52 16.41
N ALA A 123 9.86 -27.23 16.07
CA ALA A 123 9.55 -26.28 15.02
C ALA A 123 10.16 -24.92 15.30
N VAL A 124 10.06 -24.49 16.55
CA VAL A 124 10.61 -23.20 16.94
C VAL A 124 12.13 -23.19 16.90
N ARG A 125 12.74 -24.16 17.58
CA ARG A 125 14.19 -24.26 17.62
C ARG A 125 14.77 -24.32 16.22
N GLN A 126 14.14 -25.11 15.35
CA GLN A 126 14.60 -25.26 13.98
C GLN A 126 14.83 -23.91 13.28
N TYR A 127 14.09 -22.88 13.70
CA TYR A 127 14.21 -21.56 13.09
C TYR A 127 14.78 -20.51 14.03
N LEU A 128 15.06 -20.90 15.27
CA LEU A 128 15.59 -19.95 16.25
C LEU A 128 16.62 -18.99 15.66
N TRP A 129 17.46 -19.49 14.75
CA TRP A 129 18.52 -18.70 14.12
C TRP A 129 18.02 -17.51 13.32
N LEU A 130 16.84 -17.63 12.72
CA LEU A 130 16.30 -16.56 11.90
C LEU A 130 15.65 -15.50 12.80
N PHE A 131 15.02 -15.96 13.87
CA PHE A 131 14.35 -15.08 14.82
C PHE A 131 15.39 -14.21 15.49
N GLU A 132 16.55 -14.81 15.77
CA GLU A 132 17.65 -14.10 16.42
C GLU A 132 17.98 -12.83 15.65
N GLU A 133 17.87 -12.91 14.33
CA GLU A 133 18.17 -11.79 13.44
C GLU A 133 17.28 -10.57 13.68
N HIS A 134 16.19 -10.76 14.42
CA HIS A 134 15.27 -9.67 14.71
C HIS A 134 15.56 -8.97 16.02
N THR A 135 15.78 -7.66 15.96
CA THR A 135 16.06 -6.91 17.18
C THR A 135 14.75 -6.61 17.93
N VAL A 136 14.30 -7.57 18.74
CA VAL A 136 13.06 -7.41 19.51
C VAL A 136 13.32 -7.79 20.95
N LEU A 137 12.44 -7.39 21.85
CA LEU A 137 12.63 -7.73 23.27
C LEU A 137 12.03 -9.09 23.62
N GLU A 138 10.86 -9.38 23.08
CA GLU A 138 10.16 -10.62 23.37
C GLU A 138 9.65 -11.34 22.13
N TYR A 139 9.19 -12.56 22.35
CA TYR A 139 8.62 -13.38 21.31
C TYR A 139 7.24 -13.67 21.85
N LEU A 140 6.22 -13.54 21.01
CA LEU A 140 4.86 -13.83 21.43
C LEU A 140 4.56 -15.16 20.80
N ILE A 141 4.49 -16.21 21.62
CA ILE A 141 4.21 -17.53 21.09
C ILE A 141 2.72 -17.81 21.14
N LEU A 142 2.13 -17.97 19.95
CA LEU A 142 0.70 -18.23 19.85
C LEU A 142 0.32 -19.47 19.10
N ALA A 143 -0.59 -20.25 19.68
CA ALA A 143 -1.08 -21.45 19.01
C ALA A 143 -2.17 -21.01 18.04
N GLY A 144 -1.97 -21.31 16.76
CA GLY A 144 -2.97 -20.93 15.76
C GLY A 144 -4.03 -22.02 15.63
N ASP A 145 -4.61 -22.42 16.77
CA ASP A 145 -5.62 -23.47 16.82
C ASP A 145 -6.84 -23.13 17.68
N HIS A 146 -6.89 -21.92 18.21
CA HIS A 146 -7.99 -21.53 19.08
C HIS A 146 -8.78 -20.36 18.55
N LEU A 147 -10.04 -20.28 18.97
CA LEU A 147 -10.91 -19.17 18.56
C LEU A 147 -10.94 -18.24 19.75
N TYR A 148 -10.74 -16.94 19.52
CA TYR A 148 -10.75 -16.01 20.63
C TYR A 148 -10.14 -14.67 20.24
N ARG A 149 -10.43 -13.64 21.02
CA ARG A 149 -9.87 -12.34 20.74
C ARG A 149 -8.99 -11.93 21.91
N MET A 150 -7.92 -11.19 21.63
CA MET A 150 -7.07 -10.74 22.70
C MET A 150 -6.16 -9.63 22.28
N ASP A 151 -5.94 -8.68 23.18
CA ASP A 151 -5.04 -7.59 22.91
C ASP A 151 -3.82 -7.98 23.72
N TYR A 152 -2.76 -8.37 23.04
CA TYR A 152 -1.56 -8.80 23.71
C TYR A 152 -0.76 -7.68 24.36
N GLU A 153 -1.15 -6.43 24.11
CA GLU A 153 -0.45 -5.28 24.66
C GLU A 153 -0.35 -5.26 26.18
N LYS A 154 -1.45 -5.54 26.86
CA LYS A 154 -1.38 -5.54 28.30
C LYS A 154 -0.59 -6.76 28.77
N PHE A 155 -0.81 -7.88 28.07
CA PHE A 155 -0.14 -9.13 28.35
C PHE A 155 1.38 -8.93 28.32
N ILE A 156 1.84 -8.22 27.29
CA ILE A 156 3.25 -7.95 27.15
C ILE A 156 3.61 -6.94 28.21
N GLN A 157 2.79 -5.90 28.31
CA GLN A 157 3.00 -4.84 29.28
C GLN A 157 3.28 -5.49 30.62
N ALA A 158 2.48 -6.51 30.94
CA ALA A 158 2.62 -7.25 32.17
C ALA A 158 3.98 -7.93 32.25
N HIS A 159 4.37 -8.58 31.15
CA HIS A 159 5.64 -9.28 31.09
C HIS A 159 6.79 -8.36 31.48
N ARG A 160 6.72 -7.11 31.05
CA ARG A 160 7.77 -6.14 31.36
C ARG A 160 7.69 -5.58 32.78
N GLU A 161 6.48 -5.24 33.25
CA GLU A 161 6.31 -4.69 34.59
C GLU A 161 6.62 -5.71 35.68
N THR A 162 6.42 -6.98 35.38
CA THR A 162 6.67 -8.05 36.33
C THR A 162 8.07 -8.60 36.15
N ASP A 163 8.81 -8.03 35.19
CA ASP A 163 10.17 -8.46 34.90
C ASP A 163 10.30 -9.97 34.90
N ALA A 164 9.43 -10.65 34.14
CA ALA A 164 9.47 -12.11 34.06
C ALA A 164 10.27 -12.58 32.86
N ASP A 165 10.66 -13.85 32.89
CA ASP A 165 11.43 -14.42 31.79
C ASP A 165 10.42 -14.95 30.78
N ILE A 166 9.30 -15.44 31.31
CA ILE A 166 8.22 -15.96 30.48
C ILE A 166 6.89 -15.73 31.20
N THR A 167 5.92 -15.18 30.48
CA THR A 167 4.59 -14.96 31.04
C THR A 167 3.65 -15.94 30.34
N VAL A 168 2.80 -16.61 31.13
CA VAL A 168 1.86 -17.57 30.59
C VAL A 168 0.42 -17.13 30.82
N ALA A 169 -0.38 -17.17 29.77
CA ALA A 169 -1.78 -16.78 29.88
C ALA A 169 -2.47 -17.86 30.69
N ALA A 170 -3.30 -17.46 31.64
CA ALA A 170 -4.03 -18.42 32.47
C ALA A 170 -5.53 -18.38 32.23
N LEU A 171 -6.10 -19.55 31.96
CA LEU A 171 -7.53 -19.68 31.74
C LEU A 171 -8.12 -20.41 32.93
N PRO A 172 -8.95 -19.71 33.73
CA PRO A 172 -9.59 -20.30 34.92
C PRO A 172 -10.74 -21.23 34.52
N MET A 173 -10.94 -22.29 35.31
CA MET A 173 -11.99 -23.26 35.03
C MET A 173 -12.34 -24.16 36.21
N ASP A 174 -13.48 -24.83 36.09
CA ASP A 174 -13.97 -25.73 37.12
C ASP A 174 -13.33 -27.12 37.03
N GLU A 175 -13.52 -27.91 38.08
CA GLU A 175 -12.95 -29.25 38.14
C GLU A 175 -13.15 -30.06 36.85
N LYS A 176 -14.39 -30.12 36.38
CA LYS A 176 -14.69 -30.88 35.16
C LYS A 176 -13.79 -30.53 33.97
N ARG A 177 -13.70 -29.25 33.63
CA ARG A 177 -12.89 -28.83 32.49
C ARG A 177 -11.40 -28.96 32.75
N ALA A 178 -11.02 -28.93 34.02
CA ALA A 178 -9.62 -28.98 34.43
C ALA A 178 -8.78 -30.19 34.01
N THR A 179 -9.37 -31.38 34.04
CA THR A 179 -8.65 -32.62 33.71
C THR A 179 -8.14 -32.82 32.29
N ALA A 180 -8.42 -31.87 31.40
CA ALA A 180 -7.99 -31.97 30.01
C ALA A 180 -7.03 -30.87 29.62
N PHE A 181 -6.42 -30.24 30.63
CA PHE A 181 -5.47 -29.16 30.37
C PHE A 181 -4.17 -29.30 31.15
N GLY A 182 -3.29 -28.33 30.93
CA GLY A 182 -2.03 -28.30 31.65
C GLY A 182 -2.27 -27.26 32.72
N LEU A 183 -2.48 -27.70 33.96
CA LEU A 183 -2.75 -26.75 35.04
C LEU A 183 -1.49 -26.17 35.68
N MET A 184 -1.57 -24.91 36.08
CA MET A 184 -0.44 -24.25 36.71
C MET A 184 -0.79 -23.99 38.16
N LYS A 185 0.22 -23.81 38.98
CA LYS A 185 0.01 -23.51 40.39
C LYS A 185 0.87 -22.29 40.61
N ILE A 186 0.25 -21.22 41.09
CA ILE A 186 0.95 -19.96 41.33
C ILE A 186 1.09 -19.64 42.80
N ASP A 187 2.05 -18.79 43.14
CA ASP A 187 2.24 -18.37 44.52
C ASP A 187 1.35 -17.16 44.78
N GLU A 188 1.62 -16.43 45.87
CA GLU A 188 0.80 -15.27 46.23
C GLU A 188 1.03 -14.03 45.35
N GLU A 189 2.09 -14.08 44.55
CA GLU A 189 2.40 -12.97 43.66
C GLU A 189 2.10 -13.29 42.20
N GLY A 190 1.40 -14.39 41.96
CA GLY A 190 1.07 -14.76 40.59
C GLY A 190 2.18 -15.51 39.87
N ARG A 191 3.30 -15.73 40.55
CA ARG A 191 4.40 -16.46 39.94
C ARG A 191 4.07 -17.96 39.86
N ILE A 192 4.31 -18.55 38.70
CA ILE A 192 4.03 -19.96 38.50
C ILE A 192 5.13 -20.80 39.18
N ILE A 193 4.76 -21.87 39.86
CA ILE A 193 5.79 -22.69 40.50
C ILE A 193 5.59 -24.19 40.34
N GLU A 194 4.67 -24.59 39.48
CA GLU A 194 4.44 -26.00 39.30
C GLU A 194 3.36 -26.29 38.28
N PHE A 195 3.61 -27.28 37.43
CA PHE A 195 2.64 -27.66 36.42
C PHE A 195 2.13 -29.08 36.64
N ALA A 196 1.14 -29.46 35.85
CA ALA A 196 0.56 -30.78 35.94
C ALA A 196 -0.22 -30.98 34.65
N GLU A 197 0.19 -31.96 33.86
CA GLU A 197 -0.43 -32.26 32.58
C GLU A 197 -1.71 -33.10 32.70
N LYS A 198 -2.85 -32.48 32.40
CA LYS A 198 -4.16 -33.14 32.46
C LYS A 198 -4.30 -33.97 33.73
N PRO A 199 -4.01 -33.37 34.91
CA PRO A 199 -4.09 -34.05 36.19
C PRO A 199 -5.46 -34.55 36.61
N GLN A 200 -5.47 -35.68 37.32
CA GLN A 200 -6.68 -36.31 37.82
C GLN A 200 -6.51 -36.71 39.28
N GLY A 201 -7.53 -37.40 39.79
CA GLY A 201 -7.51 -37.86 41.17
C GLY A 201 -6.88 -36.86 42.12
N GLU A 202 -5.93 -37.35 42.89
CA GLU A 202 -5.25 -36.53 43.88
C GLU A 202 -4.35 -35.49 43.24
N GLN A 203 -3.71 -35.85 42.12
CA GLN A 203 -2.84 -34.91 41.43
C GLN A 203 -3.60 -33.64 41.10
N LEU A 204 -4.86 -33.80 40.68
CA LEU A 204 -5.70 -32.67 40.33
C LEU A 204 -6.02 -31.83 41.56
N GLN A 205 -6.47 -32.49 42.62
CA GLN A 205 -6.83 -31.79 43.86
C GLN A 205 -5.70 -30.88 44.32
N ALA A 206 -4.47 -31.35 44.18
CA ALA A 206 -3.29 -30.60 44.60
C ALA A 206 -2.98 -29.37 43.75
N MET A 207 -3.76 -29.15 42.69
CA MET A 207 -3.54 -28.01 41.83
C MET A 207 -4.51 -26.87 42.07
N LYS A 208 -5.45 -27.07 43.00
CA LYS A 208 -6.42 -26.04 43.33
C LYS A 208 -5.70 -24.78 43.81
N VAL A 209 -6.00 -23.65 43.18
CA VAL A 209 -5.37 -22.39 43.56
C VAL A 209 -6.40 -21.31 43.87
N ASP A 210 -5.91 -20.14 44.26
CA ASP A 210 -6.76 -19.00 44.59
C ASP A 210 -6.74 -17.98 43.46
N THR A 211 -7.58 -18.21 42.46
CA THR A 211 -7.67 -17.33 41.30
C THR A 211 -7.78 -15.86 41.66
N THR A 212 -8.03 -15.58 42.94
CA THR A 212 -8.15 -14.22 43.44
C THR A 212 -6.84 -13.48 43.20
N ILE A 213 -5.73 -14.16 43.46
CA ILE A 213 -4.40 -13.60 43.28
C ILE A 213 -4.22 -12.98 41.89
N LEU A 214 -4.79 -13.62 40.88
CA LEU A 214 -4.66 -13.11 39.51
C LEU A 214 -5.67 -12.02 39.19
N GLY A 215 -6.42 -11.60 40.21
CA GLY A 215 -7.40 -10.55 40.02
C GLY A 215 -8.76 -11.02 39.57
N LEU A 216 -9.05 -12.30 39.76
CA LEU A 216 -10.33 -12.81 39.33
C LEU A 216 -11.44 -12.46 40.31
N ASP A 217 -12.67 -12.51 39.82
CA ASP A 217 -13.85 -12.23 40.63
C ASP A 217 -13.85 -13.20 41.80
N ASP A 218 -14.29 -12.75 42.96
CA ASP A 218 -14.32 -13.62 44.14
C ASP A 218 -15.30 -14.78 44.02
N LYS A 219 -16.39 -14.59 43.31
CA LYS A 219 -17.36 -15.68 43.16
C LYS A 219 -16.90 -16.61 42.04
N ARG A 220 -16.50 -16.02 40.92
CA ARG A 220 -16.03 -16.80 39.79
C ARG A 220 -14.74 -17.51 40.19
N ALA A 221 -14.33 -17.32 41.44
CA ALA A 221 -13.12 -17.96 41.95
C ALA A 221 -13.46 -19.25 42.66
N LYS A 222 -14.58 -19.27 43.37
CA LYS A 222 -14.98 -20.47 44.10
C LYS A 222 -15.28 -21.59 43.12
N GLU A 223 -15.87 -21.23 41.98
CA GLU A 223 -16.23 -22.21 40.97
C GLU A 223 -15.06 -22.62 40.07
N MET A 224 -14.09 -21.72 39.89
CA MET A 224 -12.95 -22.01 39.05
C MET A 224 -11.62 -21.84 39.77
N PRO A 225 -11.26 -22.79 40.65
CA PRO A 225 -10.01 -22.73 41.40
C PRO A 225 -8.82 -23.32 40.64
N PHE A 226 -8.99 -23.48 39.34
CA PHE A 226 -7.95 -24.04 38.50
C PHE A 226 -7.61 -23.09 37.36
N ILE A 227 -6.32 -22.96 37.05
CA ILE A 227 -5.88 -22.13 35.93
C ILE A 227 -5.06 -23.02 35.04
N ALA A 228 -5.31 -22.92 33.74
CA ALA A 228 -4.60 -23.75 32.77
C ALA A 228 -3.81 -22.93 31.77
N SER A 229 -2.72 -23.50 31.27
CA SER A 229 -1.90 -22.84 30.27
C SER A 229 -2.79 -22.86 29.04
N MET A 230 -2.60 -21.93 28.12
CA MET A 230 -3.47 -21.91 26.93
C MET A 230 -2.77 -21.58 25.61
N GLY A 231 -1.52 -22.04 25.49
CA GLY A 231 -0.77 -21.81 24.28
C GLY A 231 -0.40 -20.38 24.01
N ILE A 232 -0.62 -19.52 25.00
CA ILE A 232 -0.27 -18.10 24.87
C ILE A 232 0.89 -17.80 25.82
N TYR A 233 2.02 -17.36 25.24
CA TYR A 233 3.22 -17.05 26.01
C TYR A 233 4.01 -15.86 25.49
N VAL A 234 4.69 -15.19 26.42
CA VAL A 234 5.55 -14.07 26.10
C VAL A 234 6.91 -14.50 26.60
N ILE A 235 7.93 -14.42 25.77
CA ILE A 235 9.26 -14.84 26.18
C ILE A 235 10.35 -13.85 25.80
N SER A 236 11.20 -13.54 26.77
CA SER A 236 12.29 -12.61 26.51
C SER A 236 13.20 -13.34 25.52
N LYS A 237 13.69 -12.59 24.54
CA LYS A 237 14.56 -13.13 23.50
C LYS A 237 15.60 -14.11 24.03
N ASP A 238 16.49 -13.60 24.88
CA ASP A 238 17.57 -14.38 25.49
C ASP A 238 17.09 -15.67 26.11
N VAL A 239 16.02 -15.56 26.88
CA VAL A 239 15.43 -16.70 27.53
C VAL A 239 15.17 -17.81 26.50
N MET A 240 14.44 -17.47 25.45
CA MET A 240 14.10 -18.42 24.39
C MET A 240 15.31 -19.15 23.82
N LEU A 241 16.28 -18.39 23.35
CA LEU A 241 17.50 -18.95 22.80
C LEU A 241 18.16 -19.88 23.83
N ASN A 242 18.26 -19.40 25.06
CA ASN A 242 18.85 -20.16 26.14
C ASN A 242 18.09 -21.48 26.38
N LEU A 243 16.78 -21.38 26.57
CA LEU A 243 15.97 -22.56 26.82
C LEU A 243 16.02 -23.58 25.71
N LEU A 244 15.93 -23.16 24.45
CA LEU A 244 15.95 -24.11 23.35
C LEU A 244 17.32 -24.58 22.90
N ARG A 245 18.36 -23.78 23.14
CA ARG A 245 19.70 -24.17 22.73
C ARG A 245 20.50 -24.90 23.81
N ASP A 246 20.61 -24.28 24.99
CA ASP A 246 21.39 -24.88 26.07
C ASP A 246 20.59 -25.81 26.99
N LYS A 247 19.62 -25.24 27.68
CA LYS A 247 18.79 -25.96 28.64
C LYS A 247 18.03 -27.20 28.19
N PHE A 248 17.19 -27.09 27.18
CA PHE A 248 16.44 -28.27 26.74
C PHE A 248 16.51 -28.51 25.24
N PRO A 249 17.72 -28.70 24.69
CA PRO A 249 17.94 -28.94 23.26
C PRO A 249 17.25 -30.18 22.70
N GLY A 250 16.73 -31.02 23.58
CA GLY A 250 16.05 -32.22 23.12
C GLY A 250 14.57 -32.28 23.44
N ALA A 251 14.02 -31.16 23.91
CA ALA A 251 12.59 -31.09 24.24
C ALA A 251 11.78 -30.91 22.96
N ASN A 252 10.73 -31.72 22.80
CA ASN A 252 9.90 -31.64 21.60
C ASN A 252 8.72 -30.70 21.77
N ASP A 253 8.05 -30.83 22.91
CA ASP A 253 6.90 -30.01 23.24
C ASP A 253 7.36 -28.76 23.99
N PHE A 254 6.94 -27.61 23.48
CA PHE A 254 7.33 -26.33 24.06
C PHE A 254 6.77 -26.11 25.45
N GLY A 255 5.49 -25.77 25.51
CA GLY A 255 4.85 -25.51 26.78
C GLY A 255 4.56 -26.73 27.63
N SER A 256 4.86 -27.92 27.12
CA SER A 256 4.62 -29.13 27.90
C SER A 256 5.87 -29.55 28.66
N GLU A 257 7.03 -29.14 28.15
CA GLU A 257 8.31 -29.47 28.76
C GLU A 257 9.11 -28.20 29.03
N VAL A 258 9.46 -27.51 27.95
CA VAL A 258 10.25 -26.31 28.03
C VAL A 258 9.76 -25.28 29.03
N ILE A 259 8.45 -25.17 29.22
CA ILE A 259 7.94 -24.21 30.17
C ILE A 259 8.12 -24.75 31.59
N PRO A 260 7.52 -25.90 31.90
CA PRO A 260 7.68 -26.46 33.24
C PRO A 260 9.17 -26.54 33.58
N GLY A 261 9.97 -26.84 32.56
CA GLY A 261 11.41 -26.96 32.72
C GLY A 261 12.04 -25.65 33.13
N ALA A 262 11.59 -24.57 32.51
CA ALA A 262 12.10 -23.25 32.83
C ALA A 262 11.80 -23.01 34.32
N THR A 263 10.53 -23.17 34.66
CA THR A 263 10.04 -22.97 36.03
C THR A 263 10.95 -23.64 37.05
N SER A 264 11.27 -24.91 36.81
CA SER A 264 12.12 -25.69 37.71
C SER A 264 13.56 -25.22 37.78
N LEU A 265 13.95 -24.31 36.90
CA LEU A 265 15.32 -23.82 36.93
C LEU A 265 15.43 -22.53 37.72
N GLY A 266 14.30 -22.09 38.27
CA GLY A 266 14.29 -20.87 39.05
C GLY A 266 14.09 -19.60 38.24
N MET A 267 13.71 -19.74 36.97
CA MET A 267 13.48 -18.57 36.11
C MET A 267 12.15 -17.94 36.49
N ARG A 268 12.01 -16.65 36.21
CA ARG A 268 10.77 -15.98 36.56
C ARG A 268 9.68 -16.24 35.51
N VAL A 269 8.79 -17.17 35.85
CA VAL A 269 7.67 -17.53 34.99
C VAL A 269 6.37 -17.06 35.65
N GLN A 270 5.86 -15.93 35.15
CA GLN A 270 4.66 -15.29 35.67
C GLN A 270 3.39 -15.60 34.88
N ALA A 271 2.28 -15.59 35.60
CA ALA A 271 0.97 -15.87 35.00
C ALA A 271 0.17 -14.60 34.79
N TYR A 272 -0.51 -14.55 33.66
CA TYR A 272 -1.36 -13.42 33.32
C TYR A 272 -2.76 -13.96 33.08
N LEU A 273 -3.68 -13.59 33.97
CA LEU A 273 -5.07 -14.02 33.88
C LEU A 273 -5.73 -13.59 32.58
N TYR A 274 -6.30 -14.56 31.86
CA TYR A 274 -6.98 -14.27 30.61
C TYR A 274 -8.48 -14.28 30.89
N ASP A 275 -9.20 -13.32 30.33
CA ASP A 275 -10.64 -13.25 30.56
C ASP A 275 -11.46 -13.04 29.29
N GLY A 276 -12.32 -14.00 28.99
CA GLY A 276 -13.13 -13.89 27.78
C GLY A 276 -13.40 -15.24 27.13
N TYR A 277 -14.21 -15.22 26.08
CA TYR A 277 -14.55 -16.44 25.37
C TYR A 277 -13.27 -17.09 24.88
N TRP A 278 -13.19 -18.41 24.99
CA TRP A 278 -12.00 -19.15 24.55
C TRP A 278 -12.28 -20.62 24.34
N GLU A 279 -12.08 -21.09 23.12
CA GLU A 279 -12.29 -22.49 22.81
C GLU A 279 -11.20 -23.03 21.89
N ASP A 280 -10.81 -24.27 22.17
CA ASP A 280 -9.79 -24.95 21.38
C ASP A 280 -10.58 -25.59 20.24
N ILE A 281 -10.24 -25.25 18.99
CA ILE A 281 -10.98 -25.81 17.86
C ILE A 281 -10.21 -26.71 16.91
N GLY A 282 -9.29 -27.51 17.43
CA GLY A 282 -8.52 -28.42 16.60
C GLY A 282 -9.16 -29.79 16.42
N THR A 283 -10.30 -29.99 17.08
CA THR A 283 -11.05 -31.25 17.02
C THR A 283 -12.18 -31.13 16.02
N ILE A 284 -12.49 -32.19 15.30
CA ILE A 284 -13.59 -32.10 14.35
C ILE A 284 -14.85 -31.67 15.08
N GLU A 285 -15.12 -32.29 16.23
CA GLU A 285 -16.29 -31.94 16.99
C GLU A 285 -16.19 -30.51 17.51
N ALA A 286 -15.09 -30.18 18.15
CA ALA A 286 -14.89 -28.84 18.68
C ALA A 286 -15.02 -27.80 17.57
N PHE A 287 -14.39 -28.09 16.45
CA PHE A 287 -14.41 -27.21 15.28
C PHE A 287 -15.86 -27.06 14.82
N TYR A 288 -16.54 -28.19 14.69
CA TYR A 288 -17.93 -28.20 14.27
C TYR A 288 -18.71 -27.24 15.16
N ASN A 289 -18.75 -27.59 16.44
CA ASN A 289 -19.46 -26.79 17.42
C ASN A 289 -19.17 -25.31 17.35
N ALA A 290 -17.92 -24.92 17.57
CA ALA A 290 -17.61 -23.50 17.53
C ALA A 290 -18.12 -22.86 16.26
N ASN A 291 -18.20 -23.61 15.17
CA ASN A 291 -18.69 -23.03 13.93
C ASN A 291 -20.19 -22.85 13.96
N LEU A 292 -20.94 -23.86 14.35
CA LEU A 292 -22.38 -23.68 14.42
C LEU A 292 -22.73 -22.79 15.60
N GLY A 293 -21.74 -22.56 16.48
CA GLY A 293 -21.96 -21.74 17.65
C GLY A 293 -22.13 -20.27 17.35
N ILE A 294 -21.97 -19.92 16.09
CA ILE A 294 -22.09 -18.53 15.67
C ILE A 294 -23.55 -18.16 15.44
N THR A 295 -24.43 -19.15 15.42
CA THR A 295 -25.84 -18.90 15.18
C THR A 295 -26.71 -19.16 16.41
N LYS A 296 -26.09 -19.04 17.59
CA LYS A 296 -26.77 -19.25 18.87
C LYS A 296 -27.87 -18.19 19.03
N LYS A 297 -29.12 -18.62 18.88
CA LYS A 297 -30.30 -17.76 18.96
C LYS A 297 -30.17 -16.40 19.66
N PRO A 298 -29.66 -16.38 20.91
CA PRO A 298 -29.53 -15.06 21.56
C PRO A 298 -28.40 -14.27 20.89
N VAL A 299 -27.15 -14.64 21.19
CA VAL A 299 -25.96 -14.02 20.59
C VAL A 299 -24.78 -14.98 20.72
N PRO A 300 -23.98 -15.11 19.65
CA PRO A 300 -22.82 -16.01 19.70
C PRO A 300 -21.81 -15.50 20.72
N ASP A 301 -21.34 -16.38 21.59
CA ASP A 301 -20.37 -16.00 22.60
C ASP A 301 -19.15 -15.40 21.94
N PHE A 302 -18.85 -15.83 20.72
CA PHE A 302 -17.73 -15.27 19.99
C PHE A 302 -18.26 -14.73 18.67
N SER A 303 -17.85 -13.51 18.34
CA SER A 303 -18.26 -12.89 17.09
C SER A 303 -17.03 -12.36 16.38
N PHE A 304 -16.85 -12.76 15.12
CA PHE A 304 -15.69 -12.34 14.33
C PHE A 304 -15.62 -10.82 14.19
N TYR A 305 -16.77 -10.20 13.97
CA TYR A 305 -16.77 -8.77 13.80
C TYR A 305 -16.54 -8.01 15.11
N ASP A 306 -15.89 -6.87 15.00
CA ASP A 306 -15.65 -6.01 16.14
C ASP A 306 -15.18 -4.67 15.60
N ARG A 307 -15.92 -3.62 15.96
CA ARG A 307 -15.63 -2.27 15.51
C ARG A 307 -14.19 -1.88 15.82
N SER A 308 -13.69 -2.38 16.94
CA SER A 308 -12.32 -2.06 17.36
C SER A 308 -11.29 -3.04 16.80
N ALA A 309 -11.49 -4.32 17.12
CA ALA A 309 -10.58 -5.38 16.71
C ALA A 309 -11.26 -6.50 15.93
N PRO A 310 -11.61 -6.25 14.66
CA PRO A 310 -12.27 -7.32 13.89
C PRO A 310 -11.29 -8.40 13.43
N ILE A 311 -11.85 -9.50 12.96
CA ILE A 311 -11.03 -10.58 12.43
C ILE A 311 -10.89 -10.23 10.95
N TYR A 312 -9.65 -10.10 10.48
CA TYR A 312 -9.45 -9.77 9.08
C TYR A 312 -9.47 -11.01 8.20
N THR A 313 -9.63 -10.79 6.91
CA THR A 313 -9.63 -11.87 5.94
C THR A 313 -9.31 -11.27 4.59
N GLN A 314 -9.28 -12.11 3.57
CA GLN A 314 -8.94 -11.65 2.23
C GLN A 314 -10.10 -10.98 1.48
N PRO A 315 -9.89 -9.72 1.05
CA PRO A 315 -10.88 -8.93 0.30
C PRO A 315 -11.19 -9.66 -1.00
N ARG A 316 -12.39 -10.20 -1.13
CA ARG A 316 -12.69 -10.96 -2.34
C ARG A 316 -13.57 -10.29 -3.38
N TYR A 317 -14.25 -9.21 -3.03
CA TYR A 317 -15.11 -8.52 -3.98
C TYR A 317 -16.25 -9.39 -4.53
N LEU A 318 -16.69 -10.36 -3.74
CA LEU A 318 -17.78 -11.20 -4.19
C LEU A 318 -19.05 -10.36 -4.14
N PRO A 319 -20.05 -10.70 -4.96
CA PRO A 319 -21.30 -9.94 -4.98
C PRO A 319 -22.28 -10.48 -3.95
N PRO A 320 -23.31 -9.70 -3.61
CA PRO A 320 -24.31 -10.14 -2.63
C PRO A 320 -24.90 -11.50 -2.93
N SER A 321 -25.07 -12.32 -1.90
CA SER A 321 -25.63 -13.66 -2.07
C SER A 321 -27.06 -13.56 -2.62
N LYS A 322 -27.39 -14.40 -3.58
CA LYS A 322 -28.71 -14.39 -4.19
C LYS A 322 -29.52 -15.54 -3.67
N MET A 323 -30.80 -15.32 -3.39
CA MET A 323 -31.63 -16.41 -2.92
C MET A 323 -32.93 -16.36 -3.71
N LEU A 324 -33.25 -17.44 -4.40
CA LEU A 324 -34.47 -17.49 -5.20
C LEU A 324 -35.69 -17.70 -4.30
N ASP A 325 -35.69 -18.81 -3.56
CA ASP A 325 -36.79 -19.12 -2.64
C ASP A 325 -36.27 -19.88 -1.42
N ALA A 326 -35.59 -19.16 -0.54
CA ALA A 326 -34.99 -19.74 0.65
C ALA A 326 -35.69 -19.44 1.97
N ASP A 327 -35.55 -20.37 2.90
CA ASP A 327 -36.11 -20.23 4.23
C ASP A 327 -34.94 -20.55 5.16
N VAL A 328 -34.37 -19.49 5.72
CA VAL A 328 -33.22 -19.64 6.59
C VAL A 328 -33.55 -19.48 8.07
N THR A 329 -33.08 -20.40 8.90
CA THR A 329 -33.34 -20.29 10.33
C THR A 329 -32.09 -20.53 11.16
N ASP A 330 -31.74 -19.58 12.02
CA ASP A 330 -30.55 -19.70 12.87
C ASP A 330 -29.36 -20.07 12.00
N SER A 331 -29.15 -19.30 10.93
CA SER A 331 -28.06 -19.58 10.01
C SER A 331 -27.32 -18.32 9.64
N VAL A 332 -26.12 -18.51 9.09
CA VAL A 332 -25.30 -17.40 8.62
C VAL A 332 -24.94 -17.69 7.16
N ILE A 333 -25.04 -16.66 6.33
CA ILE A 333 -24.74 -16.78 4.92
C ILE A 333 -23.52 -15.93 4.53
N GLY A 334 -22.50 -16.59 3.99
CA GLY A 334 -21.29 -15.92 3.60
C GLY A 334 -21.47 -15.02 2.41
N GLU A 335 -20.35 -14.59 1.83
CA GLU A 335 -20.39 -13.71 0.67
C GLU A 335 -20.57 -14.45 -0.65
N GLY A 336 -21.29 -13.81 -1.58
CA GLY A 336 -21.52 -14.37 -2.90
C GLY A 336 -22.11 -15.76 -3.07
N CYS A 337 -23.07 -16.14 -2.23
CA CYS A 337 -23.70 -17.45 -2.34
C CYS A 337 -24.81 -17.39 -3.38
N VAL A 338 -25.11 -18.51 -4.01
CA VAL A 338 -26.21 -18.56 -4.97
C VAL A 338 -27.12 -19.68 -4.47
N ILE A 339 -28.19 -19.25 -3.81
CA ILE A 339 -29.18 -20.13 -3.22
C ILE A 339 -30.43 -20.17 -4.09
N LYS A 340 -30.84 -21.38 -4.47
CA LYS A 340 -32.04 -21.53 -5.27
C LYS A 340 -33.16 -21.74 -4.26
N ASN A 341 -34.17 -22.53 -4.65
CA ASN A 341 -35.28 -22.82 -3.76
C ASN A 341 -34.83 -23.92 -2.82
N CYS A 342 -34.81 -23.65 -1.51
CA CYS A 342 -34.38 -24.67 -0.55
C CYS A 342 -34.62 -24.24 0.89
N LYS A 343 -34.38 -25.17 1.81
CA LYS A 343 -34.55 -24.92 3.23
C LYS A 343 -33.21 -25.04 3.94
N ILE A 344 -32.74 -23.93 4.49
CA ILE A 344 -31.47 -23.90 5.20
C ILE A 344 -31.71 -23.71 6.69
N HIS A 345 -31.42 -24.73 7.48
CA HIS A 345 -31.64 -24.63 8.91
C HIS A 345 -30.43 -24.81 9.83
N HIS A 346 -30.22 -23.84 10.71
CA HIS A 346 -29.13 -23.87 11.69
C HIS A 346 -27.80 -24.34 11.08
N SER A 347 -27.35 -23.63 10.06
CA SER A 347 -26.15 -24.00 9.35
C SER A 347 -25.26 -22.81 9.06
N VAL A 348 -24.08 -23.09 8.55
CA VAL A 348 -23.12 -22.07 8.17
C VAL A 348 -22.85 -22.26 6.67
N VAL A 349 -23.03 -21.20 5.89
CA VAL A 349 -22.85 -21.29 4.44
C VAL A 349 -21.70 -20.41 3.95
N GLY A 350 -20.55 -21.04 3.69
CA GLY A 350 -19.39 -20.31 3.24
C GLY A 350 -19.48 -19.69 1.87
N LEU A 351 -18.54 -18.78 1.60
CA LEU A 351 -18.47 -18.06 0.34
C LEU A 351 -18.56 -18.89 -0.93
N ARG A 352 -19.33 -18.39 -1.90
CA ARG A 352 -19.55 -19.01 -3.20
C ARG A 352 -20.35 -20.32 -3.15
N SER A 353 -21.03 -20.58 -2.03
CA SER A 353 -21.81 -21.81 -1.92
C SER A 353 -22.97 -21.86 -2.91
N CYS A 354 -23.16 -23.03 -3.52
CA CYS A 354 -24.25 -23.22 -4.47
C CYS A 354 -25.21 -24.30 -3.99
N ILE A 355 -26.41 -23.89 -3.57
CA ILE A 355 -27.41 -24.86 -3.11
C ILE A 355 -28.48 -24.97 -4.18
N SER A 356 -28.71 -26.18 -4.67
CA SER A 356 -29.67 -26.38 -5.73
C SER A 356 -31.12 -26.58 -5.30
N GLU A 357 -32.01 -26.55 -6.28
CA GLU A 357 -33.46 -26.71 -6.09
C GLU A 357 -33.87 -27.91 -5.24
N GLY A 358 -34.68 -27.64 -4.23
CA GLY A 358 -35.16 -28.71 -3.36
C GLY A 358 -34.23 -29.17 -2.27
N ALA A 359 -33.06 -28.55 -2.17
CA ALA A 359 -32.08 -28.94 -1.16
C ALA A 359 -32.60 -28.64 0.24
N ILE A 360 -32.05 -29.34 1.23
CA ILE A 360 -32.41 -29.16 2.64
C ILE A 360 -31.14 -29.28 3.49
N ILE A 361 -30.74 -28.19 4.14
CA ILE A 361 -29.54 -28.21 4.96
C ILE A 361 -29.87 -28.13 6.45
N GLU A 362 -29.48 -29.14 7.21
CA GLU A 362 -29.73 -29.14 8.64
C GLU A 362 -28.44 -29.33 9.44
N ASP A 363 -28.25 -28.50 10.46
CA ASP A 363 -27.09 -28.56 11.35
C ASP A 363 -25.76 -28.79 10.64
N SER A 364 -25.49 -28.02 9.60
CA SER A 364 -24.25 -28.20 8.84
C SER A 364 -23.37 -27.00 8.66
N LEU A 365 -22.14 -27.29 8.24
CA LEU A 365 -21.16 -26.26 7.98
C LEU A 365 -20.71 -26.44 6.54
N LEU A 366 -21.10 -25.53 5.67
CA LEU A 366 -20.72 -25.60 4.26
C LEU A 366 -19.58 -24.63 4.02
N MET A 367 -18.39 -25.16 3.77
CA MET A 367 -17.24 -24.30 3.57
C MET A 367 -17.28 -23.53 2.27
N GLY A 368 -18.19 -23.90 1.39
CA GLY A 368 -18.32 -23.20 0.11
C GLY A 368 -17.36 -23.62 -0.97
N ALA A 369 -16.99 -22.68 -1.83
CA ALA A 369 -16.08 -22.94 -2.94
C ALA A 369 -14.97 -21.89 -3.08
N ASP A 370 -13.99 -22.18 -3.91
CA ASP A 370 -12.87 -21.25 -4.11
C ASP A 370 -13.04 -20.43 -5.37
N TYR A 371 -13.99 -20.84 -6.20
CA TYR A 371 -14.29 -20.16 -7.46
C TYR A 371 -15.65 -20.62 -7.94
N TYR A 372 -16.24 -19.88 -8.87
CA TYR A 372 -17.55 -20.25 -9.41
C TYR A 372 -17.34 -20.98 -10.72
N GLU A 373 -18.19 -21.95 -11.02
CA GLU A 373 -18.08 -22.64 -12.30
C GLU A 373 -18.98 -21.93 -13.28
N THR A 374 -18.46 -21.60 -14.47
CA THR A 374 -19.26 -20.92 -15.47
C THR A 374 -20.27 -21.82 -16.20
N ASP A 375 -21.01 -21.21 -17.12
CA ASP A 375 -22.03 -21.92 -17.89
C ASP A 375 -21.35 -22.91 -18.82
N ALA A 376 -20.15 -22.55 -19.26
CA ALA A 376 -19.37 -23.40 -20.16
C ALA A 376 -19.09 -24.72 -19.47
N ASP A 377 -18.53 -24.68 -18.28
CA ASP A 377 -18.24 -25.89 -17.50
C ASP A 377 -19.58 -26.51 -17.16
N ARG A 378 -20.61 -25.68 -17.14
CA ARG A 378 -21.95 -26.13 -16.82
C ARG A 378 -22.52 -26.97 -17.94
N LYS A 379 -22.73 -26.35 -19.10
CA LYS A 379 -23.29 -27.03 -20.26
C LYS A 379 -22.43 -28.25 -20.64
N LEU A 380 -21.15 -28.19 -20.34
CA LEU A 380 -20.23 -29.29 -20.63
C LEU A 380 -20.47 -30.41 -19.63
N LEU A 381 -20.35 -30.10 -18.35
CA LEU A 381 -20.56 -31.09 -17.30
C LEU A 381 -22.03 -31.52 -17.30
N ALA A 382 -22.81 -30.87 -18.14
CA ALA A 382 -24.24 -31.18 -18.26
C ALA A 382 -24.51 -32.06 -19.48
N ALA A 383 -23.70 -31.89 -20.53
CA ALA A 383 -23.83 -32.69 -21.75
C ALA A 383 -23.20 -34.06 -21.56
N LYS A 384 -22.13 -34.09 -20.78
CA LYS A 384 -21.39 -35.31 -20.47
C LYS A 384 -21.82 -35.83 -19.09
N GLY A 385 -22.56 -35.01 -18.35
CA GLY A 385 -23.00 -35.42 -17.02
C GLY A 385 -21.78 -35.55 -16.15
N SER A 386 -21.70 -34.74 -15.09
CA SER A 386 -20.53 -34.79 -14.22
C SER A 386 -20.76 -34.34 -12.77
N VAL A 387 -21.82 -33.54 -12.57
CA VAL A 387 -22.17 -32.99 -11.25
C VAL A 387 -21.31 -31.78 -10.88
N PRO A 388 -21.88 -30.57 -10.97
CA PRO A 388 -21.20 -29.30 -10.65
C PRO A 388 -20.97 -29.08 -9.15
N ILE A 389 -20.07 -28.15 -8.82
CA ILE A 389 -19.76 -27.88 -7.41
C ILE A 389 -20.95 -27.29 -6.67
N GLY A 390 -21.29 -27.91 -5.55
CA GLY A 390 -22.41 -27.46 -4.75
C GLY A 390 -23.23 -28.62 -4.22
N ILE A 391 -24.42 -28.30 -3.74
CA ILE A 391 -25.31 -29.32 -3.22
C ILE A 391 -26.36 -29.55 -4.30
N GLY A 392 -26.32 -30.73 -4.91
CA GLY A 392 -27.26 -31.07 -5.95
C GLY A 392 -28.72 -30.94 -5.56
N LYS A 393 -29.60 -31.01 -6.55
CA LYS A 393 -31.05 -30.90 -6.32
C LYS A 393 -31.59 -31.90 -5.28
N ASN A 394 -32.61 -31.46 -4.56
CA ASN A 394 -33.27 -32.26 -3.54
C ASN A 394 -32.34 -33.08 -2.66
N CYS A 395 -31.26 -32.46 -2.21
CA CYS A 395 -30.34 -33.14 -1.33
C CYS A 395 -30.77 -32.97 0.11
N HIS A 396 -29.99 -33.52 1.03
CA HIS A 396 -30.31 -33.37 2.43
C HIS A 396 -29.06 -33.62 3.25
N ILE A 397 -28.52 -32.55 3.81
CA ILE A 397 -27.31 -32.64 4.61
C ILE A 397 -27.62 -32.35 6.06
N LYS A 398 -27.52 -33.38 6.89
CA LYS A 398 -27.81 -33.25 8.31
C LYS A 398 -26.59 -33.62 9.16
N ARG A 399 -26.14 -32.68 9.99
CA ARG A 399 -25.00 -32.90 10.88
C ARG A 399 -23.72 -33.21 10.10
N ALA A 400 -23.37 -32.34 9.16
CA ALA A 400 -22.20 -32.57 8.35
C ALA A 400 -21.33 -31.34 8.13
N ILE A 401 -20.15 -31.59 7.55
CA ILE A 401 -19.21 -30.53 7.22
C ILE A 401 -18.89 -30.80 5.75
N ILE A 402 -19.07 -29.81 4.90
CA ILE A 402 -18.80 -30.02 3.49
C ILE A 402 -17.65 -29.11 3.08
N ASP A 403 -16.46 -29.70 2.96
CA ASP A 403 -15.28 -28.93 2.59
C ASP A 403 -15.38 -28.35 1.18
N LYS A 404 -14.54 -27.37 0.92
CA LYS A 404 -14.52 -26.66 -0.35
C LYS A 404 -14.64 -27.52 -1.61
N ASN A 405 -15.30 -26.93 -2.61
CA ASN A 405 -15.48 -27.52 -3.93
C ASN A 405 -16.08 -28.92 -4.00
N ALA A 406 -16.99 -29.22 -3.09
CA ALA A 406 -17.62 -30.53 -3.08
C ALA A 406 -18.65 -30.64 -4.20
N ARG A 407 -18.49 -31.62 -5.07
CA ARG A 407 -19.43 -31.85 -6.15
C ARG A 407 -20.40 -32.90 -5.65
N ILE A 408 -21.55 -32.45 -5.16
CA ILE A 408 -22.55 -33.36 -4.62
C ILE A 408 -23.64 -33.65 -5.64
N GLY A 409 -23.76 -34.92 -6.01
CA GLY A 409 -24.78 -35.30 -6.97
C GLY A 409 -26.14 -34.93 -6.43
N ASP A 410 -27.17 -35.21 -7.23
CA ASP A 410 -28.54 -34.92 -6.85
C ASP A 410 -29.11 -36.08 -6.04
N ASN A 411 -30.11 -35.78 -5.20
CA ASN A 411 -30.76 -36.78 -4.37
C ASN A 411 -29.85 -37.41 -3.33
N VAL A 412 -28.74 -36.78 -3.03
CA VAL A 412 -27.82 -37.30 -2.02
C VAL A 412 -28.42 -37.06 -0.64
N LYS A 413 -28.27 -38.02 0.26
CA LYS A 413 -28.79 -37.86 1.61
C LYS A 413 -27.70 -38.15 2.62
N ILE A 414 -26.96 -37.11 3.00
CA ILE A 414 -25.91 -37.26 3.99
C ILE A 414 -26.57 -37.13 5.36
N ILE A 415 -26.94 -38.25 5.97
CA ILE A 415 -27.61 -38.23 7.26
C ILE A 415 -27.17 -39.30 8.27
N ASN A 416 -26.10 -40.01 7.94
CA ASN A 416 -25.55 -41.05 8.82
C ASN A 416 -26.68 -41.85 9.47
N LYS A 417 -27.40 -42.61 8.66
CA LYS A 417 -28.51 -43.42 9.14
C LYS A 417 -28.15 -44.36 10.28
N ASP A 418 -27.14 -45.19 10.07
CA ASP A 418 -26.70 -46.14 11.10
C ASP A 418 -26.13 -45.42 12.30
N ASN A 419 -25.94 -44.11 12.16
CA ASN A 419 -25.41 -43.29 13.24
C ASN A 419 -24.07 -43.82 13.72
N VAL A 420 -23.06 -43.72 12.87
CA VAL A 420 -21.71 -44.20 13.17
C VAL A 420 -20.83 -43.09 13.73
N GLN A 421 -20.29 -43.26 14.93
CA GLN A 421 -19.45 -42.24 15.53
C GLN A 421 -18.11 -42.06 14.81
N GLU A 422 -17.30 -43.11 14.79
CA GLU A 422 -15.99 -43.09 14.14
C GLU A 422 -16.09 -43.88 12.86
N ALA A 423 -15.59 -43.31 11.77
CA ALA A 423 -15.63 -43.99 10.48
C ALA A 423 -14.64 -43.32 9.54
N ALA A 424 -13.78 -44.13 8.91
CA ALA A 424 -12.78 -43.59 8.00
C ALA A 424 -12.89 -44.19 6.60
N ARG A 425 -13.68 -43.57 5.73
CA ARG A 425 -13.84 -44.07 4.36
C ARG A 425 -13.31 -43.05 3.37
N GLU A 426 -12.08 -42.62 3.63
CA GLU A 426 -11.38 -41.63 2.81
C GLU A 426 -11.48 -41.86 1.29
N THR A 427 -11.72 -43.10 0.87
CA THR A 427 -11.82 -43.39 -0.56
C THR A 427 -13.12 -42.94 -1.19
N ASP A 428 -14.22 -43.17 -0.47
CA ASP A 428 -15.55 -42.81 -0.94
C ASP A 428 -15.72 -41.30 -0.87
N GLY A 429 -14.67 -40.63 -0.38
CA GLY A 429 -14.67 -39.19 -0.29
C GLY A 429 -15.16 -38.54 0.99
N TYR A 430 -14.86 -39.14 2.14
CA TYR A 430 -15.32 -38.55 3.39
C TYR A 430 -14.90 -39.31 4.64
N PHE A 431 -15.08 -38.67 5.78
CA PHE A 431 -14.76 -39.26 7.07
C PHE A 431 -15.99 -39.06 7.93
N ILE A 432 -15.91 -39.53 9.16
CA ILE A 432 -16.99 -39.39 10.10
C ILE A 432 -16.38 -39.38 11.51
N LYS A 433 -16.75 -38.38 12.30
CA LYS A 433 -16.23 -38.27 13.65
C LYS A 433 -17.32 -37.77 14.57
N SER A 434 -17.42 -38.36 15.75
CA SER A 434 -18.42 -37.95 16.71
C SER A 434 -19.73 -37.70 15.95
N GLY A 435 -20.03 -38.62 15.04
CA GLY A 435 -21.26 -38.53 14.25
C GLY A 435 -21.25 -37.49 13.17
N ILE A 436 -20.14 -36.77 13.04
CA ILE A 436 -20.06 -35.74 12.03
C ILE A 436 -19.47 -36.24 10.72
N VAL A 437 -20.28 -36.16 9.68
CA VAL A 437 -19.93 -36.57 8.33
C VAL A 437 -19.23 -35.42 7.65
N THR A 438 -17.93 -35.55 7.45
CA THR A 438 -17.20 -34.47 6.80
C THR A 438 -16.76 -34.89 5.40
N VAL A 439 -17.49 -34.41 4.39
CA VAL A 439 -17.19 -34.70 2.98
C VAL A 439 -15.87 -34.03 2.64
N ILE A 440 -14.95 -34.78 2.02
CA ILE A 440 -13.63 -34.26 1.67
C ILE A 440 -13.57 -33.25 0.52
N LYS A 441 -12.69 -32.26 0.67
CA LYS A 441 -12.53 -31.23 -0.33
C LYS A 441 -12.35 -31.81 -1.73
N ASP A 442 -12.99 -31.19 -2.71
CA ASP A 442 -12.92 -31.62 -4.10
C ASP A 442 -13.69 -32.92 -4.36
N ALA A 443 -14.04 -33.62 -3.28
CA ALA A 443 -14.77 -34.88 -3.38
C ALA A 443 -16.01 -34.81 -4.25
N LEU A 444 -16.39 -35.97 -4.78
CA LEU A 444 -17.57 -36.10 -5.62
C LEU A 444 -18.41 -37.27 -5.11
N ILE A 445 -19.65 -36.97 -4.74
CA ILE A 445 -20.58 -37.97 -4.24
C ILE A 445 -21.63 -38.17 -5.35
N PRO A 446 -21.53 -39.27 -6.11
CA PRO A 446 -22.46 -39.56 -7.20
C PRO A 446 -23.93 -39.46 -6.79
N SER A 447 -24.77 -39.04 -7.73
CA SER A 447 -26.21 -38.89 -7.45
C SER A 447 -26.80 -40.14 -6.82
N GLY A 448 -27.75 -39.93 -5.90
CA GLY A 448 -28.38 -41.06 -5.24
C GLY A 448 -27.57 -41.62 -4.08
N ILE A 449 -26.27 -41.36 -4.04
CA ILE A 449 -25.46 -41.86 -2.95
C ILE A 449 -26.08 -41.57 -1.58
N ILE A 450 -25.95 -42.52 -0.65
CA ILE A 450 -26.49 -42.31 0.67
C ILE A 450 -25.44 -42.55 1.74
N ILE A 451 -25.14 -41.51 2.50
CA ILE A 451 -24.15 -41.62 3.56
C ILE A 451 -24.86 -41.55 4.90
N THR B 11 -5.67 -6.74 -29.92
CA THR B 11 -5.60 -5.58 -28.97
C THR B 11 -4.20 -5.32 -28.43
N CYS B 12 -3.76 -4.07 -28.51
CA CYS B 12 -2.45 -3.69 -28.02
C CYS B 12 -2.26 -2.17 -28.08
N LEU B 13 -2.03 -1.57 -26.92
CA LEU B 13 -1.80 -0.12 -26.82
C LEU B 13 -0.33 0.11 -26.50
N ASP B 14 0.29 1.06 -27.19
CA ASP B 14 1.71 1.33 -26.94
C ASP B 14 2.03 2.76 -27.31
N PRO B 15 2.50 3.56 -26.34
CA PRO B 15 2.74 3.22 -24.93
C PRO B 15 1.57 2.59 -24.17
N ASP B 16 1.89 2.03 -23.01
CA ASP B 16 0.91 1.37 -22.17
C ASP B 16 -0.12 2.36 -21.60
N ALA B 17 -1.40 1.99 -21.68
CA ALA B 17 -2.48 2.84 -21.19
C ALA B 17 -2.22 3.38 -19.78
N SER B 18 -1.80 2.49 -18.88
CA SER B 18 -1.51 2.83 -17.49
C SER B 18 -0.60 4.04 -17.31
N ARG B 19 0.36 4.21 -18.22
CA ARG B 19 1.29 5.33 -18.12
C ARG B 19 1.02 6.42 -19.15
N SER B 20 0.09 6.17 -20.07
CA SER B 20 -0.19 7.15 -21.09
C SER B 20 -1.58 7.78 -21.04
N VAL B 21 -2.48 7.19 -20.25
CA VAL B 21 -3.84 7.72 -20.15
C VAL B 21 -4.22 8.18 -18.74
N LEU B 22 -4.99 9.26 -18.69
CA LEU B 22 -5.48 9.86 -17.44
C LEU B 22 -6.99 9.84 -17.39
N GLY B 23 -7.53 9.10 -16.42
CA GLY B 23 -8.98 9.01 -16.26
C GLY B 23 -9.56 10.19 -15.50
N ILE B 24 -10.57 10.81 -16.08
CA ILE B 24 -11.22 11.95 -15.45
C ILE B 24 -12.70 11.66 -15.39
N ILE B 25 -13.17 11.31 -14.19
CA ILE B 25 -14.57 11.00 -13.97
C ILE B 25 -15.38 12.24 -13.57
N LEU B 26 -16.43 12.52 -14.32
CA LEU B 26 -17.29 13.67 -14.05
C LEU B 26 -18.44 13.28 -13.13
N GLY B 27 -18.17 13.35 -11.84
CA GLY B 27 -19.20 13.03 -10.86
C GLY B 27 -19.45 14.29 -10.07
N GLY B 28 -20.06 14.15 -8.90
CA GLY B 28 -20.34 15.32 -8.08
C GLY B 28 -21.22 16.25 -8.88
N GLY B 29 -20.59 17.11 -9.68
CA GLY B 29 -21.34 18.04 -10.51
C GLY B 29 -22.37 17.26 -11.31
N ALA B 30 -23.63 17.34 -10.87
CA ALA B 30 -24.71 16.63 -11.55
C ALA B 30 -26.08 17.21 -11.16
N GLY B 31 -27.12 16.70 -11.80
CA GLY B 31 -28.47 17.17 -11.53
C GLY B 31 -29.04 16.56 -10.27
N THR B 32 -29.89 17.31 -9.59
CA THR B 32 -30.52 16.83 -8.38
C THR B 32 -31.61 15.83 -8.74
N ARG B 33 -31.47 15.23 -9.92
CA ARG B 33 -32.42 14.25 -10.40
C ARG B 33 -32.42 13.02 -9.49
N LEU B 34 -31.47 12.98 -8.55
CA LEU B 34 -31.40 11.85 -7.64
C LEU B 34 -31.79 12.18 -6.20
N TYR B 35 -32.26 13.42 -6.00
CA TYR B 35 -32.70 13.87 -4.68
C TYR B 35 -33.82 12.92 -4.27
N PRO B 36 -33.95 12.64 -2.97
CA PRO B 36 -33.14 13.14 -1.86
C PRO B 36 -31.83 12.39 -1.62
N LEU B 37 -31.59 11.32 -2.38
CA LEU B 37 -30.37 10.53 -2.24
C LEU B 37 -29.09 11.36 -2.24
N THR B 38 -29.13 12.52 -2.88
CA THR B 38 -27.96 13.41 -2.93
C THR B 38 -28.10 14.60 -1.98
N LYS B 39 -29.03 14.49 -1.03
CA LYS B 39 -29.27 15.57 -0.07
C LYS B 39 -28.16 15.69 0.95
N LYS B 40 -27.83 14.58 1.59
CA LYS B 40 -26.77 14.63 2.58
C LYS B 40 -25.58 13.78 2.15
N ARG B 41 -25.00 14.10 1.00
CA ARG B 41 -23.84 13.38 0.49
C ARG B 41 -23.44 13.75 -0.93
N ALA B 42 -22.18 13.50 -1.26
CA ALA B 42 -21.67 13.76 -2.59
C ALA B 42 -22.30 12.72 -3.52
N LYS B 43 -22.76 13.13 -4.69
CA LYS B 43 -23.41 12.19 -5.60
C LYS B 43 -22.64 10.89 -5.84
N PRO B 44 -21.33 11.00 -6.13
CA PRO B 44 -20.54 9.78 -6.36
C PRO B 44 -20.70 8.75 -5.24
N ALA B 45 -20.92 9.22 -4.02
CA ALA B 45 -21.04 8.34 -2.86
C ALA B 45 -22.37 7.62 -2.70
N VAL B 46 -23.34 7.90 -3.57
CA VAL B 46 -24.65 7.27 -3.48
C VAL B 46 -24.59 5.75 -3.56
N PRO B 47 -25.09 5.06 -2.52
CA PRO B 47 -25.09 3.60 -2.46
C PRO B 47 -25.68 2.92 -3.70
N LEU B 48 -25.04 1.83 -4.12
CA LEU B 48 -25.48 1.09 -5.29
C LEU B 48 -25.30 -0.42 -5.10
N GLY B 49 -26.25 -1.18 -5.61
CA GLY B 49 -26.17 -2.62 -5.52
C GLY B 49 -26.00 -3.28 -4.15
N ALA B 50 -26.19 -2.51 -3.07
CA ALA B 50 -26.10 -3.07 -1.72
C ALA B 50 -24.71 -3.22 -1.09
N ASN B 51 -23.67 -3.28 -1.93
CA ASN B 51 -22.30 -3.43 -1.43
C ASN B 51 -21.45 -2.36 -2.07
N TYR B 52 -22.02 -1.58 -2.98
CA TYR B 52 -21.25 -0.59 -3.70
C TYR B 52 -21.72 0.86 -3.61
N ARG B 53 -21.15 1.71 -4.47
CA ARG B 53 -21.47 3.11 -4.56
C ARG B 53 -21.29 3.54 -6.03
N LEU B 54 -22.14 4.45 -6.52
CA LEU B 54 -22.06 4.88 -7.91
C LEU B 54 -20.66 5.04 -8.45
N ILE B 55 -19.81 5.71 -7.68
CA ILE B 55 -18.44 5.99 -8.08
C ILE B 55 -17.67 4.73 -8.43
N ASP B 56 -17.98 3.63 -7.77
CA ASP B 56 -17.26 2.39 -8.03
C ASP B 56 -17.32 1.85 -9.45
N ILE B 57 -18.29 2.30 -10.24
CA ILE B 57 -18.40 1.80 -11.60
C ILE B 57 -17.33 2.38 -12.53
N PRO B 58 -17.34 3.69 -12.79
CA PRO B 58 -16.30 4.18 -13.70
C PRO B 58 -14.88 3.89 -13.17
N VAL B 59 -14.70 3.97 -11.85
CA VAL B 59 -13.38 3.68 -11.26
C VAL B 59 -12.96 2.24 -11.56
N SER B 60 -13.81 1.29 -11.23
CA SER B 60 -13.52 -0.11 -11.48
C SER B 60 -13.25 -0.34 -12.95
N ASN B 61 -14.01 0.31 -13.82
CA ASN B 61 -13.80 0.13 -15.25
C ASN B 61 -12.42 0.64 -15.64
N CYS B 62 -12.02 1.79 -15.08
CA CYS B 62 -10.71 2.37 -15.37
C CYS B 62 -9.60 1.39 -14.99
N LEU B 63 -9.69 0.87 -13.77
CA LEU B 63 -8.68 -0.05 -13.26
C LEU B 63 -8.66 -1.32 -14.08
N ASN B 64 -9.85 -1.84 -14.38
CA ASN B 64 -9.94 -3.06 -15.19
C ASN B 64 -9.44 -2.81 -16.60
N SER B 65 -9.41 -1.54 -16.99
CA SER B 65 -8.96 -1.17 -18.33
C SER B 65 -7.52 -0.74 -18.30
N ASN B 66 -6.85 -1.03 -17.20
CA ASN B 66 -5.45 -0.68 -17.03
C ASN B 66 -5.21 0.83 -16.83
N ILE B 67 -6.27 1.60 -16.61
CA ILE B 67 -6.10 3.04 -16.34
C ILE B 67 -5.86 3.14 -14.83
N SER B 68 -4.68 3.57 -14.44
CA SER B 68 -4.35 3.66 -13.02
C SER B 68 -4.34 5.08 -12.48
N LYS B 69 -4.36 6.06 -13.39
CA LYS B 69 -4.35 7.47 -13.01
C LYS B 69 -5.77 8.03 -13.10
N ILE B 70 -6.50 8.00 -11.98
CA ILE B 70 -7.88 8.47 -11.96
C ILE B 70 -8.20 9.68 -11.11
N TYR B 71 -8.84 10.67 -11.73
CA TYR B 71 -9.27 11.87 -11.05
C TYR B 71 -10.80 11.85 -11.00
N VAL B 72 -11.35 11.91 -9.79
CA VAL B 72 -12.79 11.93 -9.57
C VAL B 72 -13.24 13.36 -9.28
N LEU B 73 -13.92 13.96 -10.25
CA LEU B 73 -14.43 15.32 -10.11
C LEU B 73 -15.75 15.27 -9.34
N THR B 74 -15.93 16.23 -8.43
CA THR B 74 -17.13 16.27 -7.60
C THR B 74 -17.43 17.74 -7.22
N GLN B 75 -18.67 18.02 -6.82
CA GLN B 75 -19.08 19.38 -6.45
C GLN B 75 -18.42 19.87 -5.18
N PHE B 76 -18.43 19.06 -4.13
CA PHE B 76 -17.81 19.43 -2.88
C PHE B 76 -17.12 18.22 -2.25
N ASN B 77 -16.34 18.48 -1.21
CA ASN B 77 -15.59 17.43 -0.54
C ASN B 77 -16.45 16.59 0.39
N SER B 78 -16.12 15.31 0.50
CA SER B 78 -16.83 14.38 1.36
C SER B 78 -15.80 13.53 2.03
N ALA B 79 -15.85 13.47 3.37
CA ALA B 79 -14.92 12.66 4.12
C ALA B 79 -15.30 11.20 3.87
N SER B 80 -16.59 11.00 3.60
CA SER B 80 -17.13 9.68 3.32
C SER B 80 -16.63 9.20 1.97
N LEU B 81 -16.73 10.05 0.94
CA LEU B 81 -16.26 9.67 -0.39
C LEU B 81 -14.81 9.24 -0.33
N ASN B 82 -14.00 10.11 0.26
CA ASN B 82 -12.57 9.88 0.41
C ASN B 82 -12.25 8.57 1.09
N ARG B 83 -12.71 8.41 2.33
CA ARG B 83 -12.47 7.19 3.10
C ARG B 83 -12.79 5.97 2.24
N HIS B 84 -13.86 6.08 1.46
CA HIS B 84 -14.30 5.00 0.59
C HIS B 84 -13.30 4.74 -0.51
N LEU B 85 -12.93 5.82 -1.20
CA LEU B 85 -11.99 5.71 -2.30
C LEU B 85 -10.58 5.43 -1.79
N SER B 86 -10.26 6.00 -0.64
CA SER B 86 -8.93 5.83 -0.05
C SER B 86 -8.74 4.40 0.47
N ARG B 87 -9.74 3.90 1.17
CA ARG B 87 -9.70 2.55 1.73
C ARG B 87 -9.88 1.43 0.69
N ALA B 88 -10.46 1.75 -0.47
CA ALA B 88 -10.69 0.76 -1.50
C ALA B 88 -9.76 0.80 -2.71
N TYR B 89 -9.11 1.94 -2.93
CA TYR B 89 -8.22 2.06 -4.08
C TYR B 89 -6.84 2.65 -3.79
N ALA B 90 -6.75 3.60 -2.87
CA ALA B 90 -5.47 4.23 -2.53
C ALA B 90 -4.34 3.21 -2.39
N SER B 91 -3.73 2.89 -3.53
CA SER B 91 -2.63 1.94 -3.59
C SER B 91 -2.20 1.81 -5.05
N ASN B 92 -3.20 1.88 -5.94
CA ASN B 92 -3.00 1.77 -7.38
C ASN B 92 -3.98 2.64 -8.17
N ASN B 98 4.02 1.16 -7.34
CA ASN B 98 3.47 1.37 -8.68
C ASN B 98 3.66 2.81 -9.17
N GLU B 99 2.56 3.53 -9.36
CA GLU B 99 2.60 4.92 -9.83
C GLU B 99 1.21 5.51 -10.03
N GLY B 100 0.18 4.71 -9.74
CA GLY B 100 -1.20 5.18 -9.88
C GLY B 100 -1.75 5.93 -8.68
N PHE B 101 -2.96 6.46 -8.85
CA PHE B 101 -3.64 7.21 -7.80
C PHE B 101 -5.12 7.41 -8.16
N VAL B 102 -5.92 7.76 -7.15
CA VAL B 102 -7.35 8.04 -7.34
C VAL B 102 -7.64 9.22 -6.44
N GLU B 103 -7.58 10.41 -7.00
CA GLU B 103 -7.79 11.63 -6.24
C GLU B 103 -9.11 12.32 -6.57
N VAL B 104 -9.79 12.82 -5.54
CA VAL B 104 -11.05 13.53 -5.68
C VAL B 104 -10.81 15.02 -5.81
N LEU B 105 -11.22 15.58 -6.93
CA LEU B 105 -11.05 17.01 -7.16
C LEU B 105 -12.43 17.63 -7.01
N ALA B 106 -12.55 18.58 -6.07
CA ALA B 106 -13.82 19.24 -5.78
C ALA B 106 -13.98 20.62 -6.38
N ALA B 107 -15.15 20.84 -6.98
CA ALA B 107 -15.47 22.12 -7.61
C ALA B 107 -15.48 23.31 -6.64
N GLN B 108 -16.22 23.19 -5.54
CA GLN B 108 -16.34 24.27 -4.57
C GLN B 108 -15.82 23.94 -3.17
N GLN B 109 -15.86 24.95 -2.30
CA GLN B 109 -15.39 24.79 -0.92
C GLN B 109 -16.49 24.51 0.09
N SER B 110 -17.72 24.37 -0.39
CA SER B 110 -18.83 24.11 0.52
C SER B 110 -19.99 23.43 -0.18
N PRO B 111 -20.86 22.77 0.59
CA PRO B 111 -22.01 22.07 0.03
C PRO B 111 -23.19 23.00 -0.29
N GLU B 112 -23.03 24.29 -0.01
CA GLU B 112 -24.09 25.26 -0.24
C GLU B 112 -24.09 25.91 -1.63
N ASN B 113 -25.21 25.77 -2.35
CA ASN B 113 -25.41 26.32 -3.69
C ASN B 113 -26.01 25.26 -4.61
N GLN B 118 -22.93 23.88 -12.58
CA GLN B 118 -21.60 24.26 -13.06
C GLN B 118 -21.41 24.08 -14.58
N GLY B 119 -21.34 22.84 -15.04
CA GLY B 119 -21.15 22.58 -16.46
C GLY B 119 -19.91 21.74 -16.74
N THR B 120 -20.12 20.56 -17.32
CA THR B 120 -19.04 19.62 -17.62
C THR B 120 -17.72 20.22 -18.11
N ALA B 121 -17.76 20.95 -19.22
CA ALA B 121 -16.53 21.54 -19.73
C ALA B 121 -15.94 22.46 -18.66
N ASP B 122 -16.81 23.16 -17.94
CA ASP B 122 -16.37 24.05 -16.86
C ASP B 122 -15.62 23.25 -15.82
N ALA B 123 -16.26 22.16 -15.38
CA ALA B 123 -15.69 21.28 -14.37
C ALA B 123 -14.26 20.90 -14.68
N VAL B 124 -14.03 20.43 -15.90
CA VAL B 124 -12.70 20.02 -16.32
C VAL B 124 -11.76 21.19 -16.41
N ARG B 125 -12.20 22.23 -17.09
CA ARG B 125 -11.38 23.42 -17.26
C ARG B 125 -10.85 23.97 -15.95
N GLN B 126 -11.66 23.91 -14.90
CA GLN B 126 -11.25 24.43 -13.60
C GLN B 126 -9.90 23.85 -13.15
N TYR B 127 -9.70 22.57 -13.46
CA TYR B 127 -8.48 21.88 -13.10
C TYR B 127 -7.59 21.54 -14.26
N LEU B 128 -7.62 22.36 -15.31
CA LEU B 128 -6.79 22.09 -16.47
C LEU B 128 -5.33 22.25 -16.04
N TRP B 129 -5.08 23.17 -15.13
CA TRP B 129 -3.73 23.43 -14.63
C TRP B 129 -3.11 22.18 -13.99
N LEU B 130 -3.94 21.29 -13.45
CA LEU B 130 -3.48 20.08 -12.80
C LEU B 130 -3.34 18.95 -13.80
N PHE B 131 -4.28 18.90 -14.72
CA PHE B 131 -4.34 17.90 -15.78
C PHE B 131 -3.15 18.00 -16.71
N GLU B 132 -2.89 19.21 -17.16
CA GLU B 132 -1.80 19.46 -18.10
C GLU B 132 -0.42 19.17 -17.54
N GLU B 133 -0.34 18.60 -16.35
CA GLU B 133 0.95 18.33 -15.75
C GLU B 133 1.42 16.90 -15.98
N HIS B 134 0.46 16.01 -16.12
CA HIS B 134 0.77 14.60 -16.34
C HIS B 134 1.22 14.33 -17.78
N THR B 135 2.30 13.57 -17.91
CA THR B 135 2.80 13.22 -19.23
C THR B 135 1.89 12.09 -19.69
N VAL B 136 0.97 12.42 -20.59
CA VAL B 136 0.03 11.43 -21.11
C VAL B 136 -0.35 11.78 -22.54
N LEU B 137 -0.90 10.81 -23.26
CA LEU B 137 -1.28 11.06 -24.63
C LEU B 137 -2.72 11.52 -24.74
N GLU B 138 -3.60 10.84 -23.99
CA GLU B 138 -5.03 11.16 -24.00
C GLU B 138 -5.65 11.32 -22.60
N TYR B 139 -6.82 11.95 -22.59
CA TYR B 139 -7.58 12.15 -21.36
C TYR B 139 -8.85 11.34 -21.58
N LEU B 140 -9.21 10.52 -20.60
CA LEU B 140 -10.41 9.73 -20.72
C LEU B 140 -11.50 10.45 -19.94
N ILE B 141 -12.40 11.11 -20.66
CA ILE B 141 -13.47 11.84 -20.03
C ILE B 141 -14.69 10.96 -19.82
N LEU B 142 -14.95 10.57 -18.58
CA LEU B 142 -16.12 9.75 -18.27
C LEU B 142 -17.14 10.55 -17.47
N ALA B 143 -18.31 10.76 -18.05
CA ALA B 143 -19.36 11.54 -17.39
C ALA B 143 -20.71 10.84 -17.35
N GLY B 144 -21.61 11.37 -16.51
CA GLY B 144 -22.93 10.78 -16.37
C GLY B 144 -23.01 9.68 -15.33
N ASP B 145 -24.20 9.10 -15.18
CA ASP B 145 -24.42 8.02 -14.23
C ASP B 145 -25.00 6.80 -14.93
N HIS B 146 -24.15 5.80 -15.16
CA HIS B 146 -24.59 4.59 -15.83
C HIS B 146 -23.99 3.31 -15.26
N LEU B 147 -24.71 2.21 -15.49
CA LEU B 147 -24.27 0.90 -15.06
C LEU B 147 -23.88 0.22 -16.35
N TYR B 148 -22.57 0.17 -16.62
CA TYR B 148 -22.06 -0.44 -17.82
C TYR B 148 -20.66 -0.98 -17.59
N ARG B 149 -20.32 -2.04 -18.32
CA ARG B 149 -19.00 -2.63 -18.21
C ARG B 149 -18.28 -2.46 -19.54
N MET B 150 -17.34 -1.52 -19.60
CA MET B 150 -16.58 -1.28 -20.83
C MET B 150 -15.09 -1.43 -20.60
N ASP B 151 -14.37 -1.80 -21.65
CA ASP B 151 -12.91 -1.92 -21.59
C ASP B 151 -12.38 -0.77 -22.41
N TYR B 152 -12.17 0.35 -21.74
CA TYR B 152 -11.69 1.56 -22.37
C TYR B 152 -10.47 1.40 -23.26
N GLU B 153 -9.77 0.28 -23.13
CA GLU B 153 -8.57 0.05 -23.92
C GLU B 153 -8.83 -0.01 -25.41
N LYS B 154 -9.82 -0.81 -25.80
CA LYS B 154 -10.17 -0.94 -27.22
C LYS B 154 -10.58 0.43 -27.74
N PHE B 155 -11.26 1.21 -26.90
CA PHE B 155 -11.72 2.56 -27.22
C PHE B 155 -10.52 3.48 -27.44
N ILE B 156 -9.48 3.34 -26.60
CA ILE B 156 -8.28 4.15 -26.75
C ILE B 156 -7.55 3.79 -28.05
N GLN B 157 -7.41 2.48 -28.30
CA GLN B 157 -6.73 1.97 -29.50
C GLN B 157 -7.33 2.59 -30.77
N ALA B 158 -8.67 2.61 -30.83
CA ALA B 158 -9.36 3.18 -31.98
C ALA B 158 -8.97 4.64 -32.10
N HIS B 159 -8.98 5.33 -30.97
CA HIS B 159 -8.61 6.74 -30.96
C HIS B 159 -7.25 6.99 -31.61
N ARG B 160 -6.30 6.11 -31.32
CA ARG B 160 -4.96 6.24 -31.87
C ARG B 160 -4.80 5.76 -33.30
N GLU B 161 -5.37 4.60 -33.60
CA GLU B 161 -5.26 4.05 -34.94
C GLU B 161 -6.07 4.84 -35.96
N THR B 162 -6.44 6.07 -35.60
CA THR B 162 -7.21 6.90 -36.49
C THR B 162 -6.75 8.35 -36.41
N ASP B 163 -5.62 8.56 -35.75
CA ASP B 163 -5.09 9.91 -35.59
C ASP B 163 -6.22 10.87 -35.25
N ALA B 164 -7.13 10.39 -34.40
CA ALA B 164 -8.28 11.18 -33.98
C ALA B 164 -7.84 12.22 -32.96
N ASP B 165 -8.56 13.33 -32.89
CA ASP B 165 -8.25 14.39 -31.92
C ASP B 165 -9.22 14.19 -30.76
N ILE B 166 -10.39 13.67 -31.11
CA ILE B 166 -11.44 13.38 -30.16
C ILE B 166 -12.13 12.12 -30.66
N THR B 167 -12.31 11.15 -29.78
CA THR B 167 -12.99 9.93 -30.16
C THR B 167 -14.21 9.84 -29.26
N VAL B 168 -15.38 9.93 -29.86
CA VAL B 168 -16.63 9.89 -29.10
C VAL B 168 -17.27 8.52 -29.06
N ALA B 169 -17.52 8.02 -27.85
CA ALA B 169 -18.16 6.71 -27.69
C ALA B 169 -19.63 6.85 -28.07
N ALA B 170 -20.11 5.97 -28.95
CA ALA B 170 -21.49 6.05 -29.42
C ALA B 170 -22.33 4.82 -29.16
N LEU B 171 -23.61 5.07 -28.87
CA LEU B 171 -24.55 4.01 -28.60
C LEU B 171 -25.51 3.88 -29.79
N PRO B 172 -25.67 2.67 -30.34
CA PRO B 172 -26.56 2.44 -31.47
C PRO B 172 -27.99 2.22 -31.01
N MET B 173 -28.95 2.57 -31.86
CA MET B 173 -30.36 2.42 -31.53
C MET B 173 -31.27 2.61 -32.73
N ASP B 174 -32.38 1.87 -32.75
CA ASP B 174 -33.36 1.99 -33.84
C ASP B 174 -34.03 3.36 -33.77
N GLU B 175 -34.69 3.76 -34.86
CA GLU B 175 -35.32 5.07 -34.91
C GLU B 175 -36.39 5.34 -33.85
N LYS B 176 -36.73 4.33 -33.07
CA LYS B 176 -37.71 4.52 -32.01
C LYS B 176 -37.10 5.42 -30.96
N ARG B 177 -36.37 4.83 -30.02
CA ARG B 177 -35.72 5.57 -28.94
C ARG B 177 -34.65 6.53 -29.46
N ALA B 178 -34.52 6.61 -30.78
CA ALA B 178 -33.53 7.48 -31.41
C ALA B 178 -33.83 8.96 -31.21
N THR B 179 -35.09 9.33 -31.38
CA THR B 179 -35.49 10.74 -31.21
C THR B 179 -35.52 11.12 -29.73
N ALA B 180 -34.95 10.26 -28.89
CA ALA B 180 -34.92 10.50 -27.46
C ALA B 180 -33.56 11.06 -27.02
N PHE B 181 -32.53 10.81 -27.82
CA PHE B 181 -31.19 11.28 -27.51
C PHE B 181 -30.65 12.25 -28.57
N GLY B 182 -29.38 12.60 -28.42
CA GLY B 182 -28.73 13.48 -29.37
C GLY B 182 -28.06 12.56 -30.38
N LEU B 183 -28.26 12.83 -31.67
CA LEU B 183 -27.69 11.98 -32.70
C LEU B 183 -26.51 12.56 -33.46
N MET B 184 -25.61 11.66 -33.87
CA MET B 184 -24.44 12.03 -34.61
C MET B 184 -24.54 11.46 -36.01
N LYS B 185 -23.80 12.07 -36.93
CA LYS B 185 -23.77 11.65 -38.32
C LYS B 185 -22.29 11.36 -38.65
N ILE B 186 -22.04 10.23 -39.30
CA ILE B 186 -20.67 9.83 -39.66
C ILE B 186 -20.49 9.72 -41.17
N ASP B 187 -19.24 9.86 -41.62
CA ASP B 187 -18.95 9.73 -43.03
C ASP B 187 -18.40 8.34 -43.29
N GLU B 188 -17.87 8.11 -44.48
CA GLU B 188 -17.29 6.83 -44.87
C GLU B 188 -16.37 6.20 -43.82
N GLU B 189 -15.54 7.03 -43.18
CA GLU B 189 -14.60 6.57 -42.17
C GLU B 189 -15.12 6.52 -40.73
N GLY B 190 -16.28 7.13 -40.48
CA GLY B 190 -16.84 7.13 -39.14
C GLY B 190 -16.51 8.40 -38.40
N ARG B 191 -16.03 9.38 -39.16
CA ARG B 191 -15.66 10.67 -38.62
C ARG B 191 -16.96 11.44 -38.40
N ILE B 192 -17.21 11.86 -37.15
CA ILE B 192 -18.43 12.59 -36.84
C ILE B 192 -18.51 13.87 -37.65
N ILE B 193 -19.58 14.00 -38.44
CA ILE B 193 -19.76 15.18 -39.29
C ILE B 193 -20.95 16.08 -38.95
N GLU B 194 -21.83 15.66 -38.06
CA GLU B 194 -22.99 16.50 -37.73
C GLU B 194 -23.74 16.00 -36.49
N PHE B 195 -24.49 16.90 -35.85
CA PHE B 195 -25.23 16.54 -34.65
C PHE B 195 -26.71 16.91 -34.74
N ALA B 196 -27.48 16.47 -33.75
CA ALA B 196 -28.91 16.76 -33.72
C ALA B 196 -29.56 16.28 -32.43
N GLU B 197 -30.48 17.07 -31.90
CA GLU B 197 -31.18 16.72 -30.66
C GLU B 197 -32.65 16.37 -30.93
N LYS B 198 -32.96 15.08 -30.92
CA LYS B 198 -34.34 14.64 -31.14
C LYS B 198 -34.92 15.32 -32.38
N PRO B 199 -34.38 15.02 -33.58
CA PRO B 199 -34.79 15.57 -34.87
C PRO B 199 -36.21 15.28 -35.32
N GLN B 200 -37.13 15.35 -34.37
CA GLN B 200 -38.56 15.12 -34.60
C GLN B 200 -38.83 14.04 -35.66
N GLY B 201 -38.92 14.45 -36.93
CA GLY B 201 -39.19 13.48 -37.99
C GLY B 201 -38.79 13.92 -39.38
N GLU B 202 -39.23 15.11 -39.77
CA GLU B 202 -38.91 15.64 -41.09
C GLU B 202 -37.40 15.61 -41.33
N GLN B 203 -36.63 15.91 -40.29
CA GLN B 203 -35.17 15.94 -40.40
C GLN B 203 -34.45 14.87 -39.56
N LEU B 204 -35.14 13.77 -39.29
CA LEU B 204 -34.54 12.67 -38.51
C LEU B 204 -33.81 11.71 -39.43
N GLN B 205 -34.51 11.27 -40.48
CA GLN B 205 -33.96 10.34 -41.45
C GLN B 205 -32.57 10.78 -41.97
N ALA B 206 -32.34 12.08 -41.98
CA ALA B 206 -31.06 12.61 -42.45
C ALA B 206 -29.94 12.07 -41.59
N MET B 207 -30.26 11.76 -40.33
CA MET B 207 -29.28 11.25 -39.38
C MET B 207 -29.03 9.74 -39.53
N LYS B 208 -29.82 9.08 -40.36
CA LYS B 208 -29.66 7.64 -40.56
C LYS B 208 -28.39 7.37 -41.37
N VAL B 209 -27.48 6.62 -40.77
CA VAL B 209 -26.21 6.24 -41.39
C VAL B 209 -26.20 4.73 -41.29
N ASP B 210 -25.36 4.04 -42.06
CA ASP B 210 -25.32 2.60 -41.90
C ASP B 210 -24.18 2.33 -40.93
N THR B 211 -24.57 1.89 -39.75
CA THR B 211 -23.65 1.64 -38.67
C THR B 211 -22.66 0.48 -38.86
N THR B 212 -22.73 -0.19 -39.99
CA THR B 212 -21.79 -1.29 -40.22
C THR B 212 -20.39 -0.71 -40.24
N ILE B 213 -20.30 0.57 -40.63
CA ILE B 213 -19.04 1.29 -40.69
C ILE B 213 -18.33 1.31 -39.33
N LEU B 214 -19.10 1.07 -38.26
CA LEU B 214 -18.56 1.10 -36.91
C LEU B 214 -18.38 -0.27 -36.27
N GLY B 215 -18.72 -1.33 -37.00
CA GLY B 215 -18.55 -2.66 -36.47
C GLY B 215 -19.77 -3.55 -36.35
N LEU B 216 -20.96 -2.99 -36.62
CA LEU B 216 -22.18 -3.79 -36.54
C LEU B 216 -22.35 -4.64 -37.80
N ASP B 217 -22.97 -5.81 -37.65
CA ASP B 217 -23.21 -6.69 -38.78
C ASP B 217 -24.47 -6.24 -39.51
N ASP B 218 -24.42 -6.29 -40.84
CA ASP B 218 -25.54 -5.88 -41.68
C ASP B 218 -26.90 -6.14 -41.05
N LYS B 219 -27.04 -7.26 -40.37
CA LYS B 219 -28.30 -7.60 -39.71
C LYS B 219 -28.74 -6.50 -38.74
N ARG B 220 -28.08 -6.43 -37.60
CA ARG B 220 -28.42 -5.45 -36.57
C ARG B 220 -28.18 -3.99 -36.96
N ALA B 221 -27.34 -3.75 -37.97
CA ALA B 221 -27.07 -2.40 -38.42
C ALA B 221 -28.29 -1.82 -39.13
N LYS B 222 -29.06 -2.70 -39.75
CA LYS B 222 -30.27 -2.30 -40.47
C LYS B 222 -31.39 -2.09 -39.45
N GLU B 223 -31.19 -2.65 -38.26
CA GLU B 223 -32.16 -2.54 -37.18
C GLU B 223 -31.87 -1.26 -36.40
N MET B 224 -30.58 -1.00 -36.16
CA MET B 224 -30.13 0.17 -35.42
C MET B 224 -29.28 1.07 -36.29
N PRO B 225 -29.91 1.83 -37.19
CA PRO B 225 -29.22 2.75 -38.10
C PRO B 225 -28.91 4.12 -37.51
N PHE B 226 -29.02 4.26 -36.19
CA PHE B 226 -28.76 5.54 -35.55
C PHE B 226 -27.70 5.47 -34.46
N ILE B 227 -26.91 6.53 -34.32
CA ILE B 227 -25.85 6.58 -33.31
C ILE B 227 -25.99 7.79 -32.38
N ALA B 228 -25.97 7.52 -31.08
CA ALA B 228 -26.09 8.56 -30.07
C ALA B 228 -24.88 8.68 -29.15
N SER B 229 -24.48 9.92 -28.89
CA SER B 229 -23.36 10.18 -28.01
C SER B 229 -23.62 9.50 -26.67
N MET B 230 -22.56 8.94 -26.09
CA MET B 230 -22.65 8.25 -24.81
C MET B 230 -22.12 9.10 -23.69
N GLY B 231 -21.62 10.28 -24.03
CA GLY B 231 -21.11 11.17 -23.02
C GLY B 231 -19.79 10.72 -22.43
N ILE B 232 -18.99 10.01 -23.20
CA ILE B 232 -17.69 9.60 -22.70
C ILE B 232 -16.73 9.69 -23.86
N TYR B 233 -15.61 10.40 -23.66
CA TYR B 233 -14.67 10.56 -24.73
C TYR B 233 -13.21 10.33 -24.40
N VAL B 234 -12.42 10.43 -25.45
CA VAL B 234 -10.99 10.31 -25.39
C VAL B 234 -10.54 11.51 -26.19
N ILE B 235 -9.70 12.35 -25.59
CA ILE B 235 -9.24 13.53 -26.29
C ILE B 235 -7.72 13.61 -26.14
N SER B 236 -7.05 13.98 -27.23
CA SER B 236 -5.60 14.09 -27.17
C SER B 236 -5.22 15.19 -26.20
N LYS B 237 -4.25 14.90 -25.36
CA LYS B 237 -3.76 15.82 -24.35
C LYS B 237 -3.66 17.26 -24.85
N ASP B 238 -3.12 17.43 -26.06
CA ASP B 238 -2.97 18.76 -26.62
C ASP B 238 -4.28 19.35 -27.11
N VAL B 239 -5.14 18.51 -27.68
CA VAL B 239 -6.40 19.01 -28.18
C VAL B 239 -7.21 19.62 -27.07
N MET B 240 -7.53 18.82 -26.07
CA MET B 240 -8.32 19.29 -24.94
C MET B 240 -7.77 20.59 -24.36
N LEU B 241 -6.47 20.64 -24.17
CA LEU B 241 -5.87 21.84 -23.63
C LEU B 241 -6.21 23.01 -24.55
N ASN B 242 -6.01 22.82 -25.86
CA ASN B 242 -6.32 23.89 -26.82
C ASN B 242 -7.82 24.19 -26.91
N LEU B 243 -8.65 23.16 -26.87
CA LEU B 243 -10.08 23.37 -26.94
C LEU B 243 -10.61 24.16 -25.75
N LEU B 244 -10.32 23.69 -24.55
CA LEU B 244 -10.80 24.37 -23.34
C LEU B 244 -10.12 25.70 -23.10
N ARG B 245 -8.80 25.71 -23.23
CA ARG B 245 -8.00 26.91 -22.97
C ARG B 245 -8.03 27.99 -24.06
N ASP B 246 -8.30 27.62 -25.31
CA ASP B 246 -8.28 28.62 -26.38
C ASP B 246 -9.45 28.70 -27.36
N LYS B 247 -9.68 27.64 -28.11
CA LYS B 247 -10.75 27.68 -29.10
C LYS B 247 -12.11 28.04 -28.51
N PHE B 248 -12.53 27.31 -27.48
CA PHE B 248 -13.81 27.58 -26.83
C PHE B 248 -13.59 27.73 -25.32
N PRO B 249 -13.07 28.88 -24.89
CA PRO B 249 -12.83 29.11 -23.46
C PRO B 249 -14.08 29.42 -22.66
N GLY B 250 -15.15 29.79 -23.35
CA GLY B 250 -16.38 30.12 -22.63
C GLY B 250 -17.47 29.07 -22.59
N ALA B 251 -17.22 27.88 -23.13
CA ALA B 251 -18.23 26.82 -23.16
C ALA B 251 -18.50 26.15 -21.81
N ASN B 252 -19.67 25.52 -21.70
CA ASN B 252 -20.08 24.83 -20.45
C ASN B 252 -20.10 23.31 -20.53
N ASP B 253 -20.84 22.76 -21.49
CA ASP B 253 -20.94 21.31 -21.65
C ASP B 253 -20.02 20.85 -22.78
N PHE B 254 -19.79 19.54 -22.86
CA PHE B 254 -18.97 18.98 -23.93
C PHE B 254 -19.90 18.62 -25.08
N GLY B 255 -20.73 17.62 -24.85
CA GLY B 255 -21.67 17.18 -25.87
C GLY B 255 -22.78 18.17 -26.13
N SER B 256 -22.42 19.28 -26.75
CA SER B 256 -23.35 20.35 -27.07
C SER B 256 -22.53 21.54 -27.53
N GLU B 257 -21.35 21.71 -26.93
CA GLU B 257 -20.47 22.82 -27.28
C GLU B 257 -19.08 22.41 -27.75
N VAL B 258 -18.24 21.90 -26.86
CA VAL B 258 -16.88 21.53 -27.24
C VAL B 258 -16.81 20.57 -28.43
N ILE B 259 -17.39 19.38 -28.27
CA ILE B 259 -17.40 18.37 -29.33
C ILE B 259 -17.91 18.91 -30.67
N PRO B 260 -19.10 19.55 -30.67
CA PRO B 260 -19.64 20.09 -31.91
C PRO B 260 -18.72 21.17 -32.48
N GLY B 261 -18.16 21.97 -31.58
CA GLY B 261 -17.28 23.06 -31.98
C GLY B 261 -15.95 22.62 -32.57
N ALA B 262 -15.38 21.54 -32.03
CA ALA B 262 -14.12 21.02 -32.53
C ALA B 262 -14.38 20.46 -33.92
N THR B 263 -15.64 20.12 -34.18
CA THR B 263 -16.06 19.61 -35.48
C THR B 263 -16.05 20.74 -36.50
N SER B 264 -16.60 21.87 -36.12
CA SER B 264 -16.67 23.05 -36.99
C SER B 264 -15.27 23.51 -37.36
N LEU B 265 -14.31 23.26 -36.48
CA LEU B 265 -12.93 23.65 -36.72
C LEU B 265 -12.26 22.62 -37.60
N GLY B 266 -13.02 21.60 -37.99
CA GLY B 266 -12.50 20.55 -38.84
C GLY B 266 -11.55 19.55 -38.20
N MET B 267 -11.62 19.38 -36.88
CA MET B 267 -10.75 18.43 -36.21
C MET B 267 -11.22 17.00 -36.45
N ARG B 268 -10.31 16.05 -36.21
CA ARG B 268 -10.63 14.65 -36.40
C ARG B 268 -11.47 14.16 -35.23
N VAL B 269 -12.79 14.33 -35.33
CA VAL B 269 -13.65 13.81 -34.28
C VAL B 269 -14.16 12.47 -34.80
N GLN B 270 -13.71 11.40 -34.15
CA GLN B 270 -14.05 10.04 -34.52
C GLN B 270 -15.09 9.39 -33.61
N ALA B 271 -15.84 8.45 -34.15
CA ALA B 271 -16.85 7.75 -33.38
C ALA B 271 -16.37 6.34 -33.09
N TYR B 272 -16.83 5.79 -31.98
CA TYR B 272 -16.48 4.43 -31.56
C TYR B 272 -17.79 3.83 -31.05
N LEU B 273 -18.15 2.66 -31.55
CA LEU B 273 -19.42 2.09 -31.13
C LEU B 273 -19.34 1.08 -30.00
N TYR B 274 -20.10 1.32 -28.94
CA TYR B 274 -20.14 0.42 -27.80
C TYR B 274 -21.37 -0.48 -27.90
N ASP B 275 -21.12 -1.77 -28.11
CA ASP B 275 -22.23 -2.70 -28.22
C ASP B 275 -22.28 -3.59 -26.98
N GLY B 276 -22.59 -2.97 -25.85
CA GLY B 276 -22.67 -3.71 -24.61
C GLY B 276 -23.85 -3.22 -23.80
N TYR B 277 -23.99 -3.73 -22.59
CA TYR B 277 -25.07 -3.33 -21.72
C TYR B 277 -24.88 -1.89 -21.25
N TRP B 278 -25.93 -1.08 -21.29
CA TRP B 278 -25.85 0.32 -20.86
C TRP B 278 -27.18 0.83 -20.34
N GLU B 279 -27.31 0.88 -19.01
CA GLU B 279 -28.55 1.34 -18.39
C GLU B 279 -28.28 2.65 -17.67
N ASP B 280 -28.99 3.70 -18.05
CA ASP B 280 -28.84 5.00 -17.40
C ASP B 280 -29.54 4.97 -16.03
N ILE B 281 -28.98 5.70 -15.05
CA ILE B 281 -29.57 5.74 -13.71
C ILE B 281 -29.47 7.09 -13.02
N GLY B 282 -29.72 8.17 -13.77
CA GLY B 282 -29.67 9.51 -13.20
C GLY B 282 -30.98 9.98 -12.59
N THR B 283 -31.99 9.10 -12.55
CA THR B 283 -33.28 9.45 -11.98
C THR B 283 -33.77 8.38 -11.01
N ILE B 284 -34.58 8.80 -10.04
CA ILE B 284 -35.08 7.88 -9.05
C ILE B 284 -35.64 6.61 -9.65
N GLU B 285 -36.46 6.72 -10.69
CA GLU B 285 -37.05 5.50 -11.27
C GLU B 285 -36.02 4.61 -11.96
N ALA B 286 -35.21 5.22 -12.81
CA ALA B 286 -34.17 4.49 -13.54
C ALA B 286 -33.28 3.75 -12.54
N PHE B 287 -32.86 4.49 -11.52
CA PHE B 287 -31.98 3.96 -10.46
C PHE B 287 -32.71 2.84 -9.71
N TYR B 288 -33.94 3.12 -9.31
CA TYR B 288 -34.74 2.13 -8.61
C TYR B 288 -34.76 0.83 -9.39
N ASN B 289 -35.21 0.92 -10.63
CA ASN B 289 -35.32 -0.26 -11.50
C ASN B 289 -33.96 -0.89 -11.79
N ALA B 290 -32.94 -0.07 -11.96
CA ALA B 290 -31.60 -0.60 -12.22
C ALA B 290 -31.19 -1.52 -11.07
N ASN B 291 -31.41 -1.06 -9.83
CA ASN B 291 -31.06 -1.84 -8.65
C ASN B 291 -31.87 -3.10 -8.46
N LEU B 292 -33.15 -3.07 -8.77
CA LEU B 292 -33.94 -4.27 -8.61
C LEU B 292 -33.58 -5.22 -9.74
N GLY B 293 -32.73 -4.72 -10.64
CA GLY B 293 -32.30 -5.50 -11.78
C GLY B 293 -31.49 -6.77 -11.54
N ILE B 294 -30.63 -6.78 -10.50
CA ILE B 294 -29.81 -7.97 -10.22
C ILE B 294 -30.60 -9.11 -9.59
N THR B 295 -31.89 -8.89 -9.43
CA THR B 295 -32.75 -9.91 -8.86
C THR B 295 -33.55 -10.48 -10.03
N LYS B 296 -33.03 -10.23 -11.23
CA LYS B 296 -33.64 -10.67 -12.49
C LYS B 296 -33.41 -12.14 -12.78
N LYS B 297 -34.43 -12.77 -13.37
CA LYS B 297 -34.40 -14.19 -13.72
C LYS B 297 -34.30 -14.45 -15.23
N PRO B 298 -33.46 -15.42 -15.63
CA PRO B 298 -32.62 -16.23 -14.73
C PRO B 298 -31.24 -15.59 -14.60
N VAL B 299 -30.94 -14.67 -15.51
CA VAL B 299 -29.66 -13.98 -15.52
C VAL B 299 -29.83 -12.46 -15.60
N PRO B 300 -29.25 -11.75 -14.64
CA PRO B 300 -29.36 -10.29 -14.64
C PRO B 300 -28.45 -9.77 -15.76
N ASP B 301 -28.98 -8.93 -16.63
CA ASP B 301 -28.19 -8.41 -17.76
C ASP B 301 -26.85 -7.80 -17.33
N PHE B 302 -26.84 -7.16 -16.17
CA PHE B 302 -25.60 -6.60 -15.66
C PHE B 302 -25.25 -7.31 -14.36
N SER B 303 -23.99 -7.67 -14.23
CA SER B 303 -23.53 -8.34 -13.02
C SER B 303 -22.40 -7.51 -12.46
N PHE B 304 -22.45 -7.27 -11.15
CA PHE B 304 -21.41 -6.48 -10.49
C PHE B 304 -20.13 -7.29 -10.45
N TYR B 305 -20.26 -8.57 -10.13
CA TYR B 305 -19.13 -9.45 -10.09
C TYR B 305 -18.82 -10.00 -11.48
N ASP B 306 -17.53 -10.11 -11.76
CA ASP B 306 -17.05 -10.64 -13.02
C ASP B 306 -15.72 -11.30 -12.69
N ARG B 307 -15.48 -12.47 -13.26
CA ARG B 307 -14.24 -13.19 -13.00
C ARG B 307 -13.03 -12.36 -13.42
N SER B 308 -13.18 -11.61 -14.51
CA SER B 308 -12.08 -10.78 -15.02
C SER B 308 -12.20 -9.29 -14.70
N ALA B 309 -13.34 -8.68 -15.01
CA ALA B 309 -13.55 -7.27 -14.75
C ALA B 309 -14.62 -7.03 -13.69
N PRO B 310 -14.35 -7.42 -12.43
CA PRO B 310 -15.31 -7.24 -11.33
C PRO B 310 -15.34 -5.80 -10.85
N ILE B 311 -16.43 -5.41 -10.20
CA ILE B 311 -16.53 -4.05 -9.67
C ILE B 311 -16.00 -4.11 -8.24
N TYR B 312 -15.07 -3.22 -7.90
CA TYR B 312 -14.50 -3.25 -6.55
C TYR B 312 -15.14 -2.29 -5.55
N THR B 313 -14.87 -2.51 -4.28
CA THR B 313 -15.42 -1.63 -3.27
C THR B 313 -14.56 -1.63 -2.02
N GLN B 314 -15.00 -0.88 -1.02
CA GLN B 314 -14.30 -0.74 0.25
C GLN B 314 -14.26 -2.06 1.03
N PRO B 315 -13.07 -2.53 1.42
CA PRO B 315 -13.04 -3.77 2.19
C PRO B 315 -13.60 -3.41 3.56
N ARG B 316 -14.57 -4.18 4.03
CA ARG B 316 -15.17 -3.83 5.31
C ARG B 316 -15.03 -4.86 6.41
N TYR B 317 -14.81 -6.10 6.03
CA TYR B 317 -14.65 -7.16 7.03
C TYR B 317 -15.87 -7.34 7.89
N LEU B 318 -17.05 -7.19 7.31
CA LEU B 318 -18.28 -7.36 8.04
C LEU B 318 -18.49 -8.87 8.19
N PRO B 319 -19.26 -9.27 9.21
CA PRO B 319 -19.50 -10.70 9.39
C PRO B 319 -20.45 -11.28 8.33
N PRO B 320 -20.74 -12.57 8.43
CA PRO B 320 -21.65 -13.11 7.42
C PRO B 320 -23.07 -12.76 7.88
N SER B 321 -23.97 -12.50 6.94
CA SER B 321 -25.33 -12.15 7.30
C SER B 321 -25.95 -13.21 8.23
N LYS B 322 -26.73 -12.76 9.20
CA LYS B 322 -27.41 -13.69 10.10
C LYS B 322 -28.88 -13.75 9.69
N MET B 323 -29.52 -14.90 9.84
CA MET B 323 -30.91 -15.03 9.47
C MET B 323 -31.65 -15.88 10.49
N LEU B 324 -32.37 -15.21 11.38
CA LEU B 324 -33.12 -15.90 12.41
C LEU B 324 -34.19 -16.82 11.83
N ASP B 325 -35.07 -16.25 11.01
CA ASP B 325 -36.14 -17.05 10.40
C ASP B 325 -36.76 -16.28 9.22
N ALA B 326 -35.93 -16.04 8.21
CA ALA B 326 -36.36 -15.29 7.04
C ALA B 326 -36.75 -16.16 5.88
N ASP B 327 -37.71 -15.66 5.11
CA ASP B 327 -38.19 -16.34 3.93
C ASP B 327 -38.03 -15.35 2.79
N VAL B 328 -36.87 -15.40 2.17
CA VAL B 328 -36.55 -14.51 1.07
C VAL B 328 -36.89 -15.20 -0.24
N THR B 329 -37.19 -14.40 -1.25
CA THR B 329 -37.52 -14.94 -2.56
C THR B 329 -37.15 -13.90 -3.58
N ASP B 330 -36.35 -14.32 -4.56
CA ASP B 330 -35.92 -13.44 -5.64
C ASP B 330 -35.27 -12.15 -5.12
N SER B 331 -34.35 -12.27 -4.17
CA SER B 331 -33.68 -11.09 -3.62
C SER B 331 -32.19 -11.34 -3.41
N VAL B 332 -31.42 -10.27 -3.24
CA VAL B 332 -30.00 -10.42 -2.98
C VAL B 332 -29.73 -9.78 -1.63
N ILE B 333 -28.80 -10.36 -0.89
CA ILE B 333 -28.48 -9.85 0.43
C ILE B 333 -27.04 -9.41 0.56
N GLY B 334 -26.86 -8.20 1.07
CA GLY B 334 -25.54 -7.63 1.24
C GLY B 334 -24.81 -8.17 2.45
N GLU B 335 -23.59 -7.69 2.65
CA GLU B 335 -22.77 -8.15 3.75
C GLU B 335 -23.05 -7.62 5.15
N GLY B 336 -22.81 -8.47 6.14
CA GLY B 336 -23.00 -8.10 7.53
C GLY B 336 -24.42 -7.72 7.88
N CYS B 337 -25.37 -8.56 7.54
CA CYS B 337 -26.76 -8.26 7.85
C CYS B 337 -27.22 -9.01 9.08
N VAL B 338 -28.23 -8.46 9.74
CA VAL B 338 -28.82 -9.08 10.90
C VAL B 338 -30.30 -9.11 10.61
N ILE B 339 -30.82 -10.27 10.25
CA ILE B 339 -32.22 -10.40 9.89
C ILE B 339 -33.01 -11.32 10.79
N LYS B 340 -34.08 -10.79 11.39
CA LYS B 340 -34.93 -11.56 12.29
C LYS B 340 -36.00 -12.27 11.45
N ASN B 341 -36.87 -13.04 12.10
CA ASN B 341 -37.92 -13.73 11.36
C ASN B 341 -38.71 -12.71 10.57
N CYS B 342 -38.69 -12.83 9.25
CA CYS B 342 -39.39 -11.88 8.40
C CYS B 342 -39.56 -12.42 6.98
N LYS B 343 -40.12 -11.59 6.10
CA LYS B 343 -40.35 -11.98 4.70
C LYS B 343 -39.78 -10.94 3.74
N ILE B 344 -38.74 -11.33 3.00
CA ILE B 344 -38.11 -10.42 2.04
C ILE B 344 -38.44 -10.96 0.66
N HIS B 345 -39.06 -10.12 -0.17
CA HIS B 345 -39.44 -10.51 -1.52
C HIS B 345 -38.97 -9.51 -2.57
N HIS B 346 -38.44 -10.05 -3.68
CA HIS B 346 -37.95 -9.26 -4.80
C HIS B 346 -37.25 -7.98 -4.37
N SER B 347 -36.29 -8.08 -3.45
CA SER B 347 -35.60 -6.88 -2.99
C SER B 347 -34.08 -6.98 -2.86
N VAL B 348 -33.45 -5.83 -2.62
CA VAL B 348 -32.01 -5.75 -2.47
C VAL B 348 -31.68 -5.24 -1.08
N VAL B 349 -31.20 -6.12 -0.21
CA VAL B 349 -30.86 -5.70 1.16
C VAL B 349 -29.43 -5.19 1.33
N GLY B 350 -29.28 -3.91 1.58
CA GLY B 350 -27.96 -3.34 1.75
C GLY B 350 -27.13 -3.88 2.92
N LEU B 351 -25.87 -3.45 2.98
CA LEU B 351 -24.95 -3.91 4.02
C LEU B 351 -25.33 -3.38 5.40
N ARG B 352 -25.20 -4.24 6.40
CA ARG B 352 -25.53 -3.89 7.78
C ARG B 352 -27.02 -3.77 8.10
N SER B 353 -27.88 -3.93 7.08
CA SER B 353 -29.32 -3.83 7.28
C SER B 353 -29.88 -4.73 8.39
N CYS B 354 -30.63 -4.12 9.30
CA CYS B 354 -31.25 -4.84 10.41
C CYS B 354 -32.75 -4.86 10.16
N ILE B 355 -33.34 -6.05 10.20
CA ILE B 355 -34.76 -6.20 9.98
C ILE B 355 -35.37 -6.94 11.17
N SER B 356 -36.28 -6.27 11.87
CA SER B 356 -36.93 -6.82 13.05
C SER B 356 -38.03 -7.84 12.73
N GLU B 357 -38.61 -8.38 13.80
CA GLU B 357 -39.67 -9.40 13.71
C GLU B 357 -40.90 -9.01 12.89
N GLY B 358 -41.41 -9.99 12.15
CA GLY B 358 -42.60 -9.80 11.34
C GLY B 358 -42.60 -8.70 10.31
N ALA B 359 -41.43 -8.30 9.85
CA ALA B 359 -41.38 -7.25 8.85
C ALA B 359 -41.58 -7.89 7.47
N ILE B 360 -42.13 -7.11 6.54
CA ILE B 360 -42.33 -7.57 5.18
C ILE B 360 -41.69 -6.56 4.25
N ILE B 361 -40.82 -7.02 3.36
CA ILE B 361 -40.16 -6.11 2.42
C ILE B 361 -40.48 -6.57 1.01
N GLU B 362 -41.03 -5.69 0.18
CA GLU B 362 -41.36 -6.08 -1.19
C GLU B 362 -40.92 -5.07 -2.25
N ASP B 363 -40.29 -5.58 -3.31
CA ASP B 363 -39.82 -4.74 -4.42
C ASP B 363 -39.20 -3.49 -3.85
N SER B 364 -38.26 -3.68 -2.92
CA SER B 364 -37.60 -2.56 -2.27
C SER B 364 -36.09 -2.63 -2.26
N LEU B 365 -35.49 -1.46 -2.11
CA LEU B 365 -34.05 -1.31 -2.05
C LEU B 365 -33.68 -0.76 -0.69
N LEU B 366 -33.30 -1.63 0.24
CA LEU B 366 -32.91 -1.17 1.57
C LEU B 366 -31.40 -0.93 1.59
N MET B 367 -31.00 0.34 1.52
CA MET B 367 -29.57 0.62 1.51
C MET B 367 -28.75 0.24 2.75
N GLY B 368 -29.41 -0.12 3.85
CA GLY B 368 -28.66 -0.51 5.04
C GLY B 368 -28.08 0.61 5.91
N ALA B 369 -27.02 0.31 6.64
CA ALA B 369 -26.38 1.28 7.55
C ALA B 369 -24.85 1.36 7.45
N ASP B 370 -24.29 2.46 7.95
CA ASP B 370 -22.85 2.67 7.94
C ASP B 370 -22.14 2.10 9.16
N TYR B 371 -22.93 1.73 10.16
CA TYR B 371 -22.40 1.17 11.39
C TYR B 371 -23.52 0.44 12.07
N TYR B 372 -23.19 -0.27 13.14
CA TYR B 372 -24.19 -1.00 13.90
C TYR B 372 -24.39 -0.30 15.24
N GLU B 373 -25.54 -0.54 15.87
CA GLU B 373 -25.84 0.03 17.17
C GLU B 373 -25.76 -1.15 18.13
N THR B 374 -25.10 -0.96 19.27
CA THR B 374 -24.95 -2.02 20.27
C THR B 374 -26.23 -2.19 21.06
N ASP B 375 -26.25 -3.17 21.94
CA ASP B 375 -27.42 -3.40 22.77
C ASP B 375 -27.58 -2.26 23.77
N ALA B 376 -26.47 -1.79 24.31
CA ALA B 376 -26.54 -0.68 25.24
C ALA B 376 -27.17 0.51 24.53
N ASP B 377 -26.85 0.67 23.23
CA ASP B 377 -27.39 1.76 22.43
C ASP B 377 -28.90 1.59 22.27
N ARG B 378 -29.32 0.47 21.70
CA ARG B 378 -30.74 0.21 21.53
C ARG B 378 -31.45 0.36 22.88
N LYS B 379 -30.66 0.37 23.95
CA LYS B 379 -31.18 0.49 25.31
C LYS B 379 -31.52 1.96 25.61
N LEU B 380 -30.56 2.84 25.40
CA LEU B 380 -30.82 4.26 25.65
C LEU B 380 -31.93 4.75 24.74
N LEU B 381 -31.77 4.52 23.43
CA LEU B 381 -32.78 4.93 22.46
C LEU B 381 -34.20 4.60 22.95
N ALA B 382 -34.33 3.41 23.52
CA ALA B 382 -35.63 2.94 24.02
C ALA B 382 -36.11 3.81 25.17
N ALA B 383 -35.26 3.98 26.19
CA ALA B 383 -35.60 4.78 27.36
C ALA B 383 -35.90 6.21 26.94
N LYS B 384 -35.29 6.63 25.85
CA LYS B 384 -35.45 7.97 25.31
C LYS B 384 -36.72 8.02 24.44
N GLY B 385 -37.24 6.84 24.11
CA GLY B 385 -38.43 6.76 23.28
C GLY B 385 -38.15 6.90 21.79
N SER B 386 -36.88 6.88 21.40
CA SER B 386 -36.50 7.00 20.00
C SER B 386 -36.51 5.63 19.33
N VAL B 387 -36.31 5.61 18.02
CA VAL B 387 -36.33 4.34 17.29
C VAL B 387 -34.92 3.96 16.87
N PRO B 388 -34.59 2.67 16.94
CA PRO B 388 -33.26 2.18 16.55
C PRO B 388 -33.14 2.09 15.02
N ILE B 389 -31.91 1.99 14.54
CA ILE B 389 -31.66 1.87 13.11
C ILE B 389 -32.22 0.55 12.55
N GLY B 390 -32.88 0.64 11.40
CA GLY B 390 -33.42 -0.57 10.80
C GLY B 390 -34.90 -0.55 10.51
N ILE B 391 -35.44 -1.70 10.13
CA ILE B 391 -36.85 -1.80 9.83
C ILE B 391 -37.54 -2.33 11.09
N GLY B 392 -38.36 -1.48 11.72
CA GLY B 392 -39.06 -1.88 12.93
C GLY B 392 -39.87 -3.15 12.82
N LYS B 393 -40.38 -3.63 13.95
CA LYS B 393 -41.17 -4.85 13.96
C LYS B 393 -42.40 -4.67 13.08
N ASN B 394 -42.92 -5.79 12.58
CA ASN B 394 -44.11 -5.81 11.73
C ASN B 394 -44.27 -4.60 10.80
N CYS B 395 -43.20 -4.18 10.16
CA CYS B 395 -43.28 -3.08 9.22
C CYS B 395 -43.59 -3.67 7.87
N HIS B 396 -44.06 -2.83 6.95
CA HIS B 396 -44.37 -3.28 5.62
C HIS B 396 -43.78 -2.24 4.70
N ILE B 397 -42.80 -2.64 3.89
CA ILE B 397 -42.17 -1.73 2.95
C ILE B 397 -42.41 -2.26 1.54
N LYS B 398 -43.00 -1.40 0.71
CA LYS B 398 -43.34 -1.72 -0.68
C LYS B 398 -42.77 -0.64 -1.61
N ARG B 399 -42.39 -1.05 -2.82
CA ARG B 399 -41.81 -0.17 -3.84
C ARG B 399 -41.11 1.06 -3.25
N ALA B 400 -40.02 0.83 -2.53
CA ALA B 400 -39.31 1.95 -1.92
C ALA B 400 -37.80 1.85 -1.84
N ILE B 401 -37.19 2.98 -1.53
CA ILE B 401 -35.76 3.10 -1.35
C ILE B 401 -35.57 3.65 0.06
N ILE B 402 -35.00 2.84 0.93
CA ILE B 402 -34.77 3.28 2.29
C ILE B 402 -33.27 3.52 2.50
N ASP B 403 -32.88 4.77 2.32
CA ASP B 403 -31.48 5.19 2.46
C ASP B 403 -30.80 4.76 3.75
N LYS B 404 -29.53 5.15 3.88
CA LYS B 404 -28.70 4.76 5.01
C LYS B 404 -29.14 5.21 6.41
N ASN B 405 -28.96 4.33 7.38
CA ASN B 405 -29.26 4.61 8.77
C ASN B 405 -30.70 4.98 9.08
N ALA B 406 -31.64 4.55 8.24
CA ALA B 406 -33.05 4.86 8.50
C ALA B 406 -33.49 4.21 9.79
N ARG B 407 -34.36 4.90 10.52
CA ARG B 407 -34.89 4.39 11.77
C ARG B 407 -36.40 4.24 11.62
N ILE B 408 -36.84 3.16 10.98
CA ILE B 408 -38.26 2.98 10.80
C ILE B 408 -38.89 2.36 12.04
N GLY B 409 -39.75 3.13 12.70
CA GLY B 409 -40.42 2.65 13.90
C GLY B 409 -41.28 1.41 13.68
N ASP B 410 -41.80 0.85 14.75
CA ASP B 410 -42.64 -0.33 14.64
C ASP B 410 -43.96 -0.06 13.93
N ASN B 411 -44.50 -1.10 13.32
CA ASN B 411 -45.77 -1.03 12.62
C ASN B 411 -45.85 -0.07 11.42
N VAL B 412 -44.73 0.52 11.05
CA VAL B 412 -44.75 1.42 9.90
C VAL B 412 -45.08 0.72 8.58
N LYS B 413 -46.04 1.30 7.86
CA LYS B 413 -46.47 0.75 6.58
C LYS B 413 -46.17 1.73 5.45
N ILE B 414 -45.24 1.39 4.58
CA ILE B 414 -44.92 2.25 3.45
C ILE B 414 -45.54 1.63 2.20
N ILE B 415 -46.84 1.86 2.01
CA ILE B 415 -47.55 1.28 0.89
C ILE B 415 -48.17 2.22 -0.14
N ASN B 416 -48.17 3.52 0.16
CA ASN B 416 -48.74 4.52 -0.74
C ASN B 416 -49.89 3.95 -1.57
N LYS B 417 -51.04 3.74 -0.94
CA LYS B 417 -52.21 3.18 -1.61
C LYS B 417 -52.93 4.15 -2.54
N ASP B 418 -53.00 5.42 -2.14
CA ASP B 418 -53.66 6.41 -2.98
C ASP B 418 -52.81 6.59 -4.23
N ASN B 419 -51.68 5.88 -4.26
CA ASN B 419 -50.77 5.92 -5.39
C ASN B 419 -50.28 7.33 -5.74
N VAL B 420 -49.69 8.03 -4.79
CA VAL B 420 -49.16 9.37 -5.06
C VAL B 420 -48.05 9.22 -6.09
N GLN B 421 -47.46 10.33 -6.52
CA GLN B 421 -46.39 10.26 -7.50
C GLN B 421 -45.41 11.39 -7.26
N GLU B 422 -45.83 12.35 -6.47
CA GLU B 422 -44.96 13.46 -6.14
C GLU B 422 -45.29 13.90 -4.72
N ALA B 423 -44.26 14.21 -3.95
CA ALA B 423 -44.43 14.65 -2.57
C ALA B 423 -43.07 15.02 -2.06
N ALA B 424 -42.98 16.21 -1.48
CA ALA B 424 -41.72 16.69 -0.94
C ALA B 424 -41.83 16.72 0.59
N ARG B 425 -42.21 15.59 1.18
CA ARG B 425 -42.37 15.52 2.63
C ARG B 425 -41.04 15.42 3.42
N GLU B 426 -40.08 16.30 3.12
CA GLU B 426 -38.79 16.27 3.82
C GLU B 426 -38.92 16.21 5.34
N THR B 427 -39.63 17.18 5.90
CA THR B 427 -39.83 17.25 7.34
C THR B 427 -40.24 15.92 7.96
N ASP B 428 -40.83 15.05 7.16
CA ASP B 428 -41.28 13.76 7.65
C ASP B 428 -40.29 12.67 7.28
N GLY B 429 -39.13 13.07 6.79
CA GLY B 429 -38.13 12.10 6.41
C GLY B 429 -38.35 11.36 5.10
N TYR B 430 -39.20 11.87 4.23
CA TYR B 430 -39.39 11.16 2.98
C TYR B 430 -39.72 11.98 1.75
N PHE B 431 -39.80 11.28 0.63
CA PHE B 431 -40.02 11.92 -0.65
C PHE B 431 -40.63 10.87 -1.54
N ILE B 432 -41.58 11.25 -2.36
CA ILE B 432 -42.20 10.31 -3.29
C ILE B 432 -41.96 10.84 -4.69
N LYS B 433 -41.45 9.99 -5.57
CA LYS B 433 -41.17 10.39 -6.94
C LYS B 433 -41.48 9.22 -7.82
N SER B 434 -42.14 9.46 -8.95
CA SER B 434 -42.51 8.38 -9.86
C SER B 434 -43.21 7.24 -9.11
N GLY B 435 -43.75 7.56 -7.93
CA GLY B 435 -44.43 6.54 -7.15
C GLY B 435 -43.51 5.76 -6.22
N ILE B 436 -42.25 6.18 -6.18
CA ILE B 436 -41.28 5.51 -5.33
C ILE B 436 -41.11 6.28 -4.03
N VAL B 437 -41.39 5.62 -2.91
CA VAL B 437 -41.20 6.27 -1.62
C VAL B 437 -39.70 6.15 -1.28
N THR B 438 -39.10 7.23 -0.80
CA THR B 438 -37.69 7.18 -0.46
C THR B 438 -37.41 7.78 0.92
N VAL B 439 -37.18 6.92 1.89
CA VAL B 439 -36.90 7.38 3.24
C VAL B 439 -35.52 8.01 3.24
N ILE B 440 -35.46 9.29 3.57
CA ILE B 440 -34.19 10.00 3.59
C ILE B 440 -33.15 9.38 4.55
N LYS B 441 -31.89 9.66 4.29
CA LYS B 441 -30.79 9.16 5.12
C LYS B 441 -30.86 9.74 6.53
N ASP B 442 -30.75 8.88 7.53
CA ASP B 442 -30.79 9.28 8.95
C ASP B 442 -32.18 9.69 9.42
N ALA B 443 -33.18 9.51 8.57
CA ALA B 443 -34.55 9.84 8.90
C ALA B 443 -35.11 8.90 9.97
N LEU B 444 -36.03 9.40 10.77
CA LEU B 444 -36.67 8.62 11.83
C LEU B 444 -38.16 8.58 11.58
N ILE B 445 -38.69 7.45 11.11
CA ILE B 445 -40.12 7.36 10.86
C ILE B 445 -40.80 6.73 12.06
N PRO B 446 -41.59 7.53 12.81
CA PRO B 446 -42.32 7.12 14.01
C PRO B 446 -43.23 5.91 13.82
N SER B 447 -43.29 5.10 14.86
CA SER B 447 -44.12 3.90 14.87
C SER B 447 -45.54 4.15 14.38
N GLY B 448 -46.13 3.13 13.78
CA GLY B 448 -47.51 3.21 13.29
C GLY B 448 -47.79 4.07 12.07
N ILE B 449 -46.85 4.92 11.69
CA ILE B 449 -47.05 5.78 10.54
C ILE B 449 -47.27 5.01 9.25
N ILE B 450 -48.22 5.50 8.46
CA ILE B 450 -48.55 4.88 7.20
C ILE B 450 -48.21 5.83 6.07
N ILE B 451 -47.83 5.26 4.93
CA ILE B 451 -47.48 6.07 3.78
C ILE B 451 -47.83 5.35 2.48
N GLN C 10 5.28 5.43 28.72
CA GLN C 10 4.60 5.08 30.01
C GLN C 10 3.12 5.45 29.88
N THR C 11 2.86 6.65 29.37
CA THR C 11 1.50 7.12 29.19
C THR C 11 1.29 7.61 27.75
N CYS C 12 0.12 7.31 27.20
CA CYS C 12 -0.22 7.71 25.85
C CYS C 12 -1.68 8.13 25.77
N LEU C 13 -2.04 8.70 24.63
CA LEU C 13 -3.40 9.13 24.41
C LEU C 13 -4.31 7.92 24.48
N ASP C 14 -5.58 8.18 24.75
CA ASP C 14 -6.59 7.13 24.82
C ASP C 14 -7.96 7.80 24.76
N PRO C 15 -8.61 7.73 23.58
CA PRO C 15 -8.13 7.05 22.36
C PRO C 15 -6.78 7.60 21.88
N ASP C 16 -6.21 6.94 20.88
CA ASP C 16 -4.92 7.37 20.35
C ASP C 16 -5.09 8.48 19.30
N ALA C 17 -4.04 9.25 19.10
CA ALA C 17 -4.09 10.35 18.15
C ALA C 17 -4.70 9.99 16.80
N SER C 18 -4.41 8.81 16.30
CA SER C 18 -4.93 8.42 15.00
C SER C 18 -6.42 8.64 14.75
N ARG C 19 -7.27 8.17 15.66
CA ARG C 19 -8.71 8.31 15.50
C ARG C 19 -9.33 9.55 16.15
N SER C 20 -8.66 10.10 17.16
CA SER C 20 -9.20 11.25 17.87
C SER C 20 -8.55 12.60 17.60
N VAL C 21 -7.55 12.65 16.74
CA VAL C 21 -6.92 13.93 16.44
C VAL C 21 -6.84 14.16 14.96
N LEU C 22 -7.34 15.30 14.54
CA LEU C 22 -7.34 15.68 13.15
C LEU C 22 -6.29 16.73 12.98
N GLY C 23 -5.46 16.60 11.96
CA GLY C 23 -4.42 17.58 11.74
C GLY C 23 -4.83 18.59 10.69
N ILE C 24 -4.75 19.87 11.04
CA ILE C 24 -5.09 20.94 10.12
C ILE C 24 -3.84 21.79 9.99
N ILE C 25 -3.27 21.82 8.79
CA ILE C 25 -2.06 22.58 8.52
C ILE C 25 -2.34 23.84 7.71
N LEU C 26 -1.62 24.91 8.04
CA LEU C 26 -1.77 26.18 7.35
C LEU C 26 -0.58 26.39 6.44
N GLY C 27 -0.68 25.88 5.22
CA GLY C 27 0.39 25.99 4.25
C GLY C 27 0.74 27.41 3.82
N GLY C 28 -0.24 28.30 3.78
CA GLY C 28 0.08 29.66 3.40
C GLY C 28 -1.02 30.41 2.66
N GLY C 29 -0.83 31.72 2.57
CA GLY C 29 -1.78 32.54 1.87
C GLY C 29 -1.18 32.74 0.49
N ALA C 30 -1.04 33.99 0.08
CA ALA C 30 -0.49 34.30 -1.24
C ALA C 30 1.03 34.15 -1.30
N GLY C 31 1.63 33.78 -0.17
CA GLY C 31 3.07 33.60 -0.12
C GLY C 31 3.89 34.84 -0.46
N THR C 32 3.30 36.02 -0.25
CA THR C 32 3.98 37.28 -0.53
C THR C 32 5.32 37.47 0.15
N ARG C 33 5.57 36.71 1.22
CA ARG C 33 6.85 36.82 1.94
C ARG C 33 8.02 36.05 1.32
N LEU C 34 7.77 34.82 0.88
CA LEU C 34 8.82 34.01 0.25
C LEU C 34 8.89 34.22 -1.26
N TYR C 35 8.24 35.26 -1.77
CA TYR C 35 8.30 35.51 -3.20
C TYR C 35 9.78 35.69 -3.46
N PRO C 36 10.28 35.25 -4.63
CA PRO C 36 9.55 34.60 -5.73
C PRO C 36 9.56 33.09 -5.68
N LEU C 37 10.06 32.53 -4.59
CA LEU C 37 10.09 31.08 -4.46
C LEU C 37 8.65 30.56 -4.54
N THR C 38 7.70 31.44 -4.25
CA THR C 38 6.29 31.07 -4.29
C THR C 38 5.60 31.49 -5.57
N LYS C 39 6.34 32.08 -6.49
CA LYS C 39 5.79 32.50 -7.77
C LYS C 39 5.16 31.32 -8.48
N LYS C 40 3.83 31.28 -8.48
CA LYS C 40 3.09 30.23 -9.13
C LYS C 40 3.30 28.89 -8.44
N ARG C 41 3.73 28.95 -7.19
CA ARG C 41 3.96 27.74 -6.39
C ARG C 41 3.44 27.90 -4.99
N ALA C 42 2.40 27.13 -4.64
CA ALA C 42 1.83 27.20 -3.30
C ALA C 42 2.97 27.01 -2.30
N LYS C 43 2.92 27.76 -1.20
CA LYS C 43 3.96 27.71 -0.17
C LYS C 43 4.35 26.30 0.30
N PRO C 44 3.37 25.46 0.63
CA PRO C 44 3.67 24.10 1.10
C PRO C 44 4.63 23.33 0.19
N ALA C 45 4.66 23.71 -1.08
CA ALA C 45 5.49 23.02 -2.07
C ALA C 45 6.95 23.46 -2.15
N VAL C 46 7.24 24.69 -1.77
CA VAL C 46 8.61 25.21 -1.80
C VAL C 46 9.68 24.19 -1.36
N PRO C 47 10.71 24.01 -2.20
CA PRO C 47 11.85 23.09 -2.01
C PRO C 47 12.59 23.42 -0.72
N LEU C 48 12.87 22.41 0.08
CA LEU C 48 13.56 22.60 1.35
C LEU C 48 14.67 21.57 1.60
N GLY C 49 15.77 22.04 2.19
CA GLY C 49 16.89 21.16 2.51
C GLY C 49 17.39 20.22 1.43
N ALA C 50 17.48 20.72 0.20
CA ALA C 50 17.97 19.92 -0.93
C ALA C 50 17.07 18.79 -1.44
N ASN C 51 16.50 18.00 -0.54
CA ASN C 51 15.69 16.87 -0.95
C ASN C 51 14.28 16.85 -0.40
N TYR C 52 13.79 17.98 0.12
CA TYR C 52 12.44 18.01 0.69
C TYR C 52 11.69 19.26 0.27
N ARG C 53 10.48 19.38 0.79
CA ARG C 53 9.62 20.54 0.53
C ARG C 53 9.11 20.90 1.92
N LEU C 54 8.84 22.17 2.15
CA LEU C 54 8.34 22.65 3.44
C LEU C 54 7.25 21.76 4.05
N ILE C 55 6.26 21.43 3.25
CA ILE C 55 5.15 20.62 3.71
C ILE C 55 5.60 19.32 4.40
N ASP C 56 6.80 18.84 4.08
CA ASP C 56 7.25 17.60 4.71
C ASP C 56 7.51 17.73 6.22
N ILE C 57 7.85 18.93 6.69
CA ILE C 57 8.09 19.11 8.12
C ILE C 57 6.82 18.89 8.96
N PRO C 58 5.76 19.65 8.70
CA PRO C 58 4.54 19.43 9.50
C PRO C 58 3.91 18.06 9.31
N VAL C 59 3.78 17.61 8.06
CA VAL C 59 3.17 16.31 7.80
C VAL C 59 3.95 15.22 8.52
N SER C 60 5.28 15.25 8.39
CA SER C 60 6.14 14.27 9.03
C SER C 60 6.03 14.30 10.54
N ASN C 61 5.89 15.50 11.11
CA ASN C 61 5.75 15.61 12.56
C ASN C 61 4.44 14.93 12.97
N CYS C 62 3.39 15.10 12.18
CA CYS C 62 2.12 14.46 12.48
C CYS C 62 2.26 12.95 12.48
N LEU C 63 2.61 12.39 11.31
CA LEU C 63 2.79 10.95 11.17
C LEU C 63 3.63 10.39 12.30
N ASN C 64 4.77 11.00 12.56
CA ASN C 64 5.63 10.51 13.62
C ASN C 64 5.01 10.69 15.00
N SER C 65 3.94 11.49 15.08
CA SER C 65 3.26 11.70 16.35
C SER C 65 2.02 10.83 16.40
N ASN C 66 1.84 10.02 15.37
CA ASN C 66 0.72 9.07 15.28
C ASN C 66 -0.57 9.72 14.79
N ILE C 67 -0.46 10.80 14.03
CA ILE C 67 -1.65 11.47 13.50
C ILE C 67 -1.76 11.14 12.01
N SER C 68 -2.72 10.29 11.67
CA SER C 68 -2.92 9.85 10.30
C SER C 68 -3.89 10.66 9.45
N LYS C 69 -4.81 11.39 10.07
CA LYS C 69 -5.78 12.20 9.34
C LYS C 69 -5.29 13.66 9.28
N ILE C 70 -4.75 14.04 8.12
CA ILE C 70 -4.18 15.36 7.91
C ILE C 70 -4.72 16.07 6.67
N TYR C 71 -5.07 17.34 6.85
CA TYR C 71 -5.59 18.21 5.79
C TYR C 71 -4.59 19.37 5.68
N VAL C 72 -4.40 19.88 4.48
CA VAL C 72 -3.50 20.99 4.29
C VAL C 72 -4.22 22.18 3.68
N LEU C 73 -4.26 23.28 4.41
CA LEU C 73 -4.90 24.50 3.94
C LEU C 73 -3.92 25.34 3.17
N THR C 74 -4.38 25.99 2.11
CA THR C 74 -3.51 26.87 1.32
C THR C 74 -4.37 27.74 0.40
N GLN C 75 -4.15 29.05 0.46
CA GLN C 75 -4.97 29.94 -0.36
C GLN C 75 -5.07 29.50 -1.82
N PHE C 76 -3.95 29.13 -2.43
CA PHE C 76 -4.02 28.64 -3.80
C PHE C 76 -3.43 27.25 -3.91
N ASN C 77 -3.28 26.76 -5.13
CA ASN C 77 -2.78 25.40 -5.31
C ASN C 77 -1.65 25.30 -6.33
N SER C 78 -1.12 24.10 -6.49
CA SER C 78 -0.03 23.85 -7.44
C SER C 78 0.04 22.36 -7.75
N ALA C 79 0.43 22.03 -8.98
CA ALA C 79 0.51 20.64 -9.38
C ALA C 79 1.53 19.89 -8.55
N SER C 80 2.70 20.50 -8.34
CA SER C 80 3.75 19.88 -7.56
C SER C 80 3.31 19.53 -6.14
N LEU C 81 2.61 20.44 -5.47
CA LEU C 81 2.16 20.12 -4.12
C LEU C 81 1.31 18.86 -4.20
N ASN C 82 0.39 18.83 -5.15
CA ASN C 82 -0.50 17.69 -5.34
C ASN C 82 0.24 16.40 -5.69
N ARG C 83 1.11 16.44 -6.69
CA ARG C 83 1.84 15.23 -7.05
C ARG C 83 2.64 14.74 -5.86
N HIS C 84 3.36 15.65 -5.21
CA HIS C 84 4.17 15.33 -4.05
C HIS C 84 3.43 14.63 -2.94
N LEU C 85 2.32 15.21 -2.48
CA LEU C 85 1.58 14.59 -1.39
C LEU C 85 1.06 13.24 -1.81
N SER C 86 0.65 13.15 -3.06
CA SER C 86 0.12 11.92 -3.62
C SER C 86 1.17 10.80 -3.46
N ARG C 87 2.34 11.00 -4.07
CA ARG C 87 3.41 10.01 -4.02
C ARG C 87 4.02 9.75 -2.64
N ALA C 88 4.44 10.79 -1.95
CA ALA C 88 5.05 10.63 -0.64
C ALA C 88 4.15 10.09 0.49
N TYR C 89 2.84 10.35 0.47
CA TYR C 89 2.00 9.85 1.57
C TYR C 89 0.67 9.13 1.32
N ALA C 90 0.17 9.11 0.09
CA ALA C 90 -1.10 8.43 -0.18
C ALA C 90 -1.13 6.96 0.23
N SER C 91 0.05 6.34 0.38
CA SER C 91 0.16 4.94 0.76
C SER C 91 -0.55 4.05 -0.25
N GLU C 99 -6.39 4.19 8.19
CA GLU C 99 -7.48 5.15 8.09
C GLU C 99 -7.01 6.61 8.06
N GLY C 100 -5.85 6.84 7.45
CA GLY C 100 -5.30 8.18 7.38
C GLY C 100 -5.35 8.79 5.98
N PHE C 101 -4.90 10.03 5.87
CA PHE C 101 -4.91 10.72 4.59
C PHE C 101 -4.26 12.10 4.70
N VAL C 102 -3.84 12.64 3.57
CA VAL C 102 -3.22 13.95 3.56
C VAL C 102 -3.75 14.71 2.35
N GLU C 103 -4.98 15.22 2.49
CA GLU C 103 -5.63 15.94 1.42
C GLU C 103 -5.44 17.43 1.56
N VAL C 104 -5.36 18.09 0.41
CA VAL C 104 -5.20 19.53 0.34
C VAL C 104 -6.54 20.21 0.21
N LEU C 105 -6.79 21.18 1.09
CA LEU C 105 -8.00 21.98 1.07
C LEU C 105 -7.55 23.36 0.67
N ALA C 106 -7.85 23.73 -0.57
CA ALA C 106 -7.45 25.03 -1.08
C ALA C 106 -8.59 26.04 -1.07
N ALA C 107 -8.22 27.31 -1.07
CA ALA C 107 -9.19 28.40 -1.09
C ALA C 107 -9.50 28.62 -2.57
N GLN C 108 -8.45 28.93 -3.32
CA GLN C 108 -8.52 29.16 -4.75
C GLN C 108 -8.01 27.93 -5.48
N GLN C 109 -8.70 27.51 -6.53
CA GLN C 109 -8.26 26.33 -7.27
C GLN C 109 -7.59 26.71 -8.60
N SER C 110 -6.44 27.35 -8.48
CA SER C 110 -5.63 27.82 -9.60
C SER C 110 -4.20 27.99 -9.07
N PRO C 111 -3.19 27.83 -9.94
CA PRO C 111 -1.81 27.99 -9.47
C PRO C 111 -1.37 29.43 -9.33
N GLU C 112 -2.19 30.36 -9.82
CA GLU C 112 -1.88 31.79 -9.78
C GLU C 112 -1.95 32.37 -8.37
N ASN C 113 -0.90 33.08 -7.95
CA ASN C 113 -0.91 33.70 -6.62
C ASN C 113 -2.14 34.59 -6.52
N PRO C 114 -2.93 34.40 -5.45
CA PRO C 114 -4.14 35.20 -5.26
C PRO C 114 -3.82 36.66 -4.96
N ASP C 115 -4.39 37.58 -5.72
CA ASP C 115 -4.13 39.00 -5.46
C ASP C 115 -5.00 39.53 -4.31
N TRP C 116 -5.83 38.66 -3.77
CA TRP C 116 -6.70 38.98 -2.64
C TRP C 116 -6.28 38.22 -1.37
N PHE C 117 -6.45 38.88 -0.23
CA PHE C 117 -6.07 38.36 1.08
C PHE C 117 -7.08 37.46 1.77
N GLN C 118 -6.57 36.47 2.50
CA GLN C 118 -7.40 35.55 3.29
C GLN C 118 -6.60 35.24 4.55
N GLY C 119 -7.26 35.26 5.70
CA GLY C 119 -6.58 34.99 6.96
C GLY C 119 -6.53 33.53 7.36
N THR C 120 -5.85 33.25 8.47
CA THR C 120 -5.72 31.88 8.95
C THR C 120 -7.04 31.42 9.54
N ALA C 121 -7.84 32.36 10.01
CA ALA C 121 -9.13 32.03 10.60
C ALA C 121 -10.16 31.91 9.48
N ASP C 122 -10.14 32.84 8.53
CA ASP C 122 -11.08 32.78 7.41
C ASP C 122 -10.87 31.43 6.75
N ALA C 123 -9.59 31.04 6.69
CA ALA C 123 -9.19 29.79 6.10
C ALA C 123 -9.86 28.61 6.77
N VAL C 124 -9.55 28.40 8.04
CA VAL C 124 -10.13 27.30 8.78
C VAL C 124 -11.66 27.34 8.76
N ARG C 125 -12.22 28.51 9.02
CA ARG C 125 -13.67 28.67 9.05
C ARG C 125 -14.27 28.20 7.72
N GLN C 126 -13.63 28.58 6.62
CA GLN C 126 -14.06 28.21 5.28
C GLN C 126 -14.36 26.72 5.12
N TYR C 127 -13.58 25.87 5.79
CA TYR C 127 -13.80 24.44 5.69
C TYR C 127 -14.25 23.77 6.99
N LEU C 128 -14.65 24.58 7.97
CA LEU C 128 -15.07 24.02 9.25
C LEU C 128 -16.14 22.95 9.10
N TRP C 129 -16.97 23.06 8.08
CA TRP C 129 -18.02 22.07 7.85
C TRP C 129 -17.41 20.72 7.52
N LEU C 130 -16.25 20.72 6.86
CA LEU C 130 -15.59 19.46 6.51
C LEU C 130 -14.98 18.88 7.79
N PHE C 131 -14.19 19.71 8.47
CA PHE C 131 -13.55 19.28 9.71
C PHE C 131 -14.63 18.76 10.65
N GLU C 132 -15.81 19.38 10.54
CA GLU C 132 -16.93 19.01 11.38
C GLU C 132 -17.36 17.58 11.11
N GLU C 133 -17.06 17.05 9.93
CA GLU C 133 -17.45 15.69 9.59
C GLU C 133 -16.56 14.61 10.21
N HIS C 134 -15.56 15.02 10.99
CA HIS C 134 -14.67 14.05 11.59
C HIS C 134 -14.84 13.81 13.08
N THR C 135 -15.22 12.59 13.41
CA THR C 135 -15.40 12.20 14.79
C THR C 135 -14.05 12.20 15.51
N VAL C 136 -13.58 13.39 15.86
CA VAL C 136 -12.32 13.52 16.57
C VAL C 136 -12.57 14.28 17.86
N LEU C 137 -11.59 14.28 18.76
CA LEU C 137 -11.73 14.99 20.02
C LEU C 137 -11.08 16.34 19.92
N GLU C 138 -9.96 16.41 19.20
CA GLU C 138 -9.27 17.68 19.07
C GLU C 138 -8.80 17.98 17.65
N TYR C 139 -8.38 19.22 17.44
CA TYR C 139 -7.88 19.70 16.16
C TYR C 139 -6.47 20.16 16.46
N LEU C 140 -5.49 19.54 15.80
CA LEU C 140 -4.13 19.96 15.98
C LEU C 140 -3.91 21.00 14.90
N ILE C 141 -3.64 22.23 15.29
CA ILE C 141 -3.42 23.27 14.30
C ILE C 141 -1.95 23.59 14.22
N LEU C 142 -1.37 23.36 13.04
CA LEU C 142 0.04 23.62 12.84
C LEU C 142 0.23 24.61 11.72
N ALA C 143 1.23 25.46 11.88
CA ALA C 143 1.58 26.43 10.87
C ALA C 143 2.35 25.57 9.87
N GLY C 144 2.61 26.06 8.67
CA GLY C 144 3.31 25.22 7.71
C GLY C 144 4.66 25.67 7.21
N ASP C 145 5.26 26.64 7.90
CA ASP C 145 6.57 27.16 7.49
C ASP C 145 7.51 27.38 8.68
N HIS C 146 7.61 26.36 9.54
CA HIS C 146 8.47 26.43 10.71
C HIS C 146 9.36 25.21 10.77
N LEU C 147 10.66 25.43 10.82
CA LEU C 147 11.60 24.30 10.86
C LEU C 147 11.75 23.74 12.28
N TYR C 148 11.29 22.51 12.49
CA TYR C 148 11.40 21.90 13.80
C TYR C 148 10.79 20.50 13.85
N ARG C 149 11.16 19.75 14.90
CA ARG C 149 10.66 18.40 15.10
C ARG C 149 9.88 18.42 16.41
N MET C 150 8.88 17.55 16.55
CA MET C 150 8.12 17.51 17.79
C MET C 150 7.17 16.32 17.91
N ASP C 151 7.09 15.77 19.11
CA ASP C 151 6.20 14.67 19.36
C ASP C 151 4.97 15.33 19.95
N TYR C 152 3.99 15.54 19.08
CA TYR C 152 2.73 16.17 19.42
C TYR C 152 1.93 15.47 20.50
N GLU C 153 2.19 14.19 20.72
CA GLU C 153 1.39 13.46 21.70
C GLU C 153 1.43 14.01 23.12
N LYS C 154 2.59 14.08 23.74
CA LYS C 154 2.66 14.58 25.11
C LYS C 154 1.94 15.92 25.24
N PHE C 155 2.07 16.75 24.21
CA PHE C 155 1.44 18.06 24.13
C PHE C 155 -0.09 17.93 24.09
N ILE C 156 -0.58 16.90 23.39
CA ILE C 156 -2.01 16.68 23.31
C ILE C 156 -2.44 16.09 24.63
N GLN C 157 -1.55 15.29 25.20
CA GLN C 157 -1.80 14.62 26.48
C GLN C 157 -2.02 15.68 27.56
N ALA C 158 -1.32 16.80 27.43
CA ALA C 158 -1.44 17.90 28.38
C ALA C 158 -2.82 18.57 28.24
N HIS C 159 -3.29 18.66 27.00
CA HIS C 159 -4.56 19.28 26.68
C HIS C 159 -5.71 18.51 27.28
N ARG C 160 -5.52 17.20 27.47
CA ARG C 160 -6.59 16.39 28.02
C ARG C 160 -6.54 16.32 29.54
N GLU C 161 -5.33 16.22 30.08
CA GLU C 161 -5.18 16.14 31.52
C GLU C 161 -5.61 17.43 32.20
N THR C 162 -5.30 18.57 31.58
CA THR C 162 -5.65 19.85 32.16
C THR C 162 -7.03 20.32 31.67
N ASP C 163 -7.74 19.41 31.03
CA ASP C 163 -9.08 19.68 30.49
C ASP C 163 -9.22 21.07 29.87
N ALA C 164 -8.21 21.48 29.11
CA ALA C 164 -8.22 22.76 28.46
C ALA C 164 -9.12 22.79 27.22
N ASP C 165 -9.45 23.99 26.77
CA ASP C 165 -10.25 24.19 25.57
C ASP C 165 -9.27 24.43 24.44
N ILE C 166 -8.15 25.04 24.80
CA ILE C 166 -7.07 25.32 23.87
C ILE C 166 -5.74 25.25 24.61
N THR C 167 -4.79 24.53 24.03
CA THR C 167 -3.46 24.42 24.61
C THR C 167 -2.56 25.08 23.57
N VAL C 168 -1.67 25.95 24.02
CA VAL C 168 -0.79 26.68 23.11
C VAL C 168 0.68 26.38 23.39
N ALA C 169 1.37 25.80 22.41
CA ALA C 169 2.78 25.51 22.59
C ALA C 169 3.46 26.85 22.87
N ALA C 170 4.32 26.89 23.90
CA ALA C 170 4.99 28.13 24.27
C ALA C 170 6.49 28.07 24.06
N LEU C 171 7.03 29.14 23.50
CA LEU C 171 8.45 29.19 23.22
C LEU C 171 9.13 30.25 24.06
N PRO C 172 10.10 29.84 24.90
CA PRO C 172 10.86 30.74 25.77
C PRO C 172 11.85 31.58 24.98
N MET C 173 12.04 32.83 25.37
CA MET C 173 13.00 33.67 24.69
C MET C 173 13.45 34.87 25.52
N ASP C 174 14.48 35.53 25.04
CA ASP C 174 15.02 36.70 25.73
C ASP C 174 14.44 37.96 25.11
N GLU C 175 14.41 39.01 25.92
CA GLU C 175 13.90 40.30 25.49
C GLU C 175 14.24 40.62 24.04
N LYS C 176 15.50 40.44 23.65
CA LYS C 176 15.93 40.75 22.30
C LYS C 176 15.14 40.06 21.20
N ARG C 177 14.80 38.79 21.41
CA ARG C 177 14.07 38.01 20.40
C ARG C 177 12.55 38.10 20.57
N ALA C 178 12.10 38.41 21.78
CA ALA C 178 10.69 38.51 22.11
C ALA C 178 9.88 39.52 21.28
N THR C 179 10.44 40.71 21.10
CA THR C 179 9.77 41.79 20.37
C THR C 179 9.24 41.47 18.98
N ALA C 180 9.56 40.28 18.45
CA ALA C 180 9.12 39.91 17.11
C ALA C 180 8.06 38.82 17.09
N PHE C 181 7.56 38.46 18.27
CA PHE C 181 6.55 37.41 18.39
C PHE C 181 5.28 37.86 19.11
N GLY C 182 4.37 36.92 19.32
CA GLY C 182 3.15 37.20 20.03
C GLY C 182 3.43 36.60 21.39
N LEU C 183 3.59 37.43 22.42
CA LEU C 183 3.89 36.94 23.76
C LEU C 183 2.62 36.68 24.56
N MET C 184 2.74 35.88 25.60
CA MET C 184 1.62 35.56 26.46
C MET C 184 2.02 35.62 27.93
N LYS C 185 1.02 35.82 28.78
CA LYS C 185 1.23 35.89 30.21
C LYS C 185 0.50 34.71 30.83
N ILE C 186 1.21 33.98 31.69
CA ILE C 186 0.61 32.84 32.36
C ILE C 186 0.51 33.11 33.84
N ASP C 187 -0.35 32.37 34.52
CA ASP C 187 -0.47 32.50 35.95
C ASP C 187 0.37 31.37 36.54
N GLU C 188 0.22 31.11 37.84
CA GLU C 188 1.00 30.06 38.48
C GLU C 188 0.77 28.66 37.91
N GLU C 189 -0.47 28.33 37.60
CA GLU C 189 -0.81 27.02 37.04
C GLU C 189 -0.46 26.86 35.56
N GLY C 190 0.00 27.93 34.92
CA GLY C 190 0.35 27.85 33.52
C GLY C 190 -0.82 28.15 32.59
N ARG C 191 -1.91 28.59 33.18
CA ARG C 191 -3.11 28.95 32.43
C ARG C 191 -2.78 30.30 31.80
N ILE C 192 -2.94 30.43 30.49
CA ILE C 192 -2.65 31.68 29.83
C ILE C 192 -3.73 32.66 30.19
N ILE C 193 -3.33 33.89 30.49
CA ILE C 193 -4.27 34.93 30.90
C ILE C 193 -4.11 36.22 30.11
N GLU C 194 -3.19 36.26 29.15
CA GLU C 194 -3.01 37.49 28.37
C GLU C 194 -2.10 37.35 27.15
N PHE C 195 -2.26 38.28 26.21
CA PHE C 195 -1.45 38.30 24.99
C PHE C 195 -0.96 39.71 24.67
N ALA C 196 0.03 39.79 23.79
CA ALA C 196 0.59 41.06 23.38
C ALA C 196 1.28 40.79 22.03
N GLU C 197 0.82 41.48 20.99
CA GLU C 197 1.40 41.28 19.68
C GLU C 197 2.63 42.12 19.47
N LYS C 198 3.73 41.45 19.16
CA LYS C 198 5.02 42.09 18.94
C LYS C 198 5.22 43.27 19.89
N PRO C 199 5.11 43.02 21.19
CA PRO C 199 5.26 44.05 22.23
C PRO C 199 6.66 44.64 22.38
N GLN C 200 6.70 45.95 22.60
CA GLN C 200 7.93 46.68 22.80
C GLN C 200 7.82 47.61 24.00
N GLY C 201 8.89 48.34 24.27
CA GLY C 201 8.89 49.27 25.40
C GLY C 201 8.35 48.65 26.67
N GLU C 202 7.62 49.44 27.46
CA GLU C 202 7.09 48.89 28.69
C GLU C 202 5.96 47.93 28.38
N GLN C 203 5.47 48.00 27.15
CA GLN C 203 4.42 47.08 26.72
C GLN C 203 5.05 45.69 26.83
N LEU C 204 6.30 45.59 26.40
CA LEU C 204 7.05 44.34 26.45
C LEU C 204 7.28 43.98 27.90
N GLN C 205 8.08 44.80 28.59
CA GLN C 205 8.43 44.59 29.99
C GLN C 205 7.35 44.02 30.89
N ALA C 206 6.08 44.30 30.59
CA ALA C 206 4.99 43.77 31.40
C ALA C 206 4.67 42.32 31.05
N MET C 207 5.23 41.83 29.96
CA MET C 207 4.99 40.45 29.56
C MET C 207 5.97 39.45 30.17
N LYS C 208 6.97 39.96 30.89
CA LYS C 208 7.94 39.09 31.57
C LYS C 208 7.18 38.15 32.50
N VAL C 209 7.66 36.92 32.61
CA VAL C 209 7.05 35.92 33.47
C VAL C 209 8.14 35.05 34.10
N ASP C 210 7.73 34.09 34.91
CA ASP C 210 8.67 33.17 35.55
C ASP C 210 8.57 31.88 34.76
N THR C 211 9.59 31.61 33.96
CA THR C 211 9.60 30.43 33.12
C THR C 211 9.55 29.10 33.87
N THR C 212 10.13 29.06 35.06
CA THR C 212 10.14 27.83 35.88
C THR C 212 8.72 27.30 36.07
N ILE C 213 7.75 28.18 35.90
CA ILE C 213 6.36 27.79 36.04
C ILE C 213 5.97 26.72 35.02
N LEU C 214 6.62 26.73 33.86
CA LEU C 214 6.31 25.75 32.84
C LEU C 214 7.27 24.57 32.81
N GLY C 215 8.26 24.59 33.70
CA GLY C 215 9.22 23.50 33.76
C GLY C 215 10.64 23.82 33.35
N LEU C 216 10.97 25.11 33.32
CA LEU C 216 12.31 25.50 32.94
C LEU C 216 13.12 25.67 34.22
N ASP C 217 14.43 25.47 34.14
CA ASP C 217 15.27 25.65 35.32
C ASP C 217 15.31 27.14 35.60
N ASP C 218 15.91 27.53 36.71
CA ASP C 218 15.99 28.93 37.08
C ASP C 218 17.08 29.68 36.33
N LYS C 219 18.06 28.94 35.82
CA LYS C 219 19.16 29.58 35.09
C LYS C 219 18.66 30.06 33.74
N ARG C 220 17.95 29.17 33.03
CA ARG C 220 17.40 29.49 31.71
C ARG C 220 16.18 30.40 31.86
N ALA C 221 15.37 30.13 32.88
CA ALA C 221 14.18 30.94 33.13
C ALA C 221 14.59 32.40 33.33
N LYS C 222 15.82 32.60 33.82
CA LYS C 222 16.33 33.94 34.04
C LYS C 222 16.80 34.53 32.72
N GLU C 223 17.27 33.64 31.84
CA GLU C 223 17.76 34.02 30.52
C GLU C 223 16.59 34.28 29.59
N MET C 224 15.51 33.55 29.81
CA MET C 224 14.34 33.70 28.98
C MET C 224 13.08 33.85 29.80
N PRO C 225 12.76 35.11 30.16
CA PRO C 225 11.57 35.47 30.95
C PRO C 225 10.31 35.65 30.11
N PHE C 226 10.41 35.36 28.82
CA PHE C 226 9.26 35.50 27.92
C PHE C 226 8.86 34.20 27.26
N ILE C 227 7.58 34.12 26.90
CA ILE C 227 7.07 32.96 26.18
C ILE C 227 6.18 33.46 25.05
N ALA C 228 6.44 32.97 23.85
CA ALA C 228 5.69 33.40 22.67
C ALA C 228 4.97 32.24 22.01
N SER C 229 3.77 32.51 21.51
CA SER C 229 3.00 31.49 20.81
C SER C 229 3.81 31.22 19.55
N MET C 230 3.69 30.03 19.00
CA MET C 230 4.43 29.68 17.80
C MET C 230 3.60 28.96 16.76
N GLY C 231 2.30 29.21 16.76
CA GLY C 231 1.43 28.60 15.78
C GLY C 231 1.13 27.12 15.93
N ILE C 232 1.18 26.63 17.16
CA ILE C 232 0.91 25.22 17.41
C ILE C 232 -0.19 25.18 18.46
N TYR C 233 -1.34 24.61 18.08
CA TYR C 233 -2.45 24.55 19.02
C TYR C 233 -3.26 23.28 18.93
N VAL C 234 -3.77 22.87 20.09
CA VAL C 234 -4.64 21.73 20.17
C VAL C 234 -5.95 22.44 20.48
N ILE C 235 -7.06 21.90 20.00
CA ILE C 235 -8.33 22.55 20.25
C ILE C 235 -9.49 21.58 20.25
N SER C 236 -10.20 21.49 21.38
CA SER C 236 -11.35 20.59 21.48
C SER C 236 -12.21 20.89 20.26
N LYS C 237 -12.81 19.87 19.68
CA LYS C 237 -13.62 20.03 18.49
C LYS C 237 -14.68 21.13 18.55
N ASP C 238 -15.51 21.09 19.59
CA ASP C 238 -16.57 22.08 19.72
C ASP C 238 -16.11 23.47 20.12
N VAL C 239 -15.00 23.58 20.84
CA VAL C 239 -14.49 24.88 21.22
C VAL C 239 -14.26 25.62 19.90
N MET C 240 -13.83 24.85 18.90
CA MET C 240 -13.53 25.36 17.56
C MET C 240 -14.79 25.87 16.85
N LEU C 241 -15.79 25.00 16.76
CA LEU C 241 -17.03 25.38 16.11
C LEU C 241 -17.61 26.63 16.77
N ASN C 242 -17.61 26.62 18.11
CA ASN C 242 -18.14 27.72 18.89
C ASN C 242 -17.38 29.02 18.63
N LEU C 243 -16.07 28.99 18.78
CA LEU C 243 -15.26 30.18 18.54
C LEU C 243 -15.34 30.72 17.13
N LEU C 244 -15.22 29.86 16.13
CA LEU C 244 -15.23 30.34 14.75
C LEU C 244 -16.58 30.66 14.17
N ARG C 245 -17.62 29.98 14.64
CA ARG C 245 -18.94 30.25 14.11
C ARG C 245 -19.72 31.30 14.91
N ASP C 246 -19.70 31.18 16.24
CA ASP C 246 -20.44 32.09 17.09
C ASP C 246 -19.66 33.23 17.77
N LYS C 247 -18.74 32.88 18.66
CA LYS C 247 -17.97 33.89 19.39
C LYS C 247 -17.16 34.91 18.57
N PHE C 248 -16.57 34.52 17.45
CA PHE C 248 -15.80 35.48 16.65
C PHE C 248 -15.91 35.27 15.13
N PRO C 249 -17.15 35.18 14.63
CA PRO C 249 -17.44 34.95 13.20
C PRO C 249 -16.76 35.89 12.21
N GLY C 250 -16.18 36.98 12.70
CA GLY C 250 -15.54 37.95 11.82
C GLY C 250 -14.05 38.05 11.94
N ALA C 251 -13.48 37.18 12.76
CA ALA C 251 -12.04 37.18 12.94
C ALA C 251 -11.40 36.68 11.64
N ASN C 252 -10.23 37.21 11.35
CA ASN C 252 -9.47 36.81 10.17
C ASN C 252 -8.19 36.10 10.60
N ASP C 253 -7.61 36.58 11.70
CA ASP C 253 -6.38 36.02 12.25
C ASP C 253 -6.70 35.06 13.37
N PHE C 254 -6.37 33.80 13.15
CA PHE C 254 -6.63 32.74 14.12
C PHE C 254 -5.81 32.86 15.40
N GLY C 255 -4.52 33.16 15.25
CA GLY C 255 -3.63 33.25 16.40
C GLY C 255 -3.49 34.57 17.14
N SER C 256 -3.55 35.69 16.43
CA SER C 256 -3.43 36.99 17.09
C SER C 256 -4.78 37.61 17.47
N GLU C 257 -5.87 37.00 17.00
CA GLU C 257 -7.21 37.49 17.30
C GLU C 257 -8.09 36.47 18.03
N VAL C 258 -8.38 35.37 17.36
CA VAL C 258 -9.23 34.32 17.93
C VAL C 258 -8.78 33.70 19.25
N ILE C 259 -7.48 33.47 19.43
CA ILE C 259 -6.99 32.85 20.65
C ILE C 259 -7.17 33.78 21.85
N PRO C 260 -6.60 34.99 21.78
CA PRO C 260 -6.71 35.97 22.87
C PRO C 260 -8.16 36.21 23.25
N GLY C 261 -9.01 36.31 22.23
CA GLY C 261 -10.42 36.55 22.44
C GLY C 261 -11.06 35.43 23.23
N ALA C 262 -10.63 34.20 22.95
CA ALA C 262 -11.15 33.04 23.64
C ALA C 262 -10.67 33.12 25.08
N THR C 263 -9.45 33.60 25.26
CA THR C 263 -8.86 33.77 26.58
C THR C 263 -9.70 34.83 27.29
N SER C 264 -9.97 35.89 26.54
CA SER C 264 -10.75 37.01 27.04
C SER C 264 -12.17 36.60 27.39
N LEU C 265 -12.53 35.37 27.11
CA LEU C 265 -13.88 34.92 27.44
C LEU C 265 -13.84 34.03 28.67
N GLY C 266 -12.64 33.82 29.20
CA GLY C 266 -12.53 32.95 30.36
C GLY C 266 -12.43 31.48 30.03
N MET C 267 -12.18 31.13 28.77
CA MET C 267 -12.04 29.73 28.41
C MET C 267 -10.69 29.26 28.92
N ARG C 268 -10.55 27.95 29.09
CA ARG C 268 -9.30 27.39 29.60
C ARG C 268 -8.18 27.31 28.57
N VAL C 269 -7.47 28.41 28.34
CA VAL C 269 -6.37 28.40 27.39
C VAL C 269 -5.10 28.16 28.19
N GLN C 270 -4.60 26.93 28.11
CA GLN C 270 -3.42 26.48 28.85
C GLN C 270 -2.12 26.47 28.03
N ALA C 271 -1.02 26.87 28.66
CA ALA C 271 0.28 26.86 27.97
C ALA C 271 0.97 25.51 28.14
N TYR C 272 1.93 25.26 27.24
CA TYR C 272 2.71 24.02 27.24
C TYR C 272 4.09 24.39 26.72
N LEU C 273 5.10 24.16 27.54
CA LEU C 273 6.48 24.50 27.20
C LEU C 273 7.13 23.66 26.09
N TYR C 274 7.74 24.35 25.13
CA TYR C 274 8.43 23.67 24.04
C TYR C 274 9.96 23.81 24.14
N ASP C 275 10.65 22.67 24.18
CA ASP C 275 12.11 22.65 24.26
C ASP C 275 12.70 22.16 22.95
N GLY C 276 13.71 22.86 22.44
CA GLY C 276 14.34 22.41 21.20
C GLY C 276 14.46 23.47 20.12
N TYR C 277 15.01 23.05 18.97
CA TYR C 277 15.19 23.95 17.83
C TYR C 277 13.84 24.23 17.19
N TRP C 278 13.64 25.50 16.84
CA TRP C 278 12.42 25.95 16.20
C TRP C 278 12.89 27.17 15.46
N GLU C 279 12.51 27.28 14.19
CA GLU C 279 12.92 28.42 13.40
C GLU C 279 11.86 28.77 12.36
N ASP C 280 11.59 30.06 12.22
CA ASP C 280 10.60 30.52 11.26
C ASP C 280 11.30 30.66 9.92
N ILE C 281 10.78 29.98 8.91
CA ILE C 281 11.39 30.02 7.60
C ILE C 281 10.42 30.50 6.53
N GLY C 282 9.58 31.48 6.89
CA GLY C 282 8.60 32.00 5.95
C GLY C 282 9.00 33.31 5.29
N THR C 283 10.21 33.76 5.56
CA THR C 283 10.73 34.98 4.95
C THR C 283 12.00 34.56 4.23
N ILE C 284 12.43 35.32 3.23
CA ILE C 284 13.63 34.93 2.50
C ILE C 284 14.86 34.78 3.37
N GLU C 285 15.29 35.87 3.98
CA GLU C 285 16.49 35.83 4.80
C GLU C 285 16.54 34.63 5.74
N ALA C 286 15.46 34.39 6.47
CA ALA C 286 15.46 33.29 7.40
C ALA C 286 15.47 31.94 6.66
N PHE C 287 14.84 31.90 5.49
CA PHE C 287 14.79 30.65 4.71
C PHE C 287 16.22 30.29 4.30
N TYR C 288 16.92 31.30 3.82
CA TYR C 288 18.29 31.15 3.39
C TYR C 288 19.16 30.58 4.52
N ASN C 289 19.16 31.26 5.67
CA ASN C 289 19.96 30.82 6.82
C ASN C 289 19.62 29.44 7.32
N ALA C 290 18.34 29.12 7.41
CA ALA C 290 17.98 27.80 7.87
C ALA C 290 18.46 26.73 6.90
N ASN C 291 18.30 26.96 5.60
CA ASN C 291 18.75 25.96 4.65
C ASN C 291 20.25 25.80 4.70
N LEU C 292 20.99 26.89 4.69
CA LEU C 292 22.44 26.82 4.77
C LEU C 292 22.85 26.19 6.11
N GLY C 293 22.04 26.41 7.14
CA GLY C 293 22.33 25.90 8.47
C GLY C 293 22.65 24.43 8.68
N ILE C 294 22.23 23.56 7.77
CA ILE C 294 22.54 22.14 7.96
C ILE C 294 24.00 21.83 7.71
N THR C 295 24.69 22.76 7.06
CA THR C 295 26.12 22.59 6.78
C THR C 295 26.93 22.97 8.01
N LYS C 296 26.25 23.28 9.11
CA LYS C 296 26.93 23.68 10.32
C LYS C 296 27.86 22.62 10.93
N LYS C 297 28.91 23.10 11.58
CA LYS C 297 29.90 22.25 12.24
C LYS C 297 29.97 22.63 13.73
N PRO C 298 30.20 21.63 14.61
CA PRO C 298 30.39 20.20 14.31
C PRO C 298 29.11 19.43 14.02
N VAL C 299 27.97 20.06 14.26
CA VAL C 299 26.67 19.42 14.01
C VAL C 299 25.57 20.44 13.74
N PRO C 300 24.49 20.00 13.06
CA PRO C 300 23.37 20.89 12.75
C PRO C 300 22.43 20.99 13.94
N ASP C 301 21.92 22.20 14.18
CA ASP C 301 20.98 22.42 15.27
C ASP C 301 19.76 21.58 14.92
N PHE C 302 19.48 21.51 13.63
CA PHE C 302 18.36 20.72 13.14
C PHE C 302 18.82 19.68 12.15
N SER C 303 18.37 18.44 12.34
CA SER C 303 18.73 17.36 11.44
C SER C 303 17.44 16.86 10.82
N PHE C 304 17.43 16.62 9.51
CA PHE C 304 16.23 16.14 8.89
C PHE C 304 16.00 14.67 9.19
N TYR C 305 17.06 13.90 9.11
CA TYR C 305 16.95 12.47 9.41
C TYR C 305 16.94 12.26 10.91
N ASP C 306 16.45 11.10 11.35
CA ASP C 306 16.40 10.78 12.76
C ASP C 306 15.97 9.34 12.94
N ARG C 307 16.65 8.61 13.82
CA ARG C 307 16.36 7.21 14.06
C ARG C 307 14.87 6.85 14.19
N SER C 308 14.16 7.58 15.03
CA SER C 308 12.74 7.33 15.28
C SER C 308 11.71 8.20 14.55
N ALA C 309 12.03 9.48 14.34
CA ALA C 309 11.11 10.42 13.69
C ALA C 309 11.73 11.20 12.53
N PRO C 310 12.03 10.52 11.43
CA PRO C 310 12.63 11.19 10.27
C PRO C 310 11.69 12.12 9.53
N ILE C 311 12.27 13.02 8.73
CA ILE C 311 11.49 13.91 7.90
C ILE C 311 11.33 13.11 6.62
N TYR C 312 10.11 12.66 6.33
CA TYR C 312 9.89 11.87 5.13
C TYR C 312 9.83 12.73 3.90
N THR C 313 9.75 12.07 2.76
CA THR C 313 9.67 12.76 1.48
C THR C 313 9.41 11.71 0.42
N GLN C 314 9.22 12.17 -0.81
CA GLN C 314 8.93 11.25 -1.90
C GLN C 314 10.08 10.39 -2.35
N PRO C 315 9.82 9.09 -2.55
CA PRO C 315 10.83 8.13 -3.01
C PRO C 315 11.02 8.39 -4.50
N ARG C 316 12.20 8.85 -4.88
CA ARG C 316 12.48 9.17 -6.28
C ARG C 316 13.35 8.15 -7.03
N TYR C 317 14.10 7.34 -6.28
CA TYR C 317 14.95 6.33 -6.90
C TYR C 317 16.06 6.91 -7.77
N LEU C 318 16.36 8.19 -7.60
CA LEU C 318 17.41 8.81 -8.37
C LEU C 318 18.72 8.09 -8.06
N PRO C 319 19.66 8.10 -9.03
CA PRO C 319 20.95 7.44 -8.86
C PRO C 319 21.87 8.21 -7.91
N PRO C 320 22.92 7.56 -7.42
CA PRO C 320 23.84 8.26 -6.51
C PRO C 320 24.44 9.42 -7.27
N SER C 321 24.91 10.43 -6.53
CA SER C 321 25.51 11.60 -7.16
C SER C 321 26.84 11.30 -7.83
N LYS C 322 27.07 11.95 -8.96
CA LYS C 322 28.28 11.77 -9.75
C LYS C 322 29.18 13.01 -9.68
N MET C 323 30.44 12.79 -9.31
CA MET C 323 31.39 13.89 -9.22
C MET C 323 32.64 13.61 -10.04
N LEU C 324 32.94 14.49 -10.98
CA LEU C 324 34.10 14.33 -11.85
C LEU C 324 35.39 14.88 -11.22
N ASP C 325 35.27 16.04 -10.58
CA ASP C 325 36.41 16.70 -9.93
C ASP C 325 35.95 17.90 -9.09
N ALA C 326 35.39 17.60 -7.93
CA ALA C 326 34.86 18.65 -7.06
C ALA C 326 35.57 18.93 -5.74
N ASP C 327 35.97 20.18 -5.56
CA ASP C 327 36.61 20.59 -4.32
C ASP C 327 35.41 21.09 -3.51
N VAL C 328 34.83 20.21 -2.70
CA VAL C 328 33.66 20.60 -1.92
C VAL C 328 33.88 20.78 -0.41
N THR C 329 33.76 22.03 0.06
CA THR C 329 33.93 22.35 1.47
C THR C 329 32.60 22.77 2.12
N ASP C 330 32.36 22.30 3.34
CA ASP C 330 31.16 22.62 4.11
C ASP C 330 29.86 22.68 3.30
N SER C 331 29.48 21.59 2.67
CA SER C 331 28.27 21.61 1.87
C SER C 331 27.43 20.36 1.96
N VAL C 332 26.30 20.39 1.26
CA VAL C 332 25.38 19.28 1.25
C VAL C 332 25.04 18.94 -0.19
N ILE C 333 25.04 17.64 -0.50
CA ILE C 333 24.73 17.17 -1.85
C ILE C 333 23.52 16.25 -1.82
N GLY C 334 22.50 16.62 -2.58
CA GLY C 334 21.30 15.82 -2.64
C GLY C 334 21.37 14.67 -3.62
N GLU C 335 20.22 14.04 -3.84
CA GLU C 335 20.11 12.91 -4.76
C GLU C 335 20.43 13.24 -6.22
N GLY C 336 20.94 12.24 -6.93
CA GLY C 336 21.26 12.38 -8.34
C GLY C 336 21.88 13.64 -8.93
N CYS C 337 22.91 14.19 -8.31
CA CYS C 337 23.53 15.38 -8.86
C CYS C 337 24.55 15.03 -9.93
N VAL C 338 24.97 16.03 -10.70
CA VAL C 338 25.96 15.82 -11.74
C VAL C 338 26.95 16.97 -11.71
N ILE C 339 27.95 16.82 -10.86
CA ILE C 339 28.95 17.85 -10.72
C ILE C 339 30.14 17.51 -11.62
N LYS C 340 30.78 18.53 -12.16
CA LYS C 340 31.96 18.34 -12.99
C LYS C 340 33.16 18.86 -12.20
N ASN C 341 34.09 19.51 -12.87
CA ASN C 341 35.26 20.05 -12.21
C ASN C 341 34.91 21.43 -11.69
N CYS C 342 34.59 21.50 -10.40
CA CYS C 342 34.19 22.76 -9.82
C CYS C 342 34.41 22.90 -8.32
N LYS C 343 33.99 24.04 -7.81
CA LYS C 343 34.11 24.35 -6.39
C LYS C 343 32.73 24.61 -5.77
N ILE C 344 32.46 23.91 -4.68
CA ILE C 344 31.19 24.05 -3.97
C ILE C 344 31.54 24.32 -2.50
N HIS C 345 31.38 25.57 -2.08
CA HIS C 345 31.70 25.97 -0.72
C HIS C 345 30.50 26.52 0.07
N HIS C 346 30.30 25.98 1.26
CA HIS C 346 29.21 26.39 2.15
C HIS C 346 27.92 26.60 1.37
N SER C 347 27.45 25.54 0.73
CA SER C 347 26.24 25.59 -0.08
C SER C 347 25.41 24.33 0.07
N VAL C 348 24.18 24.39 -0.40
CA VAL C 348 23.26 23.25 -0.37
C VAL C 348 22.93 22.93 -1.83
N VAL C 349 23.22 21.70 -2.24
CA VAL C 349 22.97 21.31 -3.62
C VAL C 349 21.79 20.36 -3.75
N GLY C 350 20.71 20.87 -4.32
CA GLY C 350 19.50 20.09 -4.47
C GLY C 350 19.52 18.96 -5.48
N LEU C 351 18.53 18.09 -5.38
CA LEU C 351 18.41 16.95 -6.25
C LEU C 351 18.42 17.30 -7.74
N ARG C 352 19.11 16.45 -8.51
CA ARG C 352 19.25 16.60 -9.95
C ARG C 352 20.00 17.85 -10.38
N SER C 353 20.80 18.43 -9.49
CA SER C 353 21.57 19.62 -9.85
C SER C 353 22.60 19.31 -10.92
N CYS C 354 22.91 20.30 -11.74
CA CYS C 354 23.92 20.12 -12.76
C CYS C 354 24.85 21.30 -12.71
N ILE C 355 26.01 21.11 -12.10
CA ILE C 355 26.98 22.19 -12.02
C ILE C 355 28.06 21.89 -13.04
N SER C 356 28.35 22.85 -13.91
CA SER C 356 29.34 22.67 -14.97
C SER C 356 30.81 22.91 -14.63
N GLU C 357 31.63 22.82 -15.68
CA GLU C 357 33.07 22.99 -15.60
C GLU C 357 33.50 24.35 -15.08
N GLY C 358 34.47 24.29 -14.16
CA GLY C 358 35.01 25.50 -13.58
C GLY C 358 34.01 26.42 -12.93
N ALA C 359 32.95 25.86 -12.38
CA ALA C 359 31.95 26.67 -11.74
C ALA C 359 32.38 26.86 -10.29
N ILE C 360 31.89 27.92 -9.66
CA ILE C 360 32.21 28.20 -8.26
C ILE C 360 30.93 28.56 -7.53
N ILE C 361 30.52 27.70 -6.61
CA ILE C 361 29.31 27.91 -5.83
C ILE C 361 29.65 28.19 -4.37
N GLU C 362 29.53 29.46 -3.96
CA GLU C 362 29.83 29.88 -2.59
C GLU C 362 28.58 30.35 -1.86
N ASP C 363 28.29 29.76 -0.71
CA ASP C 363 27.15 30.17 0.12
C ASP C 363 25.82 30.28 -0.60
N SER C 364 25.42 29.24 -1.31
CA SER C 364 24.17 29.31 -2.04
C SER C 364 23.28 28.13 -1.82
N LEU C 365 22.04 28.27 -2.26
CA LEU C 365 21.05 27.22 -2.15
C LEU C 365 20.60 26.88 -3.57
N LEU C 366 21.02 25.72 -4.05
CA LEU C 366 20.65 25.25 -5.40
C LEU C 366 19.48 24.30 -5.22
N MET C 367 18.31 24.74 -5.68
CA MET C 367 17.08 23.94 -5.54
C MET C 367 17.15 22.66 -6.35
N GLY C 368 17.85 22.72 -7.48
CA GLY C 368 17.97 21.55 -8.31
C GLY C 368 17.03 21.59 -9.50
N ALA C 369 16.56 20.42 -9.93
CA ALA C 369 15.69 20.33 -11.09
C ALA C 369 14.59 19.30 -10.92
N ASP C 370 13.52 19.43 -11.69
CA ASP C 370 12.42 18.48 -11.58
C ASP C 370 12.64 17.28 -12.49
N TYR C 371 13.65 17.35 -13.35
CA TYR C 371 13.94 16.27 -14.28
C TYR C 371 15.30 16.44 -14.94
N TYR C 372 15.78 15.38 -15.56
CA TYR C 372 17.06 15.40 -16.26
C TYR C 372 16.84 15.68 -17.76
N GLU C 373 17.70 16.51 -18.35
CA GLU C 373 17.63 16.83 -19.79
C GLU C 373 18.61 15.90 -20.49
N THR C 374 18.14 15.11 -21.45
CA THR C 374 19.03 14.20 -22.17
C THR C 374 19.94 14.94 -23.16
N ASP C 375 21.00 14.25 -23.57
CA ASP C 375 21.97 14.80 -24.51
C ASP C 375 21.29 15.42 -25.71
N ALA C 376 20.41 14.66 -26.34
CA ALA C 376 19.65 15.15 -27.48
C ALA C 376 19.17 16.56 -27.17
N ASP C 377 18.36 16.67 -26.11
CA ASP C 377 17.80 17.95 -25.68
C ASP C 377 18.85 19.05 -25.65
N ARG C 378 20.00 18.77 -25.06
CA ARG C 378 21.07 19.74 -24.99
C ARG C 378 21.48 20.17 -26.39
N LYS C 379 21.43 19.25 -27.33
CA LYS C 379 21.76 19.56 -28.71
C LYS C 379 20.79 20.60 -29.26
N LEU C 380 19.50 20.33 -29.12
CA LEU C 380 18.52 21.28 -29.61
C LEU C 380 18.66 22.64 -28.95
N LEU C 381 18.87 22.65 -27.63
CA LEU C 381 19.03 23.90 -26.90
C LEU C 381 20.22 24.69 -27.42
N ALA C 382 21.30 23.98 -27.70
CA ALA C 382 22.52 24.62 -28.20
C ALA C 382 22.28 25.20 -29.60
N ALA C 383 21.71 24.38 -30.47
CA ALA C 383 21.40 24.78 -31.84
C ALA C 383 20.48 25.99 -31.89
N LYS C 384 19.60 26.09 -30.89
CA LYS C 384 18.67 27.23 -30.84
C LYS C 384 19.30 28.39 -30.07
N GLY C 385 20.50 28.15 -29.57
CA GLY C 385 21.22 29.17 -28.83
C GLY C 385 20.69 29.43 -27.44
N SER C 386 20.14 28.39 -26.80
CA SER C 386 19.60 28.51 -25.46
C SER C 386 20.45 27.78 -24.42
N VAL C 387 20.16 28.05 -23.15
CA VAL C 387 20.92 27.44 -22.07
C VAL C 387 20.24 26.20 -21.50
N PRO C 388 21.04 25.17 -21.22
CA PRO C 388 20.51 23.93 -20.65
C PRO C 388 20.23 24.18 -19.17
N ILE C 389 19.51 23.28 -18.53
CA ILE C 389 19.22 23.47 -17.13
C ILE C 389 20.47 23.24 -16.29
N GLY C 390 20.72 24.12 -15.33
CA GLY C 390 21.87 23.96 -14.46
C GLY C 390 22.81 25.13 -14.47
N ILE C 391 23.84 25.07 -13.64
CA ILE C 391 24.84 26.14 -13.57
C ILE C 391 25.80 25.92 -14.74
N GLY C 392 25.97 26.95 -15.58
CA GLY C 392 26.85 26.82 -16.73
C GLY C 392 28.34 26.78 -16.44
N LYS C 393 29.14 26.71 -17.51
CA LYS C 393 30.60 26.67 -17.39
C LYS C 393 31.16 27.98 -16.86
N ASN C 394 32.09 27.85 -15.93
CA ASN C 394 32.74 29.01 -15.34
C ASN C 394 31.77 30.01 -14.74
N CYS C 395 30.74 29.52 -14.07
CA CYS C 395 29.78 30.39 -13.43
C CYS C 395 30.19 30.60 -11.99
N HIS C 396 29.97 31.81 -11.49
CA HIS C 396 30.31 32.16 -10.12
C HIS C 396 29.04 32.57 -9.40
N ILE C 397 28.47 31.65 -8.63
CA ILE C 397 27.24 31.94 -7.91
C ILE C 397 27.44 32.01 -6.39
N LYS C 398 27.33 33.21 -5.83
CA LYS C 398 27.50 33.33 -4.38
C LYS C 398 26.34 34.05 -3.66
N ARG C 399 25.91 33.46 -2.53
CA ARG C 399 24.85 34.01 -1.71
C ARG C 399 23.55 34.23 -2.50
N ALA C 400 23.07 33.16 -3.10
CA ALA C 400 21.86 33.23 -3.90
C ALA C 400 21.03 31.99 -3.72
N ILE C 401 19.79 32.06 -4.17
CA ILE C 401 18.92 30.92 -4.14
C ILE C 401 18.55 30.72 -5.59
N ILE C 402 18.96 29.58 -6.13
CA ILE C 402 18.67 29.29 -7.52
C ILE C 402 17.52 28.29 -7.55
N ASP C 403 16.35 28.77 -7.92
CA ASP C 403 15.19 27.91 -7.95
C ASP C 403 15.24 26.77 -8.97
N LYS C 404 14.33 25.81 -8.83
CA LYS C 404 14.27 24.67 -9.72
C LYS C 404 14.35 25.03 -11.20
N ASN C 405 14.89 24.08 -11.96
CA ASN C 405 15.06 24.16 -13.41
C ASN C 405 15.60 25.45 -13.98
N ALA C 406 16.46 26.13 -13.23
CA ALA C 406 17.05 27.37 -13.72
C ALA C 406 18.10 27.06 -14.79
N ARG C 407 18.18 27.92 -15.78
CA ARG C 407 19.12 27.73 -16.87
C ARG C 407 20.14 28.84 -16.77
N ILE C 408 21.21 28.57 -16.03
CA ILE C 408 22.25 29.57 -15.87
C ILE C 408 23.23 29.37 -17.01
N GLY C 409 23.43 30.43 -17.78
CA GLY C 409 24.34 30.34 -18.90
C GLY C 409 25.80 30.44 -18.50
N ASP C 410 26.68 30.13 -19.44
CA ASP C 410 28.11 30.17 -19.22
C ASP C 410 28.63 31.54 -18.81
N ASN C 411 29.59 31.54 -17.89
CA ASN C 411 30.24 32.76 -17.41
C ASN C 411 29.38 33.76 -16.66
N VAL C 412 28.25 33.30 -16.13
CA VAL C 412 27.38 34.17 -15.38
C VAL C 412 27.96 34.42 -13.99
N LYS C 413 27.93 35.68 -13.57
CA LYS C 413 28.46 36.05 -12.25
C LYS C 413 27.41 36.67 -11.34
N ILE C 414 26.69 35.85 -10.58
CA ILE C 414 25.71 36.38 -9.64
C ILE C 414 26.52 36.72 -8.38
N ILE C 415 27.05 37.92 -8.32
CA ILE C 415 27.90 38.31 -7.20
C ILE C 415 27.53 39.62 -6.52
N ASN C 416 26.49 40.28 -7.05
CA ASN C 416 26.00 41.55 -6.54
C ASN C 416 27.09 42.36 -5.87
N LYS C 417 27.90 43.05 -6.68
CA LYS C 417 28.98 43.85 -6.15
C LYS C 417 28.46 45.17 -5.58
N ASP C 418 27.48 45.77 -6.27
CA ASP C 418 26.89 47.03 -5.81
C ASP C 418 26.23 46.88 -4.44
N ASN C 419 26.36 45.68 -3.86
CA ASN C 419 25.79 45.36 -2.56
C ASN C 419 24.35 45.85 -2.40
N VAL C 420 23.53 45.60 -3.40
CA VAL C 420 22.14 46.00 -3.35
C VAL C 420 21.48 45.10 -2.31
N GLN C 421 20.37 45.55 -1.73
CA GLN C 421 19.69 44.75 -0.71
C GLN C 421 18.31 44.29 -1.12
N GLU C 422 17.60 45.16 -1.81
CA GLU C 422 16.26 44.87 -2.25
C GLU C 422 16.21 45.21 -3.71
N ALA C 423 15.71 44.30 -4.53
CA ALA C 423 15.61 44.59 -5.94
C ALA C 423 14.59 43.66 -6.56
N ALA C 424 13.60 44.23 -7.24
CA ALA C 424 12.58 43.42 -7.88
C ALA C 424 12.82 43.49 -9.38
N ARG C 425 13.36 42.42 -9.93
CA ARG C 425 13.67 42.38 -11.36
C ARG C 425 13.06 41.12 -11.95
N GLU C 426 11.85 40.81 -11.48
CA GLU C 426 11.09 39.65 -11.91
C GLU C 426 11.18 39.40 -13.42
N THR C 427 11.39 40.46 -14.19
CA THR C 427 11.49 40.32 -15.63
C THR C 427 12.80 39.69 -16.06
N ASP C 428 13.85 39.92 -15.28
CA ASP C 428 15.16 39.38 -15.60
C ASP C 428 15.41 38.03 -14.93
N GLY C 429 14.39 37.54 -14.23
CA GLY C 429 14.49 36.25 -13.58
C GLY C 429 14.94 36.22 -12.13
N TYR C 430 14.95 37.36 -11.46
CA TYR C 430 15.40 37.34 -10.08
C TYR C 430 15.03 38.54 -9.23
N PHE C 431 14.91 38.30 -7.94
CA PHE C 431 14.64 39.34 -6.98
C PHE C 431 15.85 39.31 -6.06
N ILE C 432 16.12 40.43 -5.41
CA ILE C 432 17.20 40.49 -4.45
C ILE C 432 16.53 40.91 -3.16
N LYS C 433 16.58 40.04 -2.17
CA LYS C 433 15.99 40.34 -0.88
C LYS C 433 17.09 40.22 0.17
N SER C 434 17.32 41.30 0.92
CA SER C 434 18.34 41.31 1.96
C SER C 434 19.70 40.89 1.41
N GLY C 435 20.03 41.34 0.21
CA GLY C 435 21.31 40.99 -0.38
C GLY C 435 21.41 39.57 -0.92
N ILE C 436 20.34 38.81 -0.78
CA ILE C 436 20.31 37.44 -1.28
C ILE C 436 19.66 37.44 -2.66
N VAL C 437 20.41 37.02 -3.68
CA VAL C 437 19.87 36.98 -5.03
C VAL C 437 19.07 35.70 -5.19
N THR C 438 17.91 35.81 -5.82
CA THR C 438 17.07 34.65 -6.04
C THR C 438 16.69 34.54 -7.50
N VAL C 439 17.02 33.42 -8.11
CA VAL C 439 16.68 33.22 -9.50
C VAL C 439 15.35 32.47 -9.51
N ILE C 440 14.39 32.98 -10.29
CA ILE C 440 13.08 32.37 -10.36
C ILE C 440 13.11 31.04 -11.06
N LYS C 441 12.20 30.16 -10.67
CA LYS C 441 12.11 28.85 -11.31
C LYS C 441 11.98 28.97 -12.83
N ASP C 442 12.62 28.04 -13.53
CA ASP C 442 12.63 27.97 -14.99
C ASP C 442 13.20 29.25 -15.59
N ALA C 443 13.93 30.02 -14.79
CA ALA C 443 14.50 31.26 -15.31
C ALA C 443 15.65 30.94 -16.27
N LEU C 444 16.03 31.92 -17.08
CA LEU C 444 17.13 31.76 -17.99
C LEU C 444 17.97 33.01 -18.00
N ILE C 445 19.21 32.89 -17.52
CA ILE C 445 20.12 34.02 -17.50
C ILE C 445 21.20 33.75 -18.54
N PRO C 446 21.22 34.56 -19.61
CA PRO C 446 22.17 34.45 -20.71
C PRO C 446 23.65 34.49 -20.31
N SER C 447 24.50 33.98 -21.21
CA SER C 447 25.94 33.95 -21.00
C SER C 447 26.56 35.30 -20.68
N GLY C 448 27.52 35.31 -19.77
CA GLY C 448 28.21 36.54 -19.41
C GLY C 448 27.45 37.59 -18.62
N ILE C 449 26.19 37.35 -18.30
CA ILE C 449 25.40 38.31 -17.54
C ILE C 449 25.86 38.42 -16.10
N ILE C 450 26.05 39.65 -15.65
CA ILE C 450 26.49 39.85 -14.28
C ILE C 450 25.36 40.44 -13.43
N ILE C 451 24.98 39.71 -12.39
CA ILE C 451 23.93 40.14 -11.46
C ILE C 451 24.55 40.45 -10.09
N LEU D 13 1.51 -7.95 -25.88
CA LEU D 13 1.10 -9.27 -25.29
C LEU D 13 -0.38 -9.26 -24.94
N ASP D 14 -0.98 -10.44 -24.90
CA ASP D 14 -2.40 -10.56 -24.54
C ASP D 14 -2.82 -12.01 -24.39
N PRO D 15 -3.25 -12.40 -23.18
CA PRO D 15 -3.33 -11.54 -21.99
C PRO D 15 -1.97 -10.93 -21.65
N ASP D 16 -1.97 -9.82 -20.90
CA ASP D 16 -0.72 -9.17 -20.54
C ASP D 16 0.10 -9.92 -19.48
N ALA D 17 1.39 -9.60 -19.42
CA ALA D 17 2.32 -10.22 -18.49
C ALA D 17 1.86 -10.12 -17.04
N SER D 18 1.53 -8.90 -16.62
CA SER D 18 1.07 -8.67 -15.25
C SER D 18 0.27 -9.84 -14.68
N ARG D 19 -0.65 -10.38 -15.47
CA ARG D 19 -1.51 -11.47 -15.02
C ARG D 19 -1.26 -12.83 -15.67
N SER D 20 -0.60 -12.86 -16.81
CA SER D 20 -0.35 -14.11 -17.51
C SER D 20 1.06 -14.68 -17.37
N VAL D 21 1.96 -13.93 -16.76
CA VAL D 21 3.34 -14.41 -16.60
C VAL D 21 3.84 -14.37 -15.17
N LEU D 22 4.43 -15.48 -14.73
CA LEU D 22 4.98 -15.58 -13.38
C LEU D 22 6.48 -15.37 -13.45
N GLY D 23 7.04 -14.66 -12.47
CA GLY D 23 8.46 -14.42 -12.48
C GLY D 23 9.20 -15.27 -11.46
N ILE D 24 10.19 -16.03 -11.92
CA ILE D 24 10.96 -16.87 -11.03
C ILE D 24 12.42 -16.48 -11.13
N ILE D 25 12.91 -15.81 -10.08
CA ILE D 25 14.29 -15.36 -10.01
C ILE D 25 15.13 -16.32 -9.19
N LEU D 26 16.28 -16.73 -9.74
CA LEU D 26 17.16 -17.64 -9.04
C LEU D 26 18.47 -16.93 -8.80
N GLY D 27 18.85 -16.79 -7.53
CA GLY D 27 20.08 -16.10 -7.23
C GLY D 27 20.69 -16.50 -5.90
N GLY D 28 20.27 -17.66 -5.40
CA GLY D 28 20.79 -18.15 -4.13
C GLY D 28 21.93 -19.11 -4.35
N GLY D 29 21.81 -20.31 -3.79
CA GLY D 29 22.84 -21.31 -3.93
C GLY D 29 24.15 -20.92 -3.25
N ALA D 30 25.22 -21.63 -3.61
CA ALA D 30 26.53 -21.36 -3.05
C ALA D 30 27.05 -20.00 -3.54
N GLY D 31 27.27 -19.87 -4.84
CA GLY D 31 27.77 -18.63 -5.40
C GLY D 31 28.93 -18.12 -4.58
N THR D 32 29.61 -19.05 -3.93
CA THR D 32 30.77 -18.77 -3.08
C THR D 32 31.84 -17.96 -3.81
N ARG D 33 31.74 -17.94 -5.14
CA ARG D 33 32.69 -17.18 -5.95
C ARG D 33 32.81 -15.77 -5.39
N LEU D 34 31.80 -15.35 -4.64
CA LEU D 34 31.76 -14.02 -4.07
C LEU D 34 32.15 -13.94 -2.59
N TYR D 35 32.77 -14.98 -2.08
CA TYR D 35 33.21 -14.98 -0.67
C TYR D 35 34.21 -13.83 -0.62
N PRO D 36 34.25 -13.08 0.49
CA PRO D 36 33.46 -13.17 1.71
C PRO D 36 32.22 -12.29 1.69
N LEU D 37 31.89 -11.72 0.53
CA LEU D 37 30.72 -10.86 0.44
C LEU D 37 29.46 -11.62 0.84
N THR D 38 29.36 -12.86 0.40
CA THR D 38 28.21 -13.69 0.72
C THR D 38 28.43 -14.52 1.97
N LYS D 39 29.45 -14.17 2.75
CA LYS D 39 29.74 -14.91 3.97
C LYS D 39 28.52 -14.95 4.88
N LYS D 40 28.02 -13.77 5.23
CA LYS D 40 26.85 -13.67 6.10
C LYS D 40 25.54 -13.68 5.32
N ARG D 41 25.18 -12.52 4.76
CA ARG D 41 23.95 -12.36 4.01
C ARG D 41 23.79 -13.29 2.81
N ALA D 42 22.53 -13.55 2.45
CA ALA D 42 22.24 -14.40 1.29
C ALA D 42 22.74 -13.65 0.06
N LYS D 43 22.98 -14.39 -1.02
CA LYS D 43 23.51 -13.80 -2.25
C LYS D 43 22.69 -12.68 -2.88
N PRO D 44 21.35 -12.84 -2.94
CA PRO D 44 20.52 -11.78 -3.54
C PRO D 44 20.63 -10.43 -2.85
N ALA D 45 20.99 -10.45 -1.57
CA ALA D 45 21.13 -9.25 -0.77
C ALA D 45 22.48 -8.57 -0.88
N VAL D 46 23.32 -9.01 -1.80
CA VAL D 46 24.63 -8.39 -1.93
C VAL D 46 24.52 -6.93 -2.37
N PRO D 47 25.13 -6.01 -1.60
CA PRO D 47 25.12 -4.58 -1.89
C PRO D 47 25.64 -4.30 -3.29
N LEU D 48 25.15 -3.23 -3.91
CA LEU D 48 25.52 -2.89 -5.27
C LEU D 48 25.31 -1.41 -5.59
N GLY D 49 26.14 -0.88 -6.48
CA GLY D 49 26.02 0.50 -6.90
C GLY D 49 25.80 1.58 -5.86
N ALA D 50 26.38 1.41 -4.68
CA ALA D 50 26.25 2.40 -3.60
C ALA D 50 24.90 2.50 -2.91
N ASN D 51 23.81 2.34 -3.68
CA ASN D 51 22.46 2.44 -3.13
C ASN D 51 21.56 1.26 -3.51
N TYR D 52 22.12 0.07 -3.73
CA TYR D 52 21.28 -1.07 -4.12
C TYR D 52 21.77 -2.41 -3.61
N ARG D 53 21.15 -3.47 -4.13
CA ARG D 53 21.48 -4.86 -3.80
C ARG D 53 21.22 -5.66 -5.07
N LEU D 54 22.05 -6.65 -5.35
CA LEU D 54 21.91 -7.44 -6.57
C LEU D 54 20.47 -7.72 -7.01
N ILE D 55 19.65 -8.19 -6.07
CA ILE D 55 18.27 -8.53 -6.36
C ILE D 55 17.45 -7.42 -7.00
N ASP D 56 17.89 -6.18 -6.84
CA ASP D 56 17.13 -5.08 -7.42
C ASP D 56 17.23 -5.05 -8.94
N ILE D 57 18.19 -5.76 -9.50
CA ILE D 57 18.33 -5.76 -10.95
C ILE D 57 17.25 -6.54 -11.70
N PRO D 58 17.11 -7.84 -11.37
CA PRO D 58 16.13 -8.73 -11.99
C PRO D 58 14.69 -8.43 -11.55
N VAL D 59 14.53 -7.88 -10.36
CA VAL D 59 13.19 -7.54 -9.88
C VAL D 59 12.74 -6.23 -10.52
N SER D 60 13.66 -5.30 -10.68
CA SER D 60 13.32 -4.04 -11.31
C SER D 60 12.98 -4.26 -12.78
N ASN D 61 13.77 -5.09 -13.47
CA ASN D 61 13.50 -5.36 -14.86
C ASN D 61 12.12 -5.95 -15.01
N CYS D 62 11.76 -6.87 -14.11
CA CYS D 62 10.43 -7.49 -14.16
C CYS D 62 9.32 -6.45 -14.04
N LEU D 63 9.34 -5.70 -12.95
CA LEU D 63 8.35 -4.67 -12.71
C LEU D 63 8.23 -3.76 -13.93
N ASN D 64 9.36 -3.20 -14.37
CA ASN D 64 9.36 -2.30 -15.53
C ASN D 64 8.88 -3.01 -16.79
N SER D 65 8.74 -4.33 -16.71
CA SER D 65 8.29 -5.13 -17.83
C SER D 65 6.85 -5.52 -17.60
N ASN D 66 6.28 -4.99 -16.53
CA ASN D 66 4.91 -5.27 -16.16
C ASN D 66 4.78 -6.69 -15.63
N ILE D 67 5.84 -7.18 -14.99
CA ILE D 67 5.83 -8.52 -14.40
C ILE D 67 5.54 -8.37 -12.91
N SER D 68 4.33 -8.72 -12.49
CA SER D 68 3.96 -8.59 -11.09
C SER D 68 4.23 -9.86 -10.29
N LYS D 69 3.76 -10.99 -10.79
CA LYS D 69 4.02 -12.23 -10.09
C LYS D 69 5.54 -12.41 -10.11
N ILE D 70 6.15 -12.40 -8.93
CA ILE D 70 7.59 -12.56 -8.82
C ILE D 70 7.97 -13.37 -7.59
N TYR D 71 8.70 -14.45 -7.81
CA TYR D 71 9.19 -15.28 -6.74
C TYR D 71 10.71 -15.15 -6.78
N VAL D 72 11.35 -15.25 -5.62
CA VAL D 72 12.81 -15.15 -5.53
C VAL D 72 13.36 -16.30 -4.70
N LEU D 73 13.89 -17.30 -5.39
CA LEU D 73 14.46 -18.47 -4.74
C LEU D 73 15.82 -18.15 -4.14
N THR D 74 15.98 -18.46 -2.86
CA THR D 74 17.22 -18.22 -2.14
C THR D 74 17.57 -19.48 -1.34
N GLN D 75 18.86 -19.64 -1.06
CA GLN D 75 19.31 -20.79 -0.30
C GLN D 75 18.60 -20.76 1.04
N PHE D 76 18.69 -19.63 1.73
CA PHE D 76 18.05 -19.49 3.05
C PHE D 76 17.32 -18.16 3.26
N ASN D 77 16.51 -18.10 4.32
CA ASN D 77 15.76 -16.90 4.63
C ASN D 77 16.67 -15.83 5.22
N SER D 78 16.32 -14.58 4.97
CA SER D 78 17.12 -13.47 5.47
C SER D 78 16.22 -12.33 5.93
N ALA D 79 16.29 -12.01 7.22
CA ALA D 79 15.50 -10.92 7.80
C ALA D 79 15.69 -9.65 6.99
N SER D 80 16.93 -9.22 6.82
CA SER D 80 17.21 -8.01 6.07
C SER D 80 16.81 -8.09 4.59
N LEU D 81 16.90 -9.28 3.99
CA LEU D 81 16.55 -9.44 2.57
C LEU D 81 15.04 -9.25 2.34
N ASN D 82 14.22 -9.74 3.27
CA ASN D 82 12.78 -9.59 3.12
C ASN D 82 12.35 -8.14 3.41
N ARG D 83 12.99 -7.50 4.38
CA ARG D 83 12.67 -6.13 4.72
C ARG D 83 12.98 -5.25 3.51
N HIS D 84 14.05 -5.58 2.81
CA HIS D 84 14.45 -4.83 1.62
C HIS D 84 13.40 -5.03 0.52
N LEU D 85 12.93 -6.26 0.40
CA LEU D 85 11.94 -6.58 -0.62
C LEU D 85 10.55 -6.05 -0.33
N SER D 86 10.12 -6.16 0.93
CA SER D 86 8.80 -5.67 1.32
C SER D 86 8.75 -4.16 1.27
N ARG D 87 9.77 -3.53 1.85
CA ARG D 87 9.86 -2.07 1.89
C ARG D 87 9.92 -1.46 0.49
N ALA D 88 10.64 -2.12 -0.41
CA ALA D 88 10.78 -1.62 -1.78
C ALA D 88 9.62 -1.98 -2.68
N TYR D 89 9.00 -3.14 -2.45
CA TYR D 89 7.88 -3.59 -3.28
C TYR D 89 6.68 -4.11 -2.48
N ASN D 98 -4.23 -4.69 -6.95
CA ASN D 98 -3.61 -5.62 -6.01
C ASN D 98 -3.64 -7.07 -6.53
N GLU D 99 -2.70 -7.40 -7.42
CA GLU D 99 -2.63 -8.72 -8.01
C GLU D 99 -1.21 -9.29 -7.87
N GLY D 100 -0.22 -8.41 -7.99
CA GLY D 100 1.19 -8.82 -7.91
C GLY D 100 1.80 -9.03 -6.53
N PHE D 101 3.03 -9.51 -6.52
CA PHE D 101 3.75 -9.78 -5.29
C PHE D 101 5.21 -10.13 -5.56
N VAL D 102 6.00 -10.15 -4.51
CA VAL D 102 7.42 -10.48 -4.61
C VAL D 102 7.74 -11.25 -3.32
N GLU D 103 7.67 -12.56 -3.41
CA GLU D 103 7.91 -13.43 -2.28
C GLU D 103 9.23 -14.18 -2.41
N VAL D 104 9.87 -14.43 -1.27
CA VAL D 104 11.13 -15.16 -1.23
C VAL D 104 10.86 -16.59 -0.81
N LEU D 105 11.37 -17.54 -1.59
CA LEU D 105 11.14 -18.96 -1.29
C LEU D 105 12.47 -19.59 -0.91
N ALA D 106 12.61 -20.01 0.34
CA ALA D 106 13.84 -20.60 0.81
C ALA D 106 14.01 -22.08 0.46
N ALA D 107 15.22 -22.45 0.06
CA ALA D 107 15.50 -23.83 -0.31
C ALA D 107 15.83 -24.66 0.93
N GLN D 108 16.42 -24.03 1.93
CA GLN D 108 16.77 -24.73 3.15
C GLN D 108 16.17 -24.10 4.40
N GLN D 109 16.17 -24.87 5.49
CA GLN D 109 15.62 -24.45 6.77
C GLN D 109 16.65 -23.74 7.62
N SER D 110 17.87 -23.59 7.08
CA SER D 110 18.95 -22.93 7.80
C SER D 110 20.03 -22.45 6.85
N PRO D 111 20.83 -21.44 7.27
CA PRO D 111 21.92 -20.87 6.46
C PRO D 111 23.19 -21.68 6.59
N GLU D 112 23.08 -22.84 7.24
CA GLU D 112 24.22 -23.71 7.46
C GLU D 112 23.85 -25.18 7.32
N GLY D 119 21.01 -28.15 -7.29
CA GLY D 119 21.16 -27.81 -8.69
C GLY D 119 20.51 -26.48 -8.99
N THR D 120 19.65 -26.44 -10.00
CA THR D 120 18.95 -25.22 -10.38
C THR D 120 17.56 -25.63 -10.86
N ALA D 121 17.49 -26.76 -11.55
CA ALA D 121 16.21 -27.27 -12.02
C ALA D 121 15.56 -27.87 -10.79
N ASP D 122 16.39 -28.13 -9.77
CA ASP D 122 15.90 -28.68 -8.51
C ASP D 122 15.19 -27.59 -7.72
N ALA D 123 15.74 -26.38 -7.80
CA ALA D 123 15.14 -25.25 -7.09
C ALA D 123 13.76 -25.00 -7.63
N VAL D 124 13.63 -24.98 -8.95
CA VAL D 124 12.33 -24.76 -9.58
C VAL D 124 11.37 -25.90 -9.27
N ARG D 125 11.83 -27.13 -9.46
CA ARG D 125 11.01 -28.30 -9.19
C ARG D 125 10.44 -28.27 -7.78
N GLN D 126 11.33 -28.11 -6.79
CA GLN D 126 10.94 -28.05 -5.39
C GLN D 126 9.67 -27.26 -5.10
N TYR D 127 9.43 -26.20 -5.86
CA TYR D 127 8.24 -25.39 -5.65
C TYR D 127 7.18 -25.47 -6.74
N LEU D 128 7.31 -26.44 -7.64
CA LEU D 128 6.34 -26.59 -8.73
C LEU D 128 4.92 -26.54 -8.20
N TRP D 129 4.70 -27.15 -7.05
CA TRP D 129 3.37 -27.16 -6.46
C TRP D 129 2.90 -25.74 -6.22
N LEU D 130 3.83 -24.82 -5.97
CA LEU D 130 3.46 -23.44 -5.72
C LEU D 130 3.24 -22.71 -7.02
N PHE D 131 4.14 -22.96 -7.97
CA PHE D 131 4.08 -22.33 -9.28
C PHE D 131 2.90 -22.89 -10.08
N GLU D 132 2.65 -24.20 -9.93
CA GLU D 132 1.56 -24.86 -10.64
C GLU D 132 0.21 -24.18 -10.45
N GLU D 133 -0.07 -23.82 -9.20
CA GLU D 133 -1.35 -23.18 -8.85
C GLU D 133 -1.64 -21.88 -9.58
N HIS D 134 -0.63 -21.04 -9.73
CA HIS D 134 -0.82 -19.79 -10.44
C HIS D 134 -1.31 -20.05 -11.85
N THR D 135 -2.39 -19.40 -12.24
CA THR D 135 -2.91 -19.57 -13.58
C THR D 135 -2.23 -18.54 -14.47
N VAL D 136 -1.18 -18.98 -15.16
CA VAL D 136 -0.40 -18.14 -16.05
C VAL D 136 -0.17 -18.88 -17.36
N LEU D 137 0.50 -18.23 -18.30
CA LEU D 137 0.80 -18.86 -19.59
C LEU D 137 2.28 -19.21 -19.67
N GLU D 138 3.15 -18.37 -19.11
CA GLU D 138 4.58 -18.61 -19.14
C GLU D 138 5.30 -18.42 -17.80
N TYR D 139 6.49 -19.01 -17.71
CA TYR D 139 7.35 -18.90 -16.53
C TYR D 139 8.67 -18.25 -16.96
N LEU D 140 8.88 -17.01 -16.54
CA LEU D 140 10.13 -16.33 -16.87
C LEU D 140 11.13 -16.84 -15.85
N ILE D 141 12.25 -17.36 -16.34
CA ILE D 141 13.28 -17.87 -15.44
C ILE D 141 14.48 -16.95 -15.58
N LEU D 142 15.00 -16.50 -14.45
CA LEU D 142 16.15 -15.59 -14.44
C LEU D 142 17.20 -16.13 -13.47
N ALA D 143 18.26 -16.71 -14.03
CA ALA D 143 19.32 -17.27 -13.20
C ALA D 143 20.64 -16.56 -13.36
N GLY D 144 21.41 -16.52 -12.27
CA GLY D 144 22.71 -15.86 -12.30
C GLY D 144 22.56 -14.40 -11.94
N ASP D 145 23.67 -13.72 -11.70
CA ASP D 145 23.63 -12.32 -11.35
C ASP D 145 24.50 -11.48 -12.27
N HIS D 146 23.90 -10.45 -12.87
CA HIS D 146 24.62 -9.56 -13.79
C HIS D 146 23.82 -8.31 -14.11
N LEU D 147 24.51 -7.18 -14.29
CA LEU D 147 23.86 -5.93 -14.61
C LEU D 147 23.36 -5.94 -16.04
N TYR D 148 22.11 -5.54 -16.23
CA TYR D 148 21.53 -5.50 -17.56
C TYR D 148 20.08 -5.03 -17.49
N ARG D 149 19.64 -4.35 -18.53
CA ARG D 149 18.27 -3.86 -18.59
C ARG D 149 17.61 -4.51 -19.80
N MET D 150 16.43 -5.08 -19.60
CA MET D 150 15.73 -5.75 -20.70
C MET D 150 14.23 -5.81 -20.49
N ASP D 151 13.48 -5.52 -21.55
CA ASP D 151 12.02 -5.60 -21.46
C ASP D 151 11.60 -7.02 -21.80
N TYR D 152 11.43 -7.84 -20.77
CA TYR D 152 11.04 -9.23 -20.97
C TYR D 152 9.77 -9.36 -21.79
N GLU D 153 9.08 -8.24 -22.01
CA GLU D 153 7.83 -8.27 -22.76
C GLU D 153 7.95 -8.63 -24.23
N LYS D 154 8.89 -8.01 -24.92
CA LYS D 154 9.08 -8.33 -26.33
C LYS D 154 9.62 -9.76 -26.38
N PHE D 155 10.25 -10.17 -25.29
CA PHE D 155 10.82 -11.51 -25.17
C PHE D 155 9.73 -12.55 -24.98
N ILE D 156 8.60 -12.13 -24.46
CA ILE D 156 7.49 -13.05 -24.25
C ILE D 156 6.60 -13.01 -25.48
N GLN D 157 6.48 -11.82 -26.06
CA GLN D 157 5.67 -11.65 -27.27
C GLN D 157 6.23 -12.59 -28.32
N ALA D 158 7.53 -12.80 -28.26
CA ALA D 158 8.22 -13.69 -29.19
C ALA D 158 7.76 -15.13 -28.93
N HIS D 159 8.07 -15.62 -27.74
CA HIS D 159 7.70 -16.97 -27.34
C HIS D 159 6.24 -17.30 -27.65
N ARG D 160 5.40 -16.28 -27.75
CA ARG D 160 3.98 -16.50 -28.03
C ARG D 160 3.64 -16.63 -29.52
N GLU D 161 4.17 -15.73 -30.33
CA GLU D 161 3.89 -15.74 -31.76
C GLU D 161 4.58 -16.92 -32.44
N THR D 162 5.66 -17.39 -31.86
CA THR D 162 6.40 -18.51 -32.43
C THR D 162 5.92 -19.86 -31.89
N ASP D 163 4.73 -19.88 -31.30
CA ASP D 163 4.15 -21.10 -30.75
C ASP D 163 5.21 -21.90 -29.99
N ALA D 164 6.21 -21.19 -29.47
CA ALA D 164 7.29 -21.80 -28.71
C ALA D 164 6.82 -22.39 -27.39
N ASP D 165 7.51 -23.42 -26.93
CA ASP D 165 7.18 -24.07 -25.68
C ASP D 165 8.30 -23.70 -24.72
N ILE D 166 9.39 -23.19 -25.29
CA ILE D 166 10.56 -22.73 -24.54
C ILE D 166 11.33 -21.77 -25.44
N THR D 167 11.44 -20.50 -25.02
CA THR D 167 12.19 -19.52 -25.81
C THR D 167 13.39 -19.14 -24.96
N VAL D 168 14.58 -19.38 -25.50
CA VAL D 168 15.81 -19.11 -24.78
C VAL D 168 16.49 -17.79 -25.17
N ALA D 169 17.13 -17.17 -24.19
CA ALA D 169 17.82 -15.92 -24.39
C ALA D 169 19.04 -16.13 -25.26
N ALA D 170 19.10 -15.40 -26.37
CA ALA D 170 20.20 -15.51 -27.31
C ALA D 170 21.10 -14.28 -27.26
N LEU D 171 22.38 -14.49 -26.98
CA LEU D 171 23.33 -13.37 -26.91
C LEU D 171 24.43 -13.62 -27.93
N PRO D 172 24.52 -12.75 -28.96
CA PRO D 172 25.55 -12.87 -30.00
C PRO D 172 26.95 -12.46 -29.54
N MET D 173 27.98 -12.99 -30.20
CA MET D 173 29.35 -12.67 -29.84
C MET D 173 30.37 -13.09 -30.91
N ASP D 174 31.59 -12.57 -30.77
CA ASP D 174 32.68 -12.87 -31.69
C ASP D 174 33.17 -14.30 -31.58
N GLU D 175 34.44 -14.46 -31.26
CA GLU D 175 35.07 -15.76 -31.12
C GLU D 175 35.67 -16.04 -29.75
N LYS D 176 36.45 -15.11 -29.21
CA LYS D 176 37.05 -15.31 -27.89
C LYS D 176 35.93 -15.59 -26.91
N ARG D 177 34.74 -15.10 -27.24
CA ARG D 177 33.56 -15.30 -26.41
C ARG D 177 32.87 -16.59 -26.84
N ALA D 178 32.53 -16.66 -28.12
CA ALA D 178 31.86 -17.81 -28.72
C ALA D 178 32.28 -19.20 -28.20
N THR D 179 33.59 -19.38 -28.00
CA THR D 179 34.10 -20.67 -27.54
C THR D 179 34.10 -20.82 -26.01
N ALA D 180 34.02 -19.71 -25.28
CA ALA D 180 34.02 -19.75 -23.82
C ALA D 180 32.71 -20.25 -23.24
N PHE D 181 31.60 -19.95 -23.91
CA PHE D 181 30.28 -20.36 -23.43
C PHE D 181 29.62 -21.39 -24.34
N GLY D 182 28.57 -22.03 -23.84
CA GLY D 182 27.86 -23.00 -24.64
C GLY D 182 27.21 -22.21 -25.76
N LEU D 183 26.86 -22.86 -26.86
CA LEU D 183 26.24 -22.17 -27.99
C LEU D 183 25.01 -22.87 -28.54
N MET D 184 24.27 -22.18 -29.40
CA MET D 184 23.07 -22.73 -29.99
C MET D 184 23.03 -22.58 -31.52
N LYS D 185 22.72 -23.66 -32.21
CA LYS D 185 22.61 -23.61 -33.67
C LYS D 185 21.13 -23.52 -33.99
N ILE D 186 20.78 -22.63 -34.91
CA ILE D 186 19.37 -22.46 -35.27
C ILE D 186 19.10 -22.75 -36.73
N ASP D 187 17.83 -22.98 -37.06
CA ASP D 187 17.43 -23.25 -38.43
C ASP D 187 16.97 -21.95 -39.12
N GLU D 188 16.18 -22.06 -40.16
CA GLU D 188 15.68 -20.87 -40.87
C GLU D 188 14.31 -20.50 -40.33
N GLU D 189 14.18 -20.53 -39.00
CA GLU D 189 12.94 -20.22 -38.32
C GLU D 189 13.25 -19.73 -36.92
N GLY D 190 14.54 -19.71 -36.57
CA GLY D 190 14.96 -19.28 -35.25
C GLY D 190 14.98 -20.44 -34.27
N ARG D 191 14.53 -21.61 -34.74
CA ARG D 191 14.48 -22.82 -33.93
C ARG D 191 15.88 -23.27 -33.53
N ILE D 192 16.04 -23.70 -32.28
CA ILE D 192 17.33 -24.18 -31.78
C ILE D 192 17.36 -25.69 -31.96
N ILE D 193 18.41 -26.19 -32.60
CA ILE D 193 18.54 -27.63 -32.87
C ILE D 193 19.73 -28.31 -32.17
N GLU D 194 20.70 -27.53 -31.71
CA GLU D 194 21.86 -28.11 -31.04
C GLU D 194 22.41 -27.23 -29.93
N PHE D 195 23.20 -27.85 -29.06
CA PHE D 195 23.84 -27.17 -27.96
C PHE D 195 25.25 -27.71 -27.85
N ALA D 196 26.21 -26.83 -27.69
CA ALA D 196 27.61 -27.22 -27.57
C ALA D 196 28.24 -26.38 -26.48
N GLU D 197 28.73 -27.04 -25.45
CA GLU D 197 29.35 -26.34 -24.33
C GLU D 197 30.81 -26.05 -24.66
N LYS D 198 31.14 -24.77 -24.74
CA LYS D 198 32.50 -24.35 -25.04
C LYS D 198 33.13 -25.15 -26.19
N PRO D 199 32.48 -25.17 -27.37
CA PRO D 199 33.01 -25.92 -28.53
C PRO D 199 34.13 -25.16 -29.25
N GLN D 200 35.15 -25.90 -29.69
CA GLN D 200 36.29 -25.31 -30.38
C GLN D 200 36.56 -26.14 -31.62
N GLY D 201 37.39 -25.61 -32.52
CA GLY D 201 37.73 -26.33 -33.72
C GLY D 201 36.64 -26.52 -34.77
N GLU D 202 36.55 -27.75 -35.27
CA GLU D 202 35.55 -28.09 -36.30
C GLU D 202 34.12 -28.22 -35.80
N GLN D 203 33.95 -28.28 -34.49
CA GLN D 203 32.61 -28.36 -33.91
C GLN D 203 32.19 -26.91 -33.67
N LEU D 204 33.18 -26.08 -33.40
CA LEU D 204 32.97 -24.66 -33.17
C LEU D 204 32.48 -24.05 -34.49
N GLN D 205 33.03 -24.54 -35.60
CA GLN D 205 32.63 -24.06 -36.90
C GLN D 205 31.25 -24.55 -37.27
N ALA D 206 30.93 -25.78 -36.87
CA ALA D 206 29.62 -26.34 -37.16
C ALA D 206 28.56 -25.67 -36.26
N MET D 207 28.97 -24.58 -35.61
CA MET D 207 28.08 -23.81 -34.73
C MET D 207 27.84 -22.38 -35.22
N LYS D 208 28.49 -21.97 -36.31
CA LYS D 208 28.27 -20.64 -36.88
C LYS D 208 26.81 -20.61 -37.31
N VAL D 209 26.15 -19.46 -37.21
CA VAL D 209 24.75 -19.42 -37.57
C VAL D 209 24.22 -18.26 -38.39
N ASP D 210 24.99 -17.18 -38.53
CA ASP D 210 24.52 -16.02 -39.27
C ASP D 210 23.31 -15.43 -38.54
N THR D 211 23.60 -14.63 -37.53
CA THR D 211 22.59 -14.02 -36.69
C THR D 211 21.58 -13.10 -37.40
N THR D 212 21.46 -13.24 -38.72
CA THR D 212 20.51 -12.43 -39.48
C THR D 212 19.08 -12.77 -39.10
N ILE D 213 18.83 -14.06 -38.90
CA ILE D 213 17.50 -14.54 -38.55
C ILE D 213 17.00 -14.03 -37.21
N LEU D 214 17.86 -14.02 -36.21
CA LEU D 214 17.49 -13.57 -34.87
C LEU D 214 17.04 -12.11 -34.84
N GLY D 215 17.81 -11.25 -35.50
CA GLY D 215 17.46 -9.84 -35.51
C GLY D 215 18.49 -8.98 -36.21
N LEU D 216 19.69 -8.93 -35.64
CA LEU D 216 20.77 -8.14 -36.21
C LEU D 216 20.82 -8.22 -37.72
N ASP D 217 21.35 -7.16 -38.32
CA ASP D 217 21.49 -7.03 -39.76
C ASP D 217 22.58 -7.94 -40.34
N ASP D 218 23.15 -7.55 -41.48
CA ASP D 218 24.21 -8.34 -42.12
C ASP D 218 25.60 -7.93 -41.69
N LYS D 219 25.82 -6.62 -41.55
CA LYS D 219 27.12 -6.10 -41.16
C LYS D 219 27.42 -6.37 -39.69
N ARG D 220 26.37 -6.54 -38.90
CA ARG D 220 26.53 -6.81 -37.47
C ARG D 220 26.71 -8.31 -37.27
N ALA D 221 25.85 -9.07 -37.94
CA ALA D 221 25.86 -10.53 -37.88
C ALA D 221 27.22 -11.11 -38.24
N LYS D 222 27.73 -10.73 -39.41
CA LYS D 222 29.03 -11.21 -39.86
C LYS D 222 30.07 -11.01 -38.77
N GLU D 223 29.93 -9.92 -38.01
CA GLU D 223 30.87 -9.62 -36.94
C GLU D 223 30.77 -10.59 -35.77
N MET D 224 29.63 -11.28 -35.67
CA MET D 224 29.39 -12.25 -34.58
C MET D 224 28.33 -13.28 -35.00
N PRO D 225 28.74 -14.34 -35.71
CA PRO D 225 27.83 -15.39 -36.17
C PRO D 225 27.58 -16.50 -35.15
N PHE D 226 27.90 -16.22 -33.89
CA PHE D 226 27.73 -17.18 -32.79
C PHE D 226 26.81 -16.68 -31.68
N ILE D 227 25.78 -17.48 -31.37
CA ILE D 227 24.82 -17.16 -30.33
C ILE D 227 24.98 -18.01 -29.07
N ALA D 228 25.07 -17.35 -27.92
CA ALA D 228 25.21 -18.05 -26.64
C ALA D 228 24.02 -17.77 -25.71
N SER D 229 23.56 -18.82 -25.05
CA SER D 229 22.45 -18.73 -24.11
C SER D 229 22.84 -17.80 -22.96
N MET D 230 21.84 -17.07 -22.44
CA MET D 230 22.07 -16.13 -21.34
C MET D 230 21.71 -16.65 -19.95
N GLY D 231 20.71 -17.51 -19.87
CA GLY D 231 20.29 -18.04 -18.59
C GLY D 231 18.90 -17.53 -18.25
N ILE D 232 18.25 -16.98 -19.26
CA ILE D 232 16.91 -16.45 -19.14
C ILE D 232 16.07 -17.16 -20.18
N TYR D 233 14.93 -17.70 -19.77
CA TYR D 233 14.07 -18.39 -20.71
C TYR D 233 12.61 -18.18 -20.39
N VAL D 234 11.80 -18.37 -21.40
CA VAL D 234 10.36 -18.27 -21.25
C VAL D 234 9.86 -19.69 -21.47
N ILE D 235 9.25 -20.28 -20.46
CA ILE D 235 8.72 -21.62 -20.61
C ILE D 235 7.19 -21.62 -20.46
N SER D 236 6.50 -22.31 -21.37
CA SER D 236 5.04 -22.38 -21.31
C SER D 236 4.69 -23.08 -20.01
N LYS D 237 3.71 -22.55 -19.29
CA LYS D 237 3.32 -23.14 -18.01
C LYS D 237 3.35 -24.66 -17.98
N ASP D 238 2.49 -25.28 -18.77
CA ASP D 238 2.42 -26.75 -18.83
C ASP D 238 3.76 -27.39 -19.16
N VAL D 239 4.33 -27.02 -20.30
CA VAL D 239 5.60 -27.56 -20.72
C VAL D 239 6.58 -27.76 -19.56
N MET D 240 6.84 -26.68 -18.81
CA MET D 240 7.76 -26.73 -17.68
C MET D 240 7.29 -27.66 -16.58
N LEU D 241 5.99 -27.88 -16.51
CA LEU D 241 5.43 -28.78 -15.50
C LEU D 241 5.68 -30.22 -15.92
N ASN D 242 5.71 -30.46 -17.23
CA ASN D 242 5.96 -31.79 -17.78
C ASN D 242 7.46 -32.11 -17.78
N LEU D 243 8.27 -31.11 -18.10
CA LEU D 243 9.70 -31.28 -18.18
C LEU D 243 10.38 -31.52 -16.83
N LEU D 244 9.78 -31.03 -15.77
CA LEU D 244 10.39 -31.18 -14.46
C LEU D 244 9.92 -32.37 -13.62
N ARG D 245 8.69 -32.84 -13.84
CA ARG D 245 8.18 -33.98 -13.06
C ARG D 245 8.05 -35.27 -13.85
N ASP D 246 8.03 -35.16 -15.17
CA ASP D 246 7.89 -36.34 -16.03
C ASP D 246 9.15 -36.57 -16.87
N LYS D 247 9.20 -35.92 -18.02
CA LYS D 247 10.31 -36.06 -18.95
C LYS D 247 11.70 -35.98 -18.32
N PHE D 248 11.87 -35.13 -17.31
CA PHE D 248 13.17 -34.99 -16.68
C PHE D 248 13.11 -34.61 -15.20
N PRO D 249 12.71 -35.57 -14.35
CA PRO D 249 12.60 -35.36 -12.91
C PRO D 249 13.89 -35.69 -12.15
N GLY D 250 14.98 -35.86 -12.89
CA GLY D 250 16.24 -36.18 -12.26
C GLY D 250 17.35 -35.27 -12.74
N ALA D 251 16.97 -34.21 -13.44
CA ALA D 251 17.96 -33.26 -13.94
C ALA D 251 18.31 -32.26 -12.84
N ASN D 252 19.42 -31.56 -13.04
CA ASN D 252 19.89 -30.59 -12.06
C ASN D 252 20.00 -29.18 -12.63
N ASP D 253 20.33 -29.09 -13.92
CA ASP D 253 20.47 -27.79 -14.59
C ASP D 253 19.48 -27.60 -15.73
N PHE D 254 18.96 -26.39 -15.86
CA PHE D 254 18.04 -26.07 -16.93
C PHE D 254 18.84 -25.89 -18.20
N GLY D 255 19.94 -25.15 -18.06
CA GLY D 255 20.80 -24.86 -19.19
C GLY D 255 21.23 -26.03 -20.04
N SER D 256 22.19 -26.79 -19.53
CA SER D 256 22.76 -27.94 -20.22
C SER D 256 21.94 -29.23 -20.20
N GLU D 257 21.04 -29.37 -19.24
CA GLU D 257 20.24 -30.59 -19.15
C GLU D 257 18.81 -30.48 -19.66
N VAL D 258 18.00 -29.71 -18.95
CA VAL D 258 16.59 -29.55 -19.29
C VAL D 258 16.28 -29.01 -20.68
N ILE D 259 16.91 -27.91 -21.06
CA ILE D 259 16.66 -27.33 -22.38
C ILE D 259 17.20 -28.18 -23.54
N PRO D 260 18.50 -28.55 -23.49
CA PRO D 260 19.06 -29.37 -24.56
C PRO D 260 18.17 -30.58 -24.76
N GLY D 261 17.97 -31.31 -23.67
CA GLY D 261 17.13 -32.48 -23.71
C GLY D 261 15.78 -32.08 -24.25
N ALA D 262 15.21 -31.02 -23.69
CA ALA D 262 13.89 -30.54 -24.10
C ALA D 262 13.81 -30.38 -25.62
N THR D 263 14.94 -30.05 -26.23
CA THR D 263 15.00 -29.86 -27.67
C THR D 263 15.02 -31.22 -28.37
N SER D 264 15.95 -32.08 -27.96
CA SER D 264 16.09 -33.42 -28.54
C SER D 264 14.77 -34.17 -28.51
N LEU D 265 14.03 -34.04 -27.42
CA LEU D 265 12.74 -34.69 -27.30
C LEU D 265 11.81 -34.19 -28.41
N GLY D 266 12.26 -33.15 -29.11
CA GLY D 266 11.48 -32.59 -30.20
C GLY D 266 10.45 -31.55 -29.79
N MET D 267 10.88 -30.53 -29.06
CA MET D 267 9.98 -29.47 -28.63
C MET D 267 10.39 -28.16 -29.28
N ARG D 268 9.40 -27.35 -29.62
CA ARG D 268 9.61 -26.06 -30.26
C ARG D 268 10.39 -25.14 -29.32
N VAL D 269 11.71 -25.21 -29.43
CA VAL D 269 12.61 -24.42 -28.60
C VAL D 269 13.24 -23.28 -29.41
N GLN D 270 12.71 -22.07 -29.23
CA GLN D 270 13.19 -20.89 -29.94
C GLN D 270 14.37 -20.18 -29.32
N ALA D 271 14.84 -19.15 -30.02
CA ALA D 271 15.96 -18.33 -29.58
C ALA D 271 15.51 -16.89 -29.64
N TYR D 272 16.07 -16.05 -28.78
CA TYR D 272 15.70 -14.65 -28.76
C TYR D 272 16.95 -13.80 -28.70
N LEU D 273 17.17 -13.01 -29.75
CA LEU D 273 18.35 -12.16 -29.82
C LEU D 273 18.32 -11.05 -28.77
N TYR D 274 19.47 -10.79 -28.17
CA TYR D 274 19.57 -9.74 -27.17
C TYR D 274 20.92 -9.07 -27.25
N ASP D 275 20.94 -7.81 -27.67
CA ASP D 275 22.17 -7.06 -27.74
C ASP D 275 22.04 -5.83 -26.88
N GLY D 276 22.65 -5.87 -25.70
CA GLY D 276 22.62 -4.76 -24.78
C GLY D 276 23.62 -4.98 -23.67
N TYR D 277 24.21 -3.91 -23.15
CA TYR D 277 25.20 -4.01 -22.08
C TYR D 277 24.97 -5.21 -21.17
N TRP D 278 25.80 -6.23 -21.32
CA TRP D 278 25.71 -7.44 -20.52
C TRP D 278 27.06 -7.72 -19.86
N GLU D 279 27.11 -7.60 -18.54
CA GLU D 279 28.35 -7.85 -17.81
C GLU D 279 28.10 -8.68 -16.57
N ASP D 280 28.53 -9.93 -16.60
CA ASP D 280 28.35 -10.82 -15.46
C ASP D 280 29.12 -10.28 -14.27
N ILE D 281 28.79 -10.79 -13.09
CA ILE D 281 29.44 -10.35 -11.87
C ILE D 281 29.35 -11.45 -10.82
N GLY D 282 29.71 -12.66 -11.21
CA GLY D 282 29.67 -13.78 -10.29
C GLY D 282 30.94 -13.91 -9.47
N THR D 283 31.95 -13.13 -9.82
CA THR D 283 33.24 -13.14 -9.11
C THR D 283 33.70 -11.76 -8.69
N ILE D 284 34.34 -11.69 -7.52
CA ILE D 284 34.87 -10.44 -6.97
C ILE D 284 35.42 -9.49 -8.03
N GLU D 285 36.22 -10.02 -8.95
CA GLU D 285 36.82 -9.19 -9.99
C GLU D 285 35.81 -8.65 -10.97
N ALA D 286 34.86 -9.48 -11.38
CA ALA D 286 33.82 -9.05 -12.31
C ALA D 286 32.96 -8.04 -11.55
N PHE D 287 32.57 -8.43 -10.34
CA PHE D 287 31.77 -7.59 -9.45
C PHE D 287 32.47 -6.24 -9.30
N TYR D 288 33.61 -6.27 -8.62
CA TYR D 288 34.41 -5.08 -8.39
C TYR D 288 34.44 -4.18 -9.63
N ASN D 289 34.86 -4.72 -10.76
CA ASN D 289 34.96 -3.94 -11.99
C ASN D 289 33.66 -3.33 -12.49
N ALA D 290 32.55 -4.06 -12.37
CA ALA D 290 31.25 -3.54 -12.81
C ALA D 290 30.89 -2.32 -11.97
N ASN D 291 31.16 -2.40 -10.66
CA ASN D 291 30.88 -1.32 -9.73
C ASN D 291 31.62 -0.06 -10.11
N LEU D 292 32.95 -0.09 -10.02
CA LEU D 292 33.73 1.08 -10.36
C LEU D 292 33.40 1.51 -11.78
N GLY D 293 32.83 0.58 -12.55
CA GLY D 293 32.47 0.87 -13.93
C GLY D 293 31.44 1.99 -14.07
N ILE D 294 30.53 2.08 -13.11
CA ILE D 294 29.50 3.11 -13.17
C ILE D 294 30.08 4.52 -13.02
N THR D 295 31.37 4.60 -12.72
CA THR D 295 32.02 5.90 -12.57
C THR D 295 32.87 6.23 -13.79
N LYS D 296 32.90 5.33 -14.77
CA LYS D 296 33.69 5.57 -15.98
C LYS D 296 33.15 6.78 -16.71
N LYS D 297 34.06 7.57 -17.27
CA LYS D 297 33.71 8.78 -17.99
C LYS D 297 32.53 8.60 -18.97
N PRO D 298 32.14 9.65 -19.73
CA PRO D 298 31.00 9.49 -20.63
C PRO D 298 29.88 8.57 -20.14
N VAL D 299 29.46 7.64 -20.99
CA VAL D 299 28.40 6.71 -20.60
C VAL D 299 29.01 5.46 -19.97
N PRO D 300 28.76 5.26 -18.68
CA PRO D 300 29.25 4.12 -17.89
C PRO D 300 28.82 2.75 -18.44
N ASP D 301 28.14 2.77 -19.58
CA ASP D 301 27.64 1.55 -20.24
C ASP D 301 26.33 1.11 -19.60
N PHE D 302 26.23 1.27 -18.29
CA PHE D 302 25.02 0.92 -17.55
C PHE D 302 24.75 1.86 -16.39
N SER D 303 23.58 2.48 -16.42
CA SER D 303 23.17 3.38 -15.35
C SER D 303 22.01 2.72 -14.64
N PHE D 304 21.98 2.82 -13.32
CA PHE D 304 20.91 2.21 -12.56
C PHE D 304 19.64 3.01 -12.84
N TYR D 305 19.79 4.33 -12.85
CA TYR D 305 18.65 5.20 -13.12
C TYR D 305 18.37 5.15 -14.60
N ASP D 306 17.18 5.59 -14.97
CA ASP D 306 16.76 5.61 -16.37
C ASP D 306 15.42 6.30 -16.47
N ARG D 307 15.30 7.22 -17.42
CA ARG D 307 14.07 7.95 -17.62
C ARG D 307 12.89 6.99 -17.73
N SER D 308 13.11 5.85 -18.38
CA SER D 308 12.04 4.87 -18.56
C SER D 308 11.99 3.80 -17.47
N ALA D 309 12.89 2.83 -17.55
CA ALA D 309 12.93 1.74 -16.58
C ALA D 309 14.13 1.84 -15.65
N PRO D 310 13.93 2.47 -14.48
CA PRO D 310 15.01 2.64 -13.50
C PRO D 310 15.10 1.41 -12.61
N ILE D 311 16.20 1.30 -11.88
CA ILE D 311 16.39 0.19 -10.96
C ILE D 311 15.85 0.67 -9.63
N TYR D 312 14.78 0.05 -9.17
CA TYR D 312 14.16 0.45 -7.91
C TYR D 312 14.97 -0.02 -6.73
N THR D 313 14.65 0.53 -5.56
CA THR D 313 15.33 0.16 -4.33
C THR D 313 14.51 0.66 -3.14
N GLN D 314 14.84 0.15 -1.96
CA GLN D 314 14.13 0.53 -0.76
C GLN D 314 14.36 1.99 -0.35
N PRO D 315 13.26 2.70 -0.04
CA PRO D 315 13.35 4.11 0.38
C PRO D 315 13.78 4.18 1.85
N ARG D 316 14.91 4.84 2.11
CA ARG D 316 15.40 4.94 3.49
C ARG D 316 15.29 6.34 4.10
N TYR D 317 14.88 7.31 3.29
CA TYR D 317 14.74 8.68 3.77
C TYR D 317 16.01 9.19 4.40
N LEU D 318 17.14 8.76 3.86
CA LEU D 318 18.42 9.20 4.36
C LEU D 318 18.61 10.65 4.02
N PRO D 319 19.29 11.40 4.89
CA PRO D 319 19.54 12.82 4.67
C PRO D 319 20.51 13.01 3.52
N PRO D 320 20.72 14.27 3.09
CA PRO D 320 21.65 14.52 2.00
C PRO D 320 23.03 14.16 2.52
N SER D 321 24.05 14.22 1.69
CA SER D 321 25.39 13.87 2.12
C SER D 321 26.19 15.07 2.54
N LYS D 322 26.74 15.01 3.74
CA LYS D 322 27.55 16.13 4.23
C LYS D 322 28.98 15.96 3.76
N MET D 323 29.66 17.07 3.52
CA MET D 323 31.04 17.00 3.09
C MET D 323 31.76 18.20 3.67
N LEU D 324 32.62 17.94 4.66
CA LEU D 324 33.39 18.98 5.32
C LEU D 324 34.45 19.58 4.41
N ASP D 325 35.31 18.73 3.84
CA ASP D 325 36.37 19.22 2.97
C ASP D 325 36.92 18.09 2.08
N ALA D 326 36.06 17.63 1.19
CA ALA D 326 36.41 16.54 0.30
C ALA D 326 36.77 17.03 -1.08
N ASP D 327 37.77 16.36 -1.65
CA ASP D 327 38.24 16.63 -3.00
C ASP D 327 38.00 15.27 -3.62
N VAL D 328 36.98 15.23 -4.47
CA VAL D 328 36.57 13.99 -5.11
C VAL D 328 36.82 14.03 -6.61
N THR D 329 37.24 12.89 -7.16
CA THR D 329 37.49 12.80 -8.60
C THR D 329 37.00 11.46 -9.13
N ASP D 330 36.33 11.53 -10.28
CA ASP D 330 35.77 10.37 -10.95
C ASP D 330 35.20 9.34 -9.98
N SER D 331 34.37 9.78 -9.04
CA SER D 331 33.75 8.89 -8.06
C SER D 331 32.25 9.16 -7.97
N VAL D 332 31.52 8.35 -7.19
CA VAL D 332 30.09 8.59 -7.01
C VAL D 332 29.67 8.43 -5.54
N ILE D 333 29.02 9.47 -5.01
CA ILE D 333 28.57 9.45 -3.62
C ILE D 333 27.18 8.88 -3.45
N GLY D 334 27.05 7.89 -2.58
CA GLY D 334 25.76 7.29 -2.34
C GLY D 334 24.95 8.19 -1.44
N GLU D 335 23.89 7.64 -0.83
CA GLU D 335 23.04 8.44 0.01
C GLU D 335 23.47 8.57 1.48
N GLY D 336 23.17 9.73 2.05
CA GLY D 336 23.45 10.01 3.44
C GLY D 336 24.86 9.75 3.93
N CYS D 337 25.85 10.28 3.23
CA CYS D 337 27.21 10.07 3.63
C CYS D 337 27.68 11.23 4.49
N VAL D 338 28.53 10.91 5.46
CA VAL D 338 29.08 11.92 6.35
C VAL D 338 30.59 11.89 6.11
N ILE D 339 31.03 12.73 5.17
CA ILE D 339 32.42 12.80 4.77
C ILE D 339 33.18 14.01 5.33
N LYS D 340 34.28 13.73 6.02
CA LYS D 340 35.10 14.81 6.58
C LYS D 340 36.23 15.18 5.62
N ASN D 341 37.34 15.69 6.17
CA ASN D 341 38.50 16.07 5.38
C ASN D 341 39.07 14.84 4.70
N CYS D 342 39.09 14.83 3.38
CA CYS D 342 39.64 13.68 2.67
C CYS D 342 39.64 13.81 1.16
N LYS D 343 40.19 12.79 0.51
CA LYS D 343 40.28 12.74 -0.94
C LYS D 343 39.69 11.40 -1.36
N ILE D 344 38.97 11.40 -2.48
CA ILE D 344 38.32 10.19 -2.99
C ILE D 344 38.62 10.09 -4.47
N HIS D 345 39.20 8.97 -4.89
CA HIS D 345 39.55 8.80 -6.30
C HIS D 345 38.96 7.54 -6.90
N HIS D 346 38.38 7.68 -8.09
CA HIS D 346 37.80 6.54 -8.80
C HIS D 346 37.21 5.55 -7.79
N SER D 347 36.25 6.02 -6.99
CA SER D 347 35.62 5.17 -5.98
C SER D 347 34.09 5.22 -6.02
N VAL D 348 33.45 4.33 -5.27
CA VAL D 348 32.01 4.28 -5.20
C VAL D 348 31.61 4.14 -3.73
N VAL D 349 31.28 5.26 -3.10
CA VAL D 349 30.91 5.31 -1.68
C VAL D 349 29.45 4.94 -1.44
N GLY D 350 29.23 3.84 -0.72
CA GLY D 350 27.89 3.37 -0.43
C GLY D 350 27.14 4.20 0.60
N LEU D 351 25.87 3.85 0.86
CA LEU D 351 25.08 4.63 1.81
C LEU D 351 25.53 4.61 3.27
N ARG D 352 25.38 5.75 3.92
CA ARG D 352 25.76 5.93 5.33
C ARG D 352 27.25 5.87 5.61
N SER D 353 28.07 6.00 4.56
CA SER D 353 29.51 5.96 4.71
C SER D 353 30.07 7.10 5.55
N CYS D 354 30.73 6.76 6.65
CA CYS D 354 31.35 7.76 7.50
C CYS D 354 32.85 7.72 7.27
N ILE D 355 33.35 8.72 6.54
CA ILE D 355 34.77 8.81 6.22
C ILE D 355 35.44 9.90 7.04
N SER D 356 36.49 9.55 7.77
CA SER D 356 37.19 10.50 8.63
C SER D 356 38.32 11.31 7.99
N GLU D 357 38.83 12.25 8.77
CA GLU D 357 39.89 13.17 8.34
C GLU D 357 41.18 12.51 7.87
N GLY D 358 41.91 13.22 7.00
CA GLY D 358 43.17 12.71 6.49
C GLY D 358 43.11 11.41 5.71
N ALA D 359 41.97 10.75 5.69
CA ALA D 359 41.84 9.48 4.97
C ALA D 359 41.89 9.70 3.47
N ILE D 360 42.33 8.66 2.74
CA ILE D 360 42.42 8.73 1.30
C ILE D 360 41.80 7.47 0.71
N ILE D 361 40.72 7.64 -0.03
CA ILE D 361 40.03 6.53 -0.65
C ILE D 361 40.24 6.59 -2.15
N GLU D 362 40.84 5.56 -2.72
CA GLU D 362 41.06 5.51 -4.16
C GLU D 362 40.81 4.14 -4.75
N ASP D 363 40.23 4.12 -5.95
CA ASP D 363 39.92 2.89 -6.68
C ASP D 363 39.30 1.78 -5.83
N SER D 364 38.40 2.14 -4.93
CA SER D 364 37.75 1.17 -4.08
C SER D 364 36.23 1.26 -4.14
N LEU D 365 35.58 0.35 -3.45
CA LEU D 365 34.13 0.31 -3.40
C LEU D 365 33.74 0.14 -1.95
N LEU D 366 33.09 1.15 -1.38
CA LEU D 366 32.63 1.10 0.00
C LEU D 366 31.16 0.71 0.02
N MET D 367 30.87 -0.47 0.55
CA MET D 367 29.50 -0.98 0.63
C MET D 367 28.67 -0.05 1.51
N GLY D 368 29.36 0.71 2.36
CA GLY D 368 28.68 1.64 3.24
C GLY D 368 28.40 1.04 4.61
N ALA D 369 27.24 1.36 5.17
CA ALA D 369 26.86 0.87 6.48
C ALA D 369 25.34 0.83 6.60
N ASP D 370 24.82 -0.09 7.41
CA ASP D 370 23.38 -0.27 7.61
C ASP D 370 22.73 0.67 8.63
N TYR D 371 23.51 1.54 9.25
CA TYR D 371 22.96 2.46 10.24
C TYR D 371 24.02 3.44 10.72
N TYR D 372 23.64 4.32 11.64
CA TYR D 372 24.59 5.28 12.16
C TYR D 372 24.82 5.03 13.65
N GLU D 373 25.95 5.51 14.16
CA GLU D 373 26.28 5.40 15.58
C GLU D 373 26.25 6.82 16.12
N THR D 374 25.62 7.03 17.26
CA THR D 374 25.53 8.37 17.83
C THR D 374 26.84 8.80 18.47
N ASP D 375 27.04 10.12 18.57
CA ASP D 375 28.26 10.65 19.19
C ASP D 375 28.33 10.20 20.64
N ALA D 376 27.21 9.69 21.14
CA ALA D 376 27.14 9.19 22.51
C ALA D 376 27.52 7.73 22.50
N ASP D 377 27.24 7.04 21.40
CA ASP D 377 27.56 5.63 21.24
C ASP D 377 29.06 5.46 20.99
N ARG D 378 29.61 6.40 20.23
CA ARG D 378 31.03 6.38 19.90
C ARG D 378 31.90 6.43 21.14
N LYS D 379 31.59 7.37 22.04
CA LYS D 379 32.35 7.53 23.27
C LYS D 379 32.46 6.17 23.97
N LEU D 380 31.39 5.40 23.91
CA LEU D 380 31.37 4.08 24.53
C LEU D 380 32.25 3.08 23.78
N LEU D 381 32.86 3.54 22.69
CA LEU D 381 33.75 2.71 21.88
C LEU D 381 35.21 2.93 22.26
N ALA D 382 35.59 4.20 22.36
CA ALA D 382 36.96 4.54 22.73
C ALA D 382 37.24 3.89 24.08
N ALA D 383 36.39 4.19 25.05
CA ALA D 383 36.53 3.64 26.39
C ALA D 383 36.14 2.16 26.40
N LYS D 384 36.40 1.49 25.27
CA LYS D 384 36.10 0.06 25.12
C LYS D 384 37.14 -0.56 24.22
N GLY D 385 38.04 0.27 23.71
CA GLY D 385 39.10 -0.22 22.83
C GLY D 385 38.60 -0.75 21.51
N SER D 386 37.63 -0.06 20.93
CA SER D 386 37.07 -0.47 19.64
C SER D 386 36.91 0.74 18.73
N VAL D 387 36.83 0.49 17.42
CA VAL D 387 36.70 1.57 16.46
C VAL D 387 35.28 1.68 15.90
N PRO D 388 34.79 2.93 15.73
CA PRO D 388 33.46 3.20 15.21
C PRO D 388 33.36 2.86 13.72
N ILE D 389 32.17 2.42 13.29
CA ILE D 389 31.97 2.07 11.90
C ILE D 389 32.44 3.20 10.97
N GLY D 390 33.00 2.82 9.82
CA GLY D 390 33.49 3.80 8.87
C GLY D 390 35.01 3.87 8.76
N ILE D 391 35.50 4.60 7.76
CA ILE D 391 36.93 4.74 7.55
C ILE D 391 37.57 5.68 8.57
N GLY D 392 38.36 5.12 9.48
CA GLY D 392 39.01 5.92 10.50
C GLY D 392 39.88 7.04 9.96
N LYS D 393 40.56 7.76 10.84
CA LYS D 393 41.44 8.86 10.45
C LYS D 393 42.69 8.42 9.70
N ASN D 394 43.24 9.31 8.89
CA ASN D 394 44.45 9.05 8.12
C ASN D 394 44.63 7.66 7.55
N CYS D 395 43.55 7.02 7.11
CA CYS D 395 43.65 5.70 6.49
C CYS D 395 43.99 5.86 5.03
N HIS D 396 44.26 4.75 4.35
CA HIS D 396 44.60 4.79 2.94
C HIS D 396 44.01 3.54 2.31
N ILE D 397 42.94 3.71 1.55
CA ILE D 397 42.26 2.59 0.91
C ILE D 397 42.56 2.57 -0.58
N LYS D 398 43.26 1.53 -1.04
CA LYS D 398 43.61 1.37 -2.46
C LYS D 398 43.11 0.02 -2.97
N ARG D 399 42.40 0.03 -4.10
CA ARG D 399 41.85 -1.18 -4.70
C ARG D 399 41.34 -2.15 -3.65
N ALA D 400 40.18 -1.85 -3.07
CA ALA D 400 39.61 -2.70 -2.05
C ALA D 400 38.09 -2.62 -2.05
N ILE D 401 37.46 -3.54 -1.33
CA ILE D 401 36.01 -3.58 -1.17
C ILE D 401 35.76 -3.63 0.33
N ILE D 402 35.38 -2.50 0.92
CA ILE D 402 35.11 -2.44 2.36
C ILE D 402 33.61 -2.63 2.58
N ASP D 403 33.23 -3.79 3.11
CA ASP D 403 31.82 -4.10 3.34
C ASP D 403 31.04 -3.22 4.33
N LYS D 404 29.76 -3.56 4.51
CA LYS D 404 28.88 -2.83 5.39
C LYS D 404 29.22 -2.91 6.88
N ASN D 405 29.11 -1.78 7.56
CA ASN D 405 29.38 -1.71 8.99
C ASN D 405 30.85 -1.95 9.32
N ALA D 406 31.70 -1.92 8.30
CA ALA D 406 33.12 -2.15 8.52
C ALA D 406 33.68 -1.11 9.49
N ARG D 407 34.42 -1.60 10.48
CA ARG D 407 35.05 -0.71 11.47
C ARG D 407 36.53 -0.70 11.16
N ILE D 408 37.04 0.44 10.74
CA ILE D 408 38.44 0.55 10.38
C ILE D 408 39.12 1.64 11.17
N GLY D 409 39.84 1.24 12.23
CA GLY D 409 40.52 2.18 13.10
C GLY D 409 41.48 3.15 12.43
N ASP D 410 41.95 4.13 13.19
CA ASP D 410 42.87 5.14 12.67
C ASP D 410 44.14 4.58 12.03
N ASN D 411 44.64 5.31 11.03
CA ASN D 411 45.88 4.96 10.34
C ASN D 411 45.98 3.56 9.76
N VAL D 412 44.90 3.07 9.14
CA VAL D 412 44.97 1.74 8.53
C VAL D 412 45.45 1.96 7.10
N LYS D 413 46.08 0.93 6.52
CA LYS D 413 46.58 1.07 5.18
C LYS D 413 46.28 -0.15 4.33
N ILE D 414 45.07 -0.21 3.80
CA ILE D 414 44.70 -1.33 2.94
C ILE D 414 45.21 -0.96 1.56
N ILE D 415 46.48 -1.28 1.31
CA ILE D 415 47.13 -0.95 0.04
C ILE D 415 47.68 -2.16 -0.70
N ASN D 416 47.78 -3.29 -0.01
CA ASN D 416 48.30 -4.52 -0.60
C ASN D 416 49.66 -4.24 -1.22
N LYS D 417 50.61 -3.91 -0.34
CA LYS D 417 51.98 -3.59 -0.71
C LYS D 417 52.66 -4.59 -1.65
N ASP D 418 52.82 -5.81 -1.19
CA ASP D 418 53.47 -6.86 -1.97
C ASP D 418 52.50 -7.44 -2.99
N ASN D 419 51.84 -6.55 -3.74
CA ASN D 419 50.85 -6.91 -4.75
C ASN D 419 50.54 -8.40 -4.83
N VAL D 420 49.99 -8.93 -3.75
CA VAL D 420 49.61 -10.33 -3.66
C VAL D 420 48.53 -10.60 -4.73
N GLN D 421 47.64 -11.55 -4.48
CA GLN D 421 46.57 -11.89 -5.41
C GLN D 421 45.45 -12.51 -4.60
N GLU D 422 45.52 -13.84 -4.44
CA GLU D 422 44.52 -14.52 -3.64
C GLU D 422 45.13 -14.64 -2.24
N ALA D 423 44.29 -14.92 -1.25
CA ALA D 423 44.76 -15.05 0.12
C ALA D 423 43.59 -15.40 1.02
N ALA D 424 43.79 -15.24 2.32
CA ALA D 424 42.74 -15.53 3.28
C ALA D 424 43.19 -15.16 4.67
N ARG D 425 42.36 -14.39 5.34
CA ARG D 425 42.67 -13.95 6.70
C ARG D 425 41.36 -13.65 7.39
N GLU D 426 40.45 -14.62 7.37
CA GLU D 426 39.15 -14.49 8.01
C GLU D 426 39.35 -13.89 9.40
N THR D 427 40.14 -14.57 10.22
CA THR D 427 40.42 -14.11 11.57
C THR D 427 41.00 -12.70 11.59
N ASP D 428 41.29 -12.17 10.40
CA ASP D 428 41.84 -10.82 10.27
C ASP D 428 40.92 -9.91 9.47
N GLY D 429 39.62 -10.15 9.63
CA GLY D 429 38.63 -9.35 8.94
C GLY D 429 38.76 -9.14 7.45
N TYR D 430 39.63 -9.90 6.78
CA TYR D 430 39.74 -9.72 5.34
C TYR D 430 40.06 -10.96 4.53
N PHE D 431 39.91 -10.83 3.23
CA PHE D 431 40.13 -11.91 2.29
C PHE D 431 40.57 -11.24 1.00
N ILE D 432 41.64 -11.74 0.41
CA ILE D 432 42.15 -11.15 -0.83
C ILE D 432 41.94 -12.08 -2.01
N LYS D 433 41.39 -11.52 -3.08
CA LYS D 433 41.12 -12.30 -4.29
C LYS D 433 41.41 -11.36 -5.45
N SER D 434 42.06 -11.89 -6.49
CA SER D 434 42.42 -11.09 -7.66
C SER D 434 43.11 -9.78 -7.23
N GLY D 435 43.93 -9.84 -6.18
CA GLY D 435 44.63 -8.67 -5.71
C GLY D 435 43.72 -7.63 -5.06
N ILE D 436 42.46 -8.00 -4.89
CA ILE D 436 41.47 -7.09 -4.31
C ILE D 436 41.19 -7.45 -2.84
N VAL D 437 41.52 -6.55 -1.93
CA VAL D 437 41.29 -6.77 -0.50
C VAL D 437 39.83 -6.48 -0.19
N THR D 438 39.08 -7.51 0.16
CA THR D 438 37.65 -7.36 0.49
C THR D 438 37.41 -7.55 1.99
N VAL D 439 37.28 -6.46 2.73
CA VAL D 439 37.05 -6.56 4.18
C VAL D 439 35.66 -7.09 4.53
N ILE D 440 35.63 -8.17 5.30
CA ILE D 440 34.38 -8.79 5.72
C ILE D 440 33.44 -7.81 6.43
N LYS D 441 32.14 -8.00 6.22
CA LYS D 441 31.12 -7.18 6.86
C LYS D 441 31.29 -7.26 8.37
N ASP D 442 31.31 -6.11 9.03
CA ASP D 442 31.47 -6.00 10.48
C ASP D 442 32.91 -6.24 10.95
N ALA D 443 33.80 -6.52 10.01
CA ALA D 443 35.19 -6.77 10.33
C ALA D 443 35.73 -5.58 11.08
N LEU D 444 36.42 -5.83 12.19
CA LEU D 444 37.01 -4.77 12.98
C LEU D 444 38.52 -4.80 12.77
N ILE D 445 39.03 -3.84 12.00
CA ILE D 445 40.45 -3.75 11.69
C ILE D 445 41.10 -2.67 12.52
N PRO D 446 41.84 -3.08 13.58
CA PRO D 446 42.53 -2.21 14.52
C PRO D 446 43.40 -1.11 13.94
N SER D 447 43.62 -0.08 14.74
CA SER D 447 44.41 1.08 14.35
C SER D 447 45.85 0.74 14.01
N GLY D 448 46.43 1.54 13.13
CA GLY D 448 47.81 1.34 12.74
C GLY D 448 48.11 0.15 11.85
N ILE D 449 47.27 -0.87 11.87
CA ILE D 449 47.55 -2.04 11.03
C ILE D 449 47.66 -1.66 9.56
N ILE D 450 48.17 -2.60 8.78
CA ILE D 450 48.35 -2.40 7.35
C ILE D 450 47.90 -3.66 6.63
N ILE D 451 47.81 -3.59 5.32
CA ILE D 451 47.41 -4.72 4.49
C ILE D 451 48.03 -4.52 3.12
S SO4 E . -8.67 -24.27 0.13
O1 SO4 E . -7.46 -24.74 0.83
O2 SO4 E . -9.71 -23.90 1.11
O3 SO4 E . -8.34 -23.10 -0.71
O4 SO4 E . -9.21 -25.34 -0.72
S SO4 F . 14.22 -6.29 12.90
O1 SO4 F . 13.97 -4.87 12.60
O2 SO4 F . 15.62 -6.45 13.38
O3 SO4 F . 13.29 -6.73 13.95
O4 SO4 F . 14.03 -7.10 11.68
S SO4 G . -9.37 -17.08 0.38
O1 SO4 G . -10.26 -17.24 1.55
O2 SO4 G . -8.57 -15.85 0.50
O3 SO4 G . -8.46 -18.23 0.32
O4 SO4 G . -10.20 -17.04 -0.86
S SO4 H . -1.78 -31.48 14.71
O1 SO4 H . -1.74 -31.57 16.18
O2 SO4 H . -3.16 -31.66 14.23
O3 SO4 H . -1.31 -30.14 14.29
O4 SO4 H . -0.91 -32.53 14.14
PG ATP I . 3.04 -28.01 23.38
O1G ATP I . 4.32 -27.25 23.51
O2G ATP I . 2.70 -28.28 21.90
O3G ATP I . 3.17 -29.32 24.16
PB ATP I . 0.31 -27.46 24.00
O1B ATP I . -0.36 -26.46 24.86
O2B ATP I . -0.04 -28.91 24.31
O3B ATP I . 1.87 -27.17 24.12
PA ATP I . -0.66 -27.88 21.27
O1A ATP I . -0.33 -29.32 21.43
O2A ATP I . -2.17 -27.64 21.21
O3A ATP I . -0.02 -27.06 22.48
O5' ATP I . 0.11 -27.30 19.99
C5' ATP I . 0.36 -25.92 19.91
C4' ATP I . -0.01 -25.38 18.53
O4' ATP I . 0.97 -25.74 17.60
C3' ATP I . -1.33 -25.92 18.03
O3' ATP I . -2.03 -24.79 17.53
C2' ATP I . -0.93 -26.98 16.99
O2' ATP I . -1.81 -27.27 15.94
C1' ATP I . 0.41 -26.45 16.51
N9 ATP I . 1.55 -27.37 16.19
C8 ATP I . 1.64 -28.68 16.60
N7 ATP I . 2.78 -29.16 16.13
C5 ATP I . 3.46 -28.22 15.43
C6 ATP I . 4.67 -28.12 14.72
N6 ATP I . 5.55 -29.08 14.56
N1 ATP I . 5.02 -26.92 14.11
C2 ATP I . 4.21 -25.81 14.18
N3 ATP I . 3.01 -25.89 14.87
C4 ATP I . 2.66 -27.06 15.47
S SO4 J . -23.23 7.38 3.29
O1 SO4 J . -24.50 7.53 4.02
O2 SO4 J . -23.36 6.19 2.43
O3 SO4 J . -22.92 8.59 2.51
O4 SO4 J . -22.14 7.15 4.25
S SO4 K . 2.98 11.58 -14.59
O1 SO4 K . 4.01 12.61 -14.89
O2 SO4 K . 2.37 11.83 -13.27
O3 SO4 K . 1.93 11.62 -15.63
O4 SO4 K . 3.61 10.24 -14.59
S SO4 L . -18.61 2.22 2.94
O1 SO4 L . -18.13 3.62 2.92
O2 SO4 L . -18.71 1.73 1.55
O3 SO4 L . -17.68 1.39 3.71
O4 SO4 L . -19.94 2.15 3.59
S SO4 M . 8.48 22.52 -8.33
O1 SO4 M . 9.57 22.89 -7.39
O2 SO4 M . 7.17 22.92 -7.78
O3 SO4 M . 8.74 23.22 -9.60
O4 SO4 M . 8.48 21.07 -8.52
S SO4 N . -13.53 9.90 10.65
O1 SO4 N . -14.96 10.23 10.89
O2 SO4 N . -12.73 10.25 11.84
O3 SO4 N . -13.41 8.45 10.39
O4 SO4 N . -13.04 10.64 9.48
S SO4 O . 9.25 15.87 -5.58
O1 SO4 O . 9.52 16.77 -4.45
O2 SO4 O . 10.17 16.18 -6.70
O3 SO4 O . 9.42 14.47 -5.16
O4 SO4 O . 7.85 16.05 -6.03
S SO4 P . 1.83 34.41 3.24
O1 SO4 P . 1.73 34.67 4.69
O2 SO4 P . 1.60 32.98 3.01
O3 SO4 P . 0.83 35.22 2.50
O4 SO4 P . 3.18 34.78 2.77
PG ATP Q . -2.02 34.06 12.71
O1G ATP Q . -3.29 34.78 13.00
O2G ATP Q . -2.18 32.52 12.87
O3G ATP Q . -1.57 34.42 11.29
PB ATP Q . 0.68 34.51 13.47
O1B ATP Q . 1.33 35.17 14.63
O2B ATP Q . 1.10 35.05 12.11
O3B ATP Q . -0.89 34.63 13.71
PA ATP Q . 1.63 31.92 12.55
O1A ATP Q . 2.82 32.57 11.94
O2A ATP Q . 1.98 30.60 13.23
O3A ATP Q . 0.98 32.92 13.60
O5' ATP Q . 0.47 31.74 11.46
C5' ATP Q . 0.70 32.00 10.10
C4' ATP Q . 0.74 30.66 9.39
O4' ATP Q . -0.40 30.55 8.57
C3' ATP Q . 1.95 30.56 8.50
O3' ATP Q . 2.40 29.22 8.59
C2' ATP Q . 1.40 30.97 7.13
O2' ATP Q . 2.09 30.61 5.98
C1' ATP Q . 0.01 30.38 7.20
N9 ATP Q . -1.12 31.04 6.49
C8 ATP Q . -1.27 32.40 6.37
N7 ATP Q . -2.36 32.61 5.69
C5 ATP Q . -2.96 31.44 5.33
C6 ATP Q . -4.11 31.02 4.61
N6 ATP Q . -5.01 31.79 4.01
N1 ATP Q . -4.38 29.65 4.48
C2 ATP Q . -3.53 28.71 5.03
N3 ATP Q . -2.41 29.09 5.73
C4 ATP Q . -2.14 30.43 5.87
S SO4 R . 23.56 -6.20 4.79
O1 SO4 R . 23.27 -7.62 5.04
O2 SO4 R . 24.68 -5.74 5.63
O3 SO4 R . 23.94 -6.02 3.37
O4 SO4 R . 22.38 -5.37 5.08
S SO4 S . 19.03 -1.58 2.78
O1 SO4 S . 18.75 -0.23 2.28
O2 SO4 S . 18.57 -1.70 4.19
O3 SO4 S . 18.29 -2.57 1.95
O4 SO4 S . 20.47 -1.82 2.71
#